data_1WX8
#
_entry.id   1WX8
#
_entity_poly.entity_id   1
_entity_poly.type   'polypeptide(L)'
_entity_poly.pdbx_seq_one_letter_code
;GSSGSSGVSGREPSSRIIRVSVKTPQDCHEFFLAENSNVRRFKKQISKYLHCNADRLVLIFTGKILRDQDILSQRGILDG
STVHVVVRSHSGPSSG
;
_entity_poly.pdbx_strand_id   A
#
# COMPACT_ATOMS: atom_id res chain seq x y z
N GLY A 1 8.52 -0.20 -29.99
CA GLY A 1 9.76 0.22 -29.36
C GLY A 1 9.54 0.57 -27.88
N SER A 2 8.70 1.58 -27.67
CA SER A 2 8.39 2.01 -26.31
C SER A 2 6.89 1.97 -26.08
N SER A 3 6.51 2.02 -24.81
CA SER A 3 5.10 1.99 -24.44
C SER A 3 4.89 2.78 -23.15
N GLY A 4 3.62 3.00 -22.83
CA GLY A 4 3.26 3.73 -21.63
C GLY A 4 1.96 3.19 -21.02
N SER A 5 1.49 3.90 -20.01
CA SER A 5 0.26 3.51 -19.34
C SER A 5 -0.17 4.59 -18.35
N SER A 6 -1.42 5.01 -18.48
CA SER A 6 -1.97 6.05 -17.62
C SER A 6 -3.31 5.59 -17.05
N GLY A 7 -3.77 6.32 -16.03
CA GLY A 7 -5.03 6.00 -15.39
C GLY A 7 -5.07 6.56 -13.96
N VAL A 8 -6.23 6.41 -13.34
CA VAL A 8 -6.42 6.90 -11.98
C VAL A 8 -7.29 5.90 -11.22
N SER A 9 -6.62 5.14 -10.34
CA SER A 9 -7.33 4.15 -9.54
C SER A 9 -8.01 4.83 -8.35
N GLY A 10 -9.34 4.87 -8.42
CA GLY A 10 -10.11 5.48 -7.36
C GLY A 10 -11.42 6.06 -7.91
N ARG A 11 -12.50 5.31 -7.70
CA ARG A 11 -13.80 5.74 -8.16
C ARG A 11 -14.70 6.12 -6.98
N GLU A 12 -14.75 5.20 -6.00
CA GLU A 12 -15.55 5.43 -4.82
C GLU A 12 -15.26 4.34 -3.77
N PRO A 13 -15.54 4.70 -2.49
CA PRO A 13 -15.31 3.77 -1.39
C PRO A 13 -16.39 2.68 -1.37
N SER A 14 -16.04 1.54 -1.93
CA SER A 14 -16.96 0.42 -1.98
C SER A 14 -16.78 -0.46 -0.74
N SER A 15 -15.57 -0.98 -0.59
CA SER A 15 -15.26 -1.83 0.55
C SER A 15 -15.03 -0.97 1.79
N ARG A 16 -14.98 -1.64 2.93
CA ARG A 16 -14.77 -0.96 4.21
C ARG A 16 -13.32 -0.45 4.29
N ILE A 17 -13.20 0.88 4.29
CA ILE A 17 -11.89 1.50 4.37
C ILE A 17 -11.35 1.35 5.80
N ILE A 18 -10.03 1.32 5.90
CA ILE A 18 -9.37 1.18 7.18
C ILE A 18 -8.22 2.20 7.27
N ARG A 19 -7.88 2.53 8.51
CA ARG A 19 -6.80 3.48 8.74
C ARG A 19 -5.47 2.74 8.95
N VAL A 20 -4.66 2.76 7.89
CA VAL A 20 -3.37 2.09 7.94
C VAL A 20 -2.27 3.14 8.12
N SER A 21 -1.58 3.05 9.25
CA SER A 21 -0.50 3.99 9.54
C SER A 21 0.73 3.65 8.71
N VAL A 22 1.02 4.52 7.76
CA VAL A 22 2.17 4.33 6.88
C VAL A 22 3.40 4.96 7.53
N LYS A 23 4.41 4.12 7.74
CA LYS A 23 5.65 4.58 8.35
C LYS A 23 6.69 4.82 7.24
N THR A 24 7.11 6.07 7.14
CA THR A 24 8.10 6.45 6.14
C THR A 24 9.43 6.79 6.81
N PRO A 25 10.52 6.73 6.00
CA PRO A 25 11.85 7.03 6.50
C PRO A 25 12.03 8.54 6.68
N GLN A 26 11.31 9.09 7.64
CA GLN A 26 11.39 10.50 7.93
C GLN A 26 10.25 10.93 8.85
N ASP A 27 9.02 10.74 8.35
CA ASP A 27 7.85 11.10 9.12
C ASP A 27 6.86 9.93 9.09
N CYS A 28 5.65 10.20 9.57
CA CYS A 28 4.62 9.18 9.61
C CYS A 28 3.36 9.76 8.94
N HIS A 29 2.65 8.88 8.25
CA HIS A 29 1.43 9.28 7.57
C HIS A 29 0.37 8.18 7.71
N GLU A 30 -0.88 8.58 7.57
CA GLU A 30 -1.98 7.65 7.68
C GLU A 30 -2.75 7.57 6.36
N PHE A 31 -2.91 6.34 5.89
CA PHE A 31 -3.62 6.11 4.63
C PHE A 31 -4.93 5.37 4.88
N PHE A 32 -5.95 5.76 4.11
CA PHE A 32 -7.25 5.13 4.24
C PHE A 32 -7.70 4.53 2.90
N LEU A 33 -7.57 3.21 2.81
CA LEU A 33 -7.94 2.50 1.61
C LEU A 33 -8.74 1.24 1.98
N ALA A 34 -9.39 0.67 0.99
CA ALA A 34 -10.18 -0.53 1.21
C ALA A 34 -9.32 -1.58 1.90
N GLU A 35 -9.84 -2.09 3.00
CA GLU A 35 -9.14 -3.11 3.77
C GLU A 35 -8.93 -4.37 2.93
N ASN A 36 -9.80 -4.52 1.94
CA ASN A 36 -9.73 -5.68 1.05
C ASN A 36 -9.03 -5.28 -0.24
N SER A 37 -8.03 -4.42 -0.10
CA SER A 37 -7.27 -3.96 -1.24
C SER A 37 -5.91 -4.66 -1.30
N ASN A 38 -5.76 -5.51 -2.30
CA ASN A 38 -4.52 -6.25 -2.48
C ASN A 38 -3.34 -5.34 -2.16
N VAL A 39 -2.27 -5.95 -1.66
CA VAL A 39 -1.07 -5.20 -1.31
C VAL A 39 -0.77 -4.19 -2.41
N ARG A 40 -0.85 -4.65 -3.65
CA ARG A 40 -0.58 -3.81 -4.79
C ARG A 40 -1.35 -2.49 -4.66
N ARG A 41 -2.67 -2.60 -4.76
CA ARG A 41 -3.53 -1.44 -4.65
C ARG A 41 -3.00 -0.48 -3.59
N PHE A 42 -2.86 -1.00 -2.39
CA PHE A 42 -2.36 -0.21 -1.27
C PHE A 42 -1.08 0.53 -1.66
N LYS A 43 -0.21 -0.17 -2.37
CA LYS A 43 1.05 0.41 -2.80
C LYS A 43 0.77 1.61 -3.70
N LYS A 44 -0.02 1.36 -4.73
CA LYS A 44 -0.39 2.41 -5.68
C LYS A 44 -0.74 3.68 -4.90
N GLN A 45 -1.58 3.51 -3.90
CA GLN A 45 -2.00 4.64 -3.08
C GLN A 45 -0.79 5.45 -2.63
N ILE A 46 0.28 4.74 -2.30
CA ILE A 46 1.51 5.38 -1.86
C ILE A 46 2.18 6.06 -3.05
N SER A 47 2.27 5.32 -4.14
CA SER A 47 2.89 5.84 -5.36
C SER A 47 2.20 7.15 -5.77
N LYS A 48 0.93 7.25 -5.41
CA LYS A 48 0.16 8.43 -5.74
C LYS A 48 0.68 9.62 -4.94
N TYR A 49 0.75 9.44 -3.62
CA TYR A 49 1.22 10.48 -2.74
C TYR A 49 2.75 10.60 -2.81
N LEU A 50 3.42 9.56 -2.35
CA LEU A 50 4.87 9.53 -2.35
C LEU A 50 5.38 10.02 -3.71
N HIS A 51 4.54 9.82 -4.71
CA HIS A 51 4.89 10.24 -6.06
C HIS A 51 6.09 9.41 -6.56
N CYS A 52 6.15 8.17 -6.10
CA CYS A 52 7.23 7.28 -6.47
C CYS A 52 6.67 6.26 -7.47
N ASN A 53 7.32 5.10 -7.49
CA ASN A 53 6.91 4.03 -8.38
C ASN A 53 6.48 2.82 -7.55
N ALA A 54 5.29 2.32 -7.86
CA ALA A 54 4.75 1.17 -7.16
C ALA A 54 5.59 -0.07 -7.50
N ASP A 55 6.42 0.08 -8.51
CA ASP A 55 7.28 -1.01 -8.94
C ASP A 55 8.51 -1.08 -8.03
N ARG A 56 8.70 -0.02 -7.26
CA ARG A 56 9.82 0.04 -6.33
C ARG A 56 9.31 0.08 -4.89
N LEU A 57 8.00 0.11 -4.76
CA LEU A 57 7.38 0.14 -3.44
C LEU A 57 7.26 -1.27 -2.90
N VAL A 58 7.48 -1.40 -1.60
CA VAL A 58 7.40 -2.70 -0.94
C VAL A 58 6.50 -2.59 0.29
N LEU A 59 5.59 -3.55 0.41
CA LEU A 59 4.68 -3.57 1.54
C LEU A 59 5.28 -4.41 2.67
N ILE A 60 5.30 -3.82 3.86
CA ILE A 60 5.84 -4.51 5.02
C ILE A 60 4.93 -4.26 6.22
N PHE A 61 4.24 -5.31 6.62
CA PHE A 61 3.33 -5.22 7.76
C PHE A 61 3.81 -6.11 8.92
N THR A 62 4.19 -5.45 10.00
CA THR A 62 4.66 -6.16 11.17
C THR A 62 6.14 -6.54 11.01
N GLY A 63 6.69 -6.16 9.86
CA GLY A 63 8.08 -6.45 9.56
C GLY A 63 8.19 -7.50 8.46
N LYS A 64 7.09 -8.18 8.21
CA LYS A 64 7.04 -9.20 7.19
C LYS A 64 6.56 -8.58 5.87
N ILE A 65 7.35 -8.81 4.83
CA ILE A 65 7.02 -8.28 3.51
C ILE A 65 5.85 -9.07 2.93
N LEU A 66 4.94 -8.34 2.31
CA LEU A 66 3.77 -8.97 1.71
C LEU A 66 3.96 -9.03 0.19
N ARG A 67 2.92 -9.50 -0.49
CA ARG A 67 2.97 -9.62 -1.94
C ARG A 67 1.73 -8.98 -2.56
N ASP A 68 1.95 -8.28 -3.65
CA ASP A 68 0.86 -7.62 -4.36
C ASP A 68 -0.32 -8.58 -4.51
N GLN A 69 0.02 -9.87 -4.52
CA GLN A 69 -0.99 -10.90 -4.66
C GLN A 69 -1.47 -11.35 -3.28
N ASP A 70 -1.52 -10.39 -2.36
CA ASP A 70 -1.97 -10.68 -1.01
C ASP A 70 -2.82 -9.50 -0.49
N ILE A 71 -3.94 -9.85 0.11
CA ILE A 71 -4.84 -8.85 0.65
C ILE A 71 -4.32 -8.38 2.01
N LEU A 72 -4.82 -7.23 2.43
CA LEU A 72 -4.42 -6.66 3.72
C LEU A 72 -4.99 -7.53 4.84
N SER A 73 -6.29 -7.46 5.00
CA SER A 73 -6.97 -8.22 6.03
C SER A 73 -6.44 -9.65 6.07
N GLN A 74 -6.54 -10.32 4.91
CA GLN A 74 -6.07 -11.69 4.79
C GLN A 74 -4.70 -11.83 5.45
N ARG A 75 -3.86 -10.85 5.21
CA ARG A 75 -2.51 -10.86 5.77
C ARG A 75 -2.56 -10.60 7.28
N GLY A 76 -3.48 -9.72 7.66
CA GLY A 76 -3.64 -9.38 9.07
C GLY A 76 -3.90 -7.88 9.24
N ILE A 77 -3.45 -7.12 8.25
CA ILE A 77 -3.63 -5.68 8.28
C ILE A 77 -5.09 -5.36 8.59
N LEU A 78 -5.31 -4.85 9.79
CA LEU A 78 -6.65 -4.49 10.23
C LEU A 78 -6.76 -2.97 10.33
N ASP A 79 -7.82 -2.53 10.99
CA ASP A 79 -8.05 -1.11 11.17
C ASP A 79 -7.15 -0.58 12.29
N GLY A 80 -6.38 0.43 11.95
CA GLY A 80 -5.46 1.04 12.91
C GLY A 80 -4.15 0.24 12.99
N SER A 81 -3.68 -0.17 11.83
CA SER A 81 -2.44 -0.93 11.77
C SER A 81 -1.31 -0.06 11.24
N THR A 82 -0.09 -0.53 11.44
CA THR A 82 1.09 0.19 11.00
C THR A 82 1.84 -0.61 9.92
N VAL A 83 2.03 0.03 8.78
CA VAL A 83 2.73 -0.62 7.68
C VAL A 83 3.91 0.26 7.27
N HIS A 84 5.06 -0.40 7.10
CA HIS A 84 6.27 0.29 6.71
C HIS A 84 6.32 0.41 5.19
N VAL A 85 6.61 1.62 4.73
CA VAL A 85 6.70 1.88 3.30
C VAL A 85 8.17 1.92 2.89
N VAL A 86 8.41 1.55 1.64
CA VAL A 86 9.76 1.55 1.10
C VAL A 86 9.72 2.00 -0.36
N VAL A 87 10.85 2.55 -0.81
CA VAL A 87 10.97 3.03 -2.17
C VAL A 87 12.30 2.56 -2.75
N ARG A 88 12.43 1.26 -2.91
CA ARG A 88 13.64 0.67 -3.45
C ARG A 88 14.18 1.55 -4.59
N SER A 89 15.50 1.51 -4.75
CA SER A 89 16.15 2.28 -5.79
C SER A 89 17.51 1.66 -6.13
N HIS A 90 17.62 1.21 -7.38
CA HIS A 90 18.85 0.60 -7.84
C HIS A 90 19.23 1.19 -9.21
N SER A 91 19.65 2.44 -9.16
CA SER A 91 20.06 3.14 -10.38
C SER A 91 20.53 4.56 -10.05
N GLY A 92 19.66 5.29 -9.37
CA GLY A 92 19.96 6.65 -8.98
C GLY A 92 18.76 7.56 -9.19
N PRO A 93 18.93 8.84 -8.75
CA PRO A 93 17.87 9.82 -8.88
C PRO A 93 17.74 10.30 -10.33
N SER A 94 18.89 10.58 -10.92
CA SER A 94 18.93 11.05 -12.30
C SER A 94 18.86 9.86 -13.25
N SER A 95 18.58 10.17 -14.52
CA SER A 95 18.48 9.14 -15.53
C SER A 95 17.28 8.23 -15.25
N GLY A 96 16.24 8.41 -16.07
CA GLY A 96 15.03 7.63 -15.92
C GLY A 96 13.79 8.51 -16.00
N GLY A 1 -13.28 -10.60 -2.05
CA GLY A 1 -14.34 -11.50 -2.47
C GLY A 1 -15.66 -10.74 -2.69
N SER A 2 -16.67 -11.49 -3.12
CA SER A 2 -17.97 -10.90 -3.37
C SER A 2 -18.56 -10.36 -2.06
N SER A 3 -18.40 -9.07 -1.85
CA SER A 3 -18.91 -8.43 -0.66
C SER A 3 -18.79 -6.91 -0.79
N GLY A 4 -19.87 -6.23 -0.44
CA GLY A 4 -19.91 -4.78 -0.50
C GLY A 4 -20.76 -4.20 0.63
N SER A 5 -20.84 -2.88 0.64
CA SER A 5 -21.62 -2.18 1.66
C SER A 5 -21.72 -0.70 1.31
N SER A 6 -22.94 -0.18 1.38
CA SER A 6 -23.19 1.21 1.09
C SER A 6 -22.84 1.50 -0.38
N GLY A 7 -23.40 2.60 -0.88
CA GLY A 7 -23.15 3.00 -2.26
C GLY A 7 -24.09 4.13 -2.67
N VAL A 8 -23.54 5.34 -2.66
CA VAL A 8 -24.32 6.52 -3.03
C VAL A 8 -23.74 7.12 -4.31
N SER A 9 -24.62 7.35 -5.27
CA SER A 9 -24.23 7.91 -6.55
C SER A 9 -23.02 7.14 -7.11
N GLY A 10 -23.34 6.13 -7.89
CA GLY A 10 -22.30 5.31 -8.50
C GLY A 10 -22.16 3.97 -7.76
N ARG A 11 -22.31 2.89 -8.53
CA ARG A 11 -22.20 1.56 -7.96
C ARG A 11 -20.82 0.97 -8.26
N GLU A 12 -20.01 0.89 -7.20
CA GLU A 12 -18.67 0.35 -7.33
C GLU A 12 -18.32 -0.49 -6.10
N PRO A 13 -17.42 -1.47 -6.31
CA PRO A 13 -16.98 -2.35 -5.23
C PRO A 13 -16.02 -1.62 -4.29
N SER A 14 -16.58 -0.72 -3.50
CA SER A 14 -15.79 0.04 -2.55
C SER A 14 -15.88 -0.60 -1.17
N SER A 15 -15.08 -1.64 -0.97
CA SER A 15 -15.06 -2.34 0.29
C SER A 15 -14.85 -1.34 1.45
N ARG A 16 -15.02 -1.85 2.66
CA ARG A 16 -14.87 -1.02 3.84
C ARG A 16 -13.42 -0.54 3.96
N ILE A 17 -13.29 0.76 4.18
CA ILE A 17 -11.97 1.36 4.32
C ILE A 17 -11.50 1.25 5.77
N ILE A 18 -10.20 1.37 5.95
CA ILE A 18 -9.62 1.28 7.28
C ILE A 18 -8.52 2.33 7.42
N ARG A 19 -7.95 2.40 8.62
CA ARG A 19 -6.89 3.35 8.90
C ARG A 19 -5.55 2.64 9.02
N VAL A 20 -4.75 2.74 7.97
CA VAL A 20 -3.45 2.11 7.94
C VAL A 20 -2.37 3.18 8.09
N SER A 21 -1.58 3.04 9.14
CA SER A 21 -0.49 3.98 9.40
C SER A 21 0.75 3.58 8.62
N VAL A 22 1.06 4.37 7.60
CA VAL A 22 2.22 4.11 6.77
C VAL A 22 3.44 4.82 7.37
N LYS A 23 4.44 4.02 7.70
CA LYS A 23 5.66 4.56 8.28
C LYS A 23 6.71 4.74 7.17
N THR A 24 7.11 5.99 6.98
CA THR A 24 8.09 6.32 5.97
C THR A 24 9.41 6.74 6.62
N PRO A 25 10.51 6.64 5.82
CA PRO A 25 11.82 7.01 6.31
C PRO A 25 11.97 8.54 6.39
N GLN A 26 11.14 9.14 7.23
CA GLN A 26 11.17 10.58 7.40
C GLN A 26 10.05 11.01 8.34
N ASP A 27 8.85 10.54 8.06
CA ASP A 27 7.69 10.88 8.86
C ASP A 27 6.66 9.76 8.75
N CYS A 28 5.46 10.04 9.24
CA CYS A 28 4.37 9.08 9.21
C CYS A 28 3.20 9.70 8.45
N HIS A 29 2.50 8.85 7.71
CA HIS A 29 1.36 9.30 6.94
C HIS A 29 0.28 8.21 6.92
N GLU A 30 -0.77 8.45 7.69
CA GLU A 30 -1.86 7.50 7.77
C GLU A 30 -2.71 7.54 6.50
N PHE A 31 -2.96 6.36 5.96
CA PHE A 31 -3.75 6.25 4.75
C PHE A 31 -5.08 5.55 5.02
N PHE A 32 -5.97 5.64 4.04
CA PHE A 32 -7.28 5.03 4.16
C PHE A 32 -7.70 4.36 2.85
N LEU A 33 -7.56 3.04 2.81
CA LEU A 33 -7.92 2.29 1.62
C LEU A 33 -8.71 1.04 2.04
N ALA A 34 -9.35 0.42 1.06
CA ALA A 34 -10.14 -0.77 1.31
C ALA A 34 -9.32 -1.74 2.16
N GLU A 35 -9.96 -2.24 3.21
CA GLU A 35 -9.31 -3.17 4.10
C GLU A 35 -9.06 -4.51 3.40
N ASN A 36 -9.63 -4.62 2.21
CA ASN A 36 -9.48 -5.82 1.41
C ASN A 36 -8.86 -5.47 0.06
N SER A 37 -7.92 -4.56 0.09
CA SER A 37 -7.25 -4.11 -1.11
C SER A 37 -5.86 -4.76 -1.20
N ASN A 38 -5.69 -5.57 -2.24
CA ASN A 38 -4.42 -6.25 -2.45
C ASN A 38 -3.28 -5.31 -2.10
N VAL A 39 -2.16 -5.90 -1.70
CA VAL A 39 -0.99 -5.13 -1.34
C VAL A 39 -0.71 -4.08 -2.43
N ARG A 40 -0.76 -4.55 -3.67
CA ARG A 40 -0.52 -3.67 -4.80
C ARG A 40 -1.32 -2.38 -4.66
N ARG A 41 -2.63 -2.52 -4.70
CA ARG A 41 -3.52 -1.38 -4.58
C ARG A 41 -2.98 -0.41 -3.52
N PHE A 42 -2.81 -0.93 -2.32
CA PHE A 42 -2.31 -0.12 -1.22
C PHE A 42 -1.07 0.67 -1.64
N LYS A 43 -0.18 -0.01 -2.34
CA LYS A 43 1.04 0.62 -2.81
C LYS A 43 0.69 1.77 -3.75
N LYS A 44 -0.26 1.50 -4.63
CA LYS A 44 -0.70 2.52 -5.59
C LYS A 44 -0.90 3.85 -4.86
N GLN A 45 -1.71 3.79 -3.82
CA GLN A 45 -1.99 4.98 -3.02
C GLN A 45 -0.69 5.67 -2.63
N ILE A 46 0.29 4.87 -2.26
CA ILE A 46 1.58 5.39 -1.85
C ILE A 46 2.30 5.95 -3.08
N SER A 47 2.38 5.12 -4.11
CA SER A 47 3.05 5.52 -5.34
C SER A 47 2.50 6.88 -5.81
N LYS A 48 1.31 7.19 -5.33
CA LYS A 48 0.67 8.45 -5.70
C LYS A 48 1.31 9.59 -4.91
N TYR A 49 1.04 9.59 -3.62
CA TYR A 49 1.58 10.62 -2.74
C TYR A 49 3.10 10.69 -2.86
N LEU A 50 3.73 9.53 -2.69
CA LEU A 50 5.18 9.45 -2.77
C LEU A 50 5.61 9.66 -4.22
N HIS A 51 4.63 9.71 -5.11
CA HIS A 51 4.89 9.90 -6.52
C HIS A 51 6.11 9.07 -6.93
N CYS A 52 6.01 7.77 -6.67
CA CYS A 52 7.09 6.86 -7.01
C CYS A 52 6.50 5.69 -7.81
N ASN A 53 7.35 4.72 -8.09
CA ASN A 53 6.94 3.54 -8.83
C ASN A 53 6.58 2.42 -7.86
N ALA A 54 5.41 1.84 -8.07
CA ALA A 54 4.94 0.76 -7.22
C ALA A 54 5.85 -0.45 -7.41
N ASP A 55 6.61 -0.42 -8.50
CA ASP A 55 7.53 -1.50 -8.81
C ASP A 55 8.73 -1.45 -7.87
N ARG A 56 8.88 -0.29 -7.22
CA ARG A 56 9.98 -0.10 -6.30
C ARG A 56 9.46 -0.03 -4.86
N LEU A 57 8.14 -0.03 -4.74
CA LEU A 57 7.50 0.04 -3.43
C LEU A 57 7.37 -1.37 -2.88
N VAL A 58 7.57 -1.49 -1.57
CA VAL A 58 7.47 -2.77 -0.90
C VAL A 58 6.56 -2.63 0.33
N LEU A 59 5.74 -3.64 0.53
CA LEU A 59 4.81 -3.64 1.66
C LEU A 59 5.40 -4.50 2.79
N ILE A 60 5.45 -3.90 3.97
CA ILE A 60 5.99 -4.59 5.13
C ILE A 60 5.09 -4.29 6.34
N PHE A 61 4.34 -5.31 6.73
CA PHE A 61 3.44 -5.17 7.87
C PHE A 61 3.90 -6.04 9.04
N THR A 62 4.32 -5.38 10.10
CA THR A 62 4.79 -6.08 11.28
C THR A 62 6.25 -6.52 11.10
N GLY A 63 6.77 -6.25 9.91
CA GLY A 63 8.15 -6.62 9.60
C GLY A 63 8.19 -7.74 8.57
N LYS A 64 7.00 -8.17 8.16
CA LYS A 64 6.89 -9.24 7.18
C LYS A 64 6.53 -8.64 5.81
N ILE A 65 7.34 -8.98 4.83
CA ILE A 65 7.11 -8.49 3.47
C ILE A 65 5.87 -9.17 2.89
N LEU A 66 5.00 -8.34 2.34
CA LEU A 66 3.76 -8.83 1.76
C LEU A 66 3.97 -9.02 0.25
N ARG A 67 2.86 -9.29 -0.44
CA ARG A 67 2.91 -9.50 -1.87
C ARG A 67 1.68 -8.86 -2.54
N ASP A 68 1.93 -8.19 -3.65
CA ASP A 68 0.86 -7.54 -4.39
C ASP A 68 -0.32 -8.51 -4.52
N GLN A 69 0.01 -9.80 -4.54
CA GLN A 69 -1.01 -10.83 -4.66
C GLN A 69 -1.49 -11.26 -3.28
N ASP A 70 -1.54 -10.29 -2.38
CA ASP A 70 -1.99 -10.56 -1.02
C ASP A 70 -2.82 -9.37 -0.52
N ILE A 71 -3.91 -9.70 0.17
CA ILE A 71 -4.79 -8.68 0.71
C ILE A 71 -4.28 -8.25 2.08
N LEU A 72 -4.70 -7.06 2.49
CA LEU A 72 -4.30 -6.51 3.77
C LEU A 72 -4.92 -7.36 4.89
N SER A 73 -6.24 -7.22 5.01
CA SER A 73 -6.97 -7.95 6.04
C SER A 73 -6.54 -9.42 6.04
N GLN A 74 -6.64 -10.03 4.87
CA GLN A 74 -6.27 -11.42 4.71
C GLN A 74 -4.90 -11.69 5.35
N ARG A 75 -3.98 -10.78 5.09
CA ARG A 75 -2.64 -10.90 5.63
C ARG A 75 -2.66 -10.68 7.14
N GLY A 76 -3.44 -9.70 7.56
CA GLY A 76 -3.56 -9.40 8.98
C GLY A 76 -3.84 -7.91 9.20
N ILE A 77 -3.31 -7.10 8.28
CA ILE A 77 -3.50 -5.67 8.36
C ILE A 77 -4.97 -5.36 8.64
N LEU A 78 -5.22 -4.86 9.84
CA LEU A 78 -6.57 -4.52 10.25
C LEU A 78 -6.69 -3.01 10.40
N ASP A 79 -7.78 -2.59 11.04
CA ASP A 79 -8.03 -1.18 11.27
C ASP A 79 -7.07 -0.67 12.35
N GLY A 80 -6.35 0.39 12.01
CA GLY A 80 -5.42 0.99 12.95
C GLY A 80 -4.13 0.16 13.04
N SER A 81 -3.62 -0.22 11.88
CA SER A 81 -2.41 -1.01 11.81
C SER A 81 -1.26 -0.17 11.25
N THR A 82 -0.04 -0.61 11.54
CA THR A 82 1.14 0.10 11.07
C THR A 82 1.84 -0.71 9.98
N VAL A 83 2.16 -0.02 8.90
CA VAL A 83 2.83 -0.66 7.77
C VAL A 83 4.00 0.21 7.32
N HIS A 84 5.16 -0.43 7.23
CA HIS A 84 6.37 0.27 6.81
C HIS A 84 6.40 0.37 5.29
N VAL A 85 6.72 1.57 4.81
CA VAL A 85 6.79 1.80 3.38
C VAL A 85 8.26 1.86 2.95
N VAL A 86 8.50 1.45 1.71
CA VAL A 86 9.85 1.44 1.17
C VAL A 86 9.81 1.87 -0.29
N VAL A 87 10.90 2.46 -0.74
CA VAL A 87 11.00 2.93 -2.11
C VAL A 87 12.37 2.53 -2.68
N ARG A 88 12.55 1.23 -2.87
CA ARG A 88 13.79 0.71 -3.39
C ARG A 88 14.31 1.62 -4.51
N SER A 89 15.63 1.79 -4.53
CA SER A 89 16.26 2.63 -5.53
C SER A 89 17.65 2.09 -5.85
N HIS A 90 18.11 2.41 -7.05
CA HIS A 90 19.42 1.98 -7.49
C HIS A 90 19.41 0.46 -7.72
N SER A 91 20.40 0.00 -8.46
CA SER A 91 20.52 -1.42 -8.76
C SER A 91 21.98 -1.85 -8.72
N GLY A 92 22.38 -2.38 -7.58
CA GLY A 92 23.76 -2.83 -7.41
C GLY A 92 24.50 -1.95 -6.40
N PRO A 93 25.82 -1.76 -6.66
CA PRO A 93 26.65 -0.95 -5.79
C PRO A 93 26.37 0.55 -5.99
N SER A 94 26.32 0.94 -7.26
CA SER A 94 26.06 2.33 -7.60
C SER A 94 24.89 2.86 -6.78
N SER A 95 25.21 3.74 -5.85
CA SER A 95 24.20 4.33 -4.98
C SER A 95 24.64 5.72 -4.54
N GLY A 96 23.68 6.65 -4.56
CA GLY A 96 23.96 8.02 -4.17
C GLY A 96 24.65 8.07 -2.81
N GLY A 1 -16.99 -10.60 9.16
CA GLY A 1 -17.94 -9.86 8.35
C GLY A 1 -19.25 -10.66 8.18
N SER A 2 -19.63 -10.83 6.93
CA SER A 2 -20.85 -11.56 6.63
C SER A 2 -20.71 -12.28 5.29
N SER A 3 -20.45 -11.49 4.25
CA SER A 3 -20.28 -12.04 2.91
C SER A 3 -19.92 -10.92 1.93
N GLY A 4 -20.81 -9.94 1.86
CA GLY A 4 -20.61 -8.81 0.96
C GLY A 4 -20.51 -9.27 -0.49
N SER A 5 -19.28 -9.33 -0.99
CA SER A 5 -19.05 -9.74 -2.36
C SER A 5 -19.83 -8.84 -3.32
N SER A 6 -19.22 -7.70 -3.63
CA SER A 6 -19.84 -6.74 -4.53
C SER A 6 -18.77 -5.91 -5.23
N GLY A 7 -19.12 -5.38 -6.39
CA GLY A 7 -18.20 -4.56 -7.15
C GLY A 7 -18.82 -4.15 -8.49
N VAL A 8 -19.30 -2.92 -8.53
CA VAL A 8 -19.92 -2.39 -9.74
C VAL A 8 -19.27 -1.05 -10.09
N SER A 9 -19.09 -0.85 -11.38
CA SER A 9 -18.48 0.38 -11.87
C SER A 9 -19.40 1.56 -11.59
N GLY A 10 -18.78 2.70 -11.30
CA GLY A 10 -19.53 3.91 -11.02
C GLY A 10 -20.59 3.66 -9.94
N ARG A 11 -20.15 3.73 -8.69
CA ARG A 11 -21.05 3.51 -7.57
C ARG A 11 -20.30 3.73 -6.25
N GLU A 12 -21.03 4.26 -5.28
CA GLU A 12 -20.45 4.53 -3.97
C GLU A 12 -19.53 3.38 -3.55
N PRO A 13 -18.50 3.74 -2.72
CA PRO A 13 -17.55 2.76 -2.25
C PRO A 13 -18.17 1.86 -1.17
N SER A 14 -18.17 0.57 -1.45
CA SER A 14 -18.72 -0.39 -0.51
C SER A 14 -17.64 -0.86 0.47
N SER A 15 -16.57 -1.39 -0.10
CA SER A 15 -15.46 -1.87 0.70
C SER A 15 -15.18 -0.90 1.85
N ARG A 16 -15.08 -1.46 3.05
CA ARG A 16 -14.82 -0.65 4.23
C ARG A 16 -13.37 -0.18 4.24
N ILE A 17 -13.21 1.13 4.15
CA ILE A 17 -11.89 1.73 4.14
C ILE A 17 -11.34 1.76 5.57
N ILE A 18 -10.13 1.23 5.72
CA ILE A 18 -9.48 1.18 7.02
C ILE A 18 -8.38 2.24 7.06
N ARG A 19 -7.92 2.52 8.28
CA ARG A 19 -6.87 3.50 8.47
C ARG A 19 -5.55 2.79 8.84
N VAL A 20 -4.68 2.71 7.85
CA VAL A 20 -3.40 2.06 8.05
C VAL A 20 -2.31 3.13 8.19
N SER A 21 -1.55 3.03 9.27
CA SER A 21 -0.49 3.98 9.53
C SER A 21 0.74 3.63 8.70
N VAL A 22 1.01 4.46 7.70
CA VAL A 22 2.15 4.25 6.83
C VAL A 22 3.39 4.91 7.45
N LYS A 23 4.39 4.09 7.71
CA LYS A 23 5.63 4.57 8.30
C LYS A 23 6.67 4.77 7.19
N THR A 24 7.09 6.01 7.03
CA THR A 24 8.07 6.35 6.02
C THR A 24 9.39 6.77 6.67
N PRO A 25 10.49 6.66 5.87
CA PRO A 25 11.81 7.02 6.37
C PRO A 25 11.98 8.54 6.43
N GLN A 26 11.12 9.16 7.23
CA GLN A 26 11.15 10.61 7.38
C GLN A 26 10.05 11.06 8.34
N ASP A 27 8.84 10.62 8.05
CA ASP A 27 7.70 10.97 8.88
C ASP A 27 6.69 9.82 8.86
N CYS A 28 5.55 10.08 9.49
CA CYS A 28 4.49 9.08 9.56
C CYS A 28 3.24 9.66 8.89
N HIS A 29 2.58 8.82 8.12
CA HIS A 29 1.37 9.24 7.42
C HIS A 29 0.35 8.10 7.45
N GLU A 30 -0.90 8.47 7.71
CA GLU A 30 -1.98 7.51 7.77
C GLU A 30 -2.76 7.49 6.46
N PHE A 31 -2.88 6.30 5.89
CA PHE A 31 -3.60 6.14 4.63
C PHE A 31 -4.96 5.46 4.86
N PHE A 32 -5.88 5.75 3.96
CA PHE A 32 -7.21 5.18 4.04
C PHE A 32 -7.62 4.51 2.74
N LEU A 33 -7.52 3.19 2.72
CA LEU A 33 -7.87 2.43 1.54
C LEU A 33 -8.70 1.21 1.95
N ALA A 34 -9.33 0.60 0.96
CA ALA A 34 -10.16 -0.56 1.20
C ALA A 34 -9.39 -1.56 2.06
N GLU A 35 -10.08 -2.10 3.06
CA GLU A 35 -9.48 -3.06 3.96
C GLU A 35 -9.31 -4.41 3.26
N ASN A 36 -9.82 -4.48 2.04
CA ASN A 36 -9.73 -5.69 1.26
C ASN A 36 -9.04 -5.40 -0.07
N SER A 37 -8.15 -4.40 -0.03
CA SER A 37 -7.41 -4.01 -1.22
C SER A 37 -6.05 -4.70 -1.24
N ASN A 38 -5.81 -5.44 -2.32
CA ASN A 38 -4.56 -6.15 -2.47
C ASN A 38 -3.39 -5.20 -2.12
N VAL A 39 -2.28 -5.81 -1.74
CA VAL A 39 -1.10 -5.05 -1.37
C VAL A 39 -0.80 -4.04 -2.49
N ARG A 40 -0.83 -4.52 -3.71
CA ARG A 40 -0.56 -3.68 -4.87
C ARG A 40 -1.33 -2.36 -4.74
N ARG A 41 -2.65 -2.48 -4.79
CA ARG A 41 -3.51 -1.31 -4.69
C ARG A 41 -3.00 -0.37 -3.59
N PHE A 42 -2.86 -0.94 -2.39
CA PHE A 42 -2.38 -0.17 -1.26
C PHE A 42 -1.10 0.59 -1.61
N LYS A 43 -0.24 -0.06 -2.37
CA LYS A 43 1.02 0.54 -2.78
C LYS A 43 0.73 1.73 -3.70
N LYS A 44 -0.18 1.51 -4.64
CA LYS A 44 -0.55 2.55 -5.58
C LYS A 44 -0.90 3.82 -4.81
N GLN A 45 -1.76 3.66 -3.81
CA GLN A 45 -2.19 4.78 -3.01
C GLN A 45 -0.98 5.58 -2.52
N ILE A 46 0.10 4.86 -2.28
CA ILE A 46 1.33 5.48 -1.81
C ILE A 46 2.00 6.20 -2.98
N SER A 47 2.02 5.52 -4.12
CA SER A 47 2.62 6.09 -5.32
C SER A 47 1.94 7.41 -5.68
N LYS A 48 0.74 7.58 -5.14
CA LYS A 48 -0.02 8.79 -5.40
C LYS A 48 0.58 9.95 -4.61
N TYR A 49 0.71 9.73 -3.31
CA TYR A 49 1.28 10.75 -2.44
C TYR A 49 2.80 10.75 -2.51
N LEU A 50 3.39 9.69 -1.98
CA LEU A 50 4.84 9.57 -1.99
C LEU A 50 5.39 10.01 -3.34
N HIS A 51 4.58 9.79 -4.38
CA HIS A 51 4.98 10.17 -5.72
C HIS A 51 6.18 9.35 -6.15
N CYS A 52 6.08 8.04 -5.94
CA CYS A 52 7.15 7.14 -6.30
C CYS A 52 6.58 6.02 -7.16
N ASN A 53 7.47 5.20 -7.70
CA ASN A 53 7.05 4.09 -8.55
C ASN A 53 6.66 2.90 -7.66
N ALA A 54 5.45 2.41 -7.90
CA ALA A 54 4.95 1.28 -7.13
C ALA A 54 5.77 0.04 -7.47
N ASP A 55 6.52 0.14 -8.55
CA ASP A 55 7.35 -0.97 -8.99
C ASP A 55 8.55 -1.10 -8.05
N ARG A 56 8.81 -0.03 -7.31
CA ARG A 56 9.92 -0.01 -6.38
C ARG A 56 9.40 0.07 -4.94
N LEU A 57 8.08 -0.01 -4.82
CA LEU A 57 7.46 0.05 -3.51
C LEU A 57 7.30 -1.37 -2.95
N VAL A 58 7.51 -1.48 -1.65
CA VAL A 58 7.40 -2.76 -0.98
C VAL A 58 6.50 -2.62 0.25
N LEU A 59 5.61 -3.60 0.40
CA LEU A 59 4.69 -3.59 1.52
C LEU A 59 5.24 -4.48 2.63
N ILE A 60 5.28 -3.93 3.83
CA ILE A 60 5.78 -4.66 4.98
C ILE A 60 4.88 -4.39 6.19
N PHE A 61 4.21 -5.43 6.64
CA PHE A 61 3.33 -5.33 7.79
C PHE A 61 3.82 -6.18 8.95
N THR A 62 3.74 -5.60 10.14
CA THR A 62 4.17 -6.30 11.34
C THR A 62 5.59 -6.83 11.16
N GLY A 63 6.29 -6.25 10.21
CA GLY A 63 7.67 -6.66 9.93
C GLY A 63 7.71 -7.75 8.86
N LYS A 64 6.52 -8.25 8.54
CA LYS A 64 6.41 -9.30 7.54
C LYS A 64 6.08 -8.67 6.18
N ILE A 65 6.92 -8.96 5.21
CA ILE A 65 6.73 -8.43 3.87
C ILE A 65 5.53 -9.12 3.22
N LEU A 66 4.85 -8.37 2.37
CA LEU A 66 3.69 -8.90 1.67
C LEU A 66 3.97 -8.95 0.17
N ARG A 67 2.91 -9.21 -0.59
CA ARG A 67 3.04 -9.28 -2.04
C ARG A 67 1.79 -8.69 -2.70
N ASP A 68 2.02 -8.03 -3.82
CA ASP A 68 0.93 -7.40 -4.57
C ASP A 68 -0.22 -8.40 -4.69
N GLN A 69 0.15 -9.68 -4.75
CA GLN A 69 -0.85 -10.73 -4.86
C GLN A 69 -1.28 -11.20 -3.47
N ASP A 70 -1.35 -10.25 -2.56
CA ASP A 70 -1.76 -10.57 -1.19
C ASP A 70 -2.66 -9.44 -0.67
N ILE A 71 -3.65 -9.85 0.12
CA ILE A 71 -4.58 -8.90 0.69
C ILE A 71 -4.07 -8.43 2.05
N LEU A 72 -4.62 -7.31 2.50
CA LEU A 72 -4.22 -6.75 3.78
C LEU A 72 -4.84 -7.56 4.91
N SER A 73 -6.16 -7.45 5.03
CA SER A 73 -6.88 -8.16 6.07
C SER A 73 -6.36 -9.61 6.17
N GLN A 74 -6.37 -10.28 5.02
CA GLN A 74 -5.92 -11.66 4.96
C GLN A 74 -4.62 -11.82 5.76
N ARG A 75 -3.64 -11.00 5.41
CA ARG A 75 -2.35 -11.04 6.08
C ARG A 75 -2.52 -10.71 7.57
N GLY A 76 -3.38 -9.75 7.83
CA GLY A 76 -3.64 -9.33 9.20
C GLY A 76 -3.93 -7.83 9.28
N ILE A 77 -3.35 -7.09 8.34
CA ILE A 77 -3.53 -5.66 8.29
C ILE A 77 -5.00 -5.33 8.60
N LEU A 78 -5.23 -4.81 9.79
CA LEU A 78 -6.57 -4.45 10.21
C LEU A 78 -6.66 -2.92 10.34
N ASP A 79 -7.71 -2.49 11.02
CA ASP A 79 -7.93 -1.06 11.22
C ASP A 79 -6.99 -0.56 12.31
N GLY A 80 -6.31 0.54 12.00
CA GLY A 80 -5.38 1.13 12.95
C GLY A 80 -4.09 0.30 13.04
N SER A 81 -3.62 -0.12 11.87
CA SER A 81 -2.40 -0.91 11.81
C SER A 81 -1.25 -0.06 11.31
N THR A 82 -0.04 -0.55 11.53
CA THR A 82 1.16 0.16 11.11
C THR A 82 1.91 -0.64 10.05
N VAL A 83 2.11 -0.01 8.91
CA VAL A 83 2.82 -0.66 7.81
C VAL A 83 4.00 0.22 7.39
N HIS A 84 5.13 -0.45 7.17
CA HIS A 84 6.34 0.25 6.77
C HIS A 84 6.39 0.35 5.24
N VAL A 85 6.66 1.55 4.77
CA VAL A 85 6.74 1.79 3.34
C VAL A 85 8.21 1.82 2.90
N VAL A 86 8.44 1.41 1.67
CA VAL A 86 9.79 1.37 1.13
C VAL A 86 9.76 1.82 -0.33
N VAL A 87 10.86 2.39 -0.78
CA VAL A 87 10.97 2.86 -2.14
C VAL A 87 12.33 2.45 -2.71
N ARG A 88 12.48 1.14 -2.91
CA ARG A 88 13.72 0.61 -3.45
C ARG A 88 14.28 1.54 -4.53
N SER A 89 15.60 1.60 -4.58
CA SER A 89 16.27 2.44 -5.56
C SER A 89 17.75 2.08 -5.63
N HIS A 90 18.26 2.03 -6.86
CA HIS A 90 19.66 1.69 -7.08
C HIS A 90 20.30 2.75 -7.98
N SER A 91 20.74 3.83 -7.34
CA SER A 91 21.37 4.92 -8.06
C SER A 91 22.90 4.74 -8.05
N GLY A 92 23.39 4.13 -9.12
CA GLY A 92 24.82 3.89 -9.25
C GLY A 92 25.14 2.41 -9.08
N PRO A 93 25.44 1.74 -10.22
CA PRO A 93 25.77 0.33 -10.21
C PRO A 93 27.18 0.10 -9.67
N SER A 94 27.26 -0.67 -8.59
CA SER A 94 28.53 -0.97 -7.96
C SER A 94 29.18 0.32 -7.43
N SER A 95 29.35 0.36 -6.12
CA SER A 95 29.95 1.52 -5.49
C SER A 95 29.06 2.74 -5.67
N GLY A 96 28.04 2.82 -4.83
CA GLY A 96 27.10 3.94 -4.89
C GLY A 96 27.83 5.28 -4.69
N GLY A 1 -17.72 8.74 15.35
CA GLY A 1 -17.22 7.66 16.19
C GLY A 1 -18.15 6.45 16.14
N SER A 2 -17.86 5.49 17.00
CA SER A 2 -18.66 4.28 17.07
C SER A 2 -18.27 3.46 18.31
N SER A 3 -19.10 2.46 18.59
CA SER A 3 -18.85 1.61 19.74
C SER A 3 -19.03 0.14 19.35
N GLY A 4 -17.91 -0.53 19.14
CA GLY A 4 -17.92 -1.93 18.76
C GLY A 4 -17.63 -2.10 17.27
N SER A 5 -16.87 -3.13 16.96
CA SER A 5 -16.50 -3.41 15.58
C SER A 5 -16.69 -4.90 15.29
N SER A 6 -17.94 -5.28 15.08
CA SER A 6 -18.26 -6.68 14.79
C SER A 6 -19.76 -6.80 14.47
N GLY A 7 -20.05 -6.71 13.18
CA GLY A 7 -21.44 -6.82 12.73
C GLY A 7 -21.51 -7.44 11.33
N VAL A 8 -21.69 -8.75 11.30
CA VAL A 8 -21.78 -9.47 10.04
C VAL A 8 -20.67 -8.98 9.10
N SER A 9 -20.80 -9.35 7.85
CA SER A 9 -19.83 -8.96 6.84
C SER A 9 -20.31 -7.70 6.11
N GLY A 10 -19.38 -7.10 5.38
CA GLY A 10 -19.70 -5.90 4.62
C GLY A 10 -20.95 -6.09 3.78
N ARG A 11 -21.55 -4.96 3.40
CA ARG A 11 -22.76 -4.99 2.59
C ARG A 11 -22.69 -3.94 1.49
N GLU A 12 -23.51 -4.14 0.47
CA GLU A 12 -23.55 -3.21 -0.65
C GLU A 12 -22.18 -3.10 -1.30
N PRO A 13 -22.17 -2.55 -2.54
CA PRO A 13 -20.93 -2.38 -3.28
C PRO A 13 -20.10 -1.22 -2.72
N SER A 14 -19.54 -1.45 -1.54
CA SER A 14 -18.73 -0.44 -0.88
C SER A 14 -17.89 -1.07 0.22
N SER A 15 -16.62 -1.27 -0.09
CA SER A 15 -15.70 -1.87 0.87
C SER A 15 -15.53 -0.94 2.08
N ARG A 16 -15.04 -1.52 3.17
CA ARG A 16 -14.82 -0.76 4.38
C ARG A 16 -13.38 -0.25 4.44
N ILE A 17 -13.24 1.05 4.24
CA ILE A 17 -11.93 1.69 4.26
C ILE A 17 -11.37 1.63 5.68
N ILE A 18 -10.09 1.27 5.77
CA ILE A 18 -9.43 1.18 7.06
C ILE A 18 -8.29 2.19 7.11
N ARG A 19 -7.90 2.54 8.33
CA ARG A 19 -6.82 3.49 8.53
C ARG A 19 -5.52 2.76 8.83
N VAL A 20 -4.67 2.68 7.82
CA VAL A 20 -3.38 2.02 7.96
C VAL A 20 -2.28 3.07 8.11
N SER A 21 -1.59 3.00 9.24
CA SER A 21 -0.52 3.93 9.52
C SER A 21 0.71 3.57 8.69
N VAL A 22 1.03 4.44 7.74
CA VAL A 22 2.18 4.23 6.87
C VAL A 22 3.41 4.89 7.49
N LYS A 23 4.41 4.08 7.76
CA LYS A 23 5.64 4.58 8.35
C LYS A 23 6.70 4.75 7.25
N THR A 24 7.13 5.99 7.07
CA THR A 24 8.12 6.30 6.06
C THR A 24 9.45 6.68 6.72
N PRO A 25 10.55 6.54 5.93
CA PRO A 25 11.87 6.86 6.43
C PRO A 25 12.07 8.38 6.49
N GLN A 26 11.24 9.01 7.31
CA GLN A 26 11.32 10.45 7.47
C GLN A 26 10.20 10.94 8.40
N ASP A 27 9.00 10.44 8.13
CA ASP A 27 7.84 10.81 8.93
C ASP A 27 6.82 9.68 8.90
N CYS A 28 5.66 9.95 9.49
CA CYS A 28 4.59 8.96 9.53
C CYS A 28 3.34 9.59 8.91
N HIS A 29 2.64 8.78 8.13
CA HIS A 29 1.43 9.25 7.48
C HIS A 29 0.39 8.12 7.48
N GLU A 30 -0.84 8.50 7.79
CA GLU A 30 -1.94 7.54 7.83
C GLU A 30 -2.72 7.57 6.52
N PHE A 31 -3.03 6.39 6.01
CA PHE A 31 -3.77 6.27 4.77
C PHE A 31 -5.13 5.59 5.00
N PHE A 32 -6.01 5.75 4.04
CA PHE A 32 -7.33 5.17 4.13
C PHE A 32 -7.73 4.52 2.80
N LEU A 33 -7.63 3.19 2.78
CA LEU A 33 -7.98 2.43 1.59
C LEU A 33 -8.81 1.22 1.98
N ALA A 34 -9.44 0.61 0.99
CA ALA A 34 -10.26 -0.56 1.22
C ALA A 34 -9.45 -1.61 1.98
N GLU A 35 -10.04 -2.11 3.05
CA GLU A 35 -9.38 -3.12 3.87
C GLU A 35 -9.17 -4.41 3.06
N ASN A 36 -9.94 -4.52 1.98
CA ASN A 36 -9.86 -5.69 1.12
C ASN A 36 -9.17 -5.30 -0.20
N SER A 37 -8.15 -4.47 -0.06
CA SER A 37 -7.41 -4.02 -1.23
C SER A 37 -6.04 -4.69 -1.27
N ASN A 38 -5.85 -5.53 -2.29
CA ASN A 38 -4.59 -6.23 -2.45
C ASN A 38 -3.43 -5.30 -2.09
N VAL A 39 -2.32 -5.90 -1.70
CA VAL A 39 -1.15 -5.14 -1.32
C VAL A 39 -0.80 -4.17 -2.45
N ARG A 40 -0.83 -4.69 -3.67
CA ARG A 40 -0.53 -3.88 -4.84
C ARG A 40 -1.27 -2.55 -4.77
N ARG A 41 -2.59 -2.64 -4.85
CA ARG A 41 -3.43 -1.45 -4.79
C ARG A 41 -2.94 -0.51 -3.68
N PHE A 42 -2.86 -1.06 -2.48
CA PHE A 42 -2.41 -0.29 -1.34
C PHE A 42 -1.12 0.47 -1.65
N LYS A 43 -0.23 -0.21 -2.37
CA LYS A 43 1.04 0.38 -2.75
C LYS A 43 0.79 1.58 -3.67
N LYS A 44 -0.05 1.35 -4.67
CA LYS A 44 -0.39 2.39 -5.62
C LYS A 44 -0.76 3.66 -4.86
N GLN A 45 -1.66 3.49 -3.91
CA GLN A 45 -2.12 4.63 -3.11
C GLN A 45 -0.92 5.44 -2.62
N ILE A 46 0.14 4.73 -2.29
CA ILE A 46 1.35 5.38 -1.80
C ILE A 46 2.02 6.13 -2.95
N SER A 47 2.13 5.44 -4.08
CA SER A 47 2.74 6.02 -5.26
C SER A 47 2.02 7.31 -5.65
N LYS A 48 0.78 7.41 -5.21
CA LYS A 48 -0.04 8.58 -5.50
C LYS A 48 0.51 9.78 -4.72
N TYR A 49 0.67 9.56 -3.42
CA TYR A 49 1.17 10.61 -2.55
C TYR A 49 2.70 10.69 -2.61
N LEU A 50 3.33 9.62 -2.15
CA LEU A 50 4.79 9.55 -2.15
C LEU A 50 5.32 10.06 -3.49
N HIS A 51 4.49 9.91 -4.51
CA HIS A 51 4.86 10.35 -5.85
C HIS A 51 6.03 9.52 -6.35
N CYS A 52 6.07 8.27 -5.91
CA CYS A 52 7.13 7.36 -6.31
C CYS A 52 6.54 6.30 -7.23
N ASN A 53 7.36 5.32 -7.56
CA ASN A 53 6.93 4.24 -8.44
C ASN A 53 6.51 3.04 -7.59
N ALA A 54 5.29 2.58 -7.84
CA ALA A 54 4.76 1.44 -7.12
C ALA A 54 5.59 0.20 -7.44
N ASP A 55 6.40 0.33 -8.48
CA ASP A 55 7.26 -0.78 -8.91
C ASP A 55 8.45 -0.87 -7.97
N ARG A 56 8.66 0.18 -7.20
CA ARG A 56 9.77 0.23 -6.27
C ARG A 56 9.24 0.21 -4.82
N LEU A 57 7.92 0.26 -4.71
CA LEU A 57 7.28 0.26 -3.41
C LEU A 57 7.16 -1.19 -2.91
N VAL A 58 7.39 -1.35 -1.61
CA VAL A 58 7.32 -2.67 -1.01
C VAL A 58 6.45 -2.59 0.25
N LEU A 59 5.52 -3.54 0.33
CA LEU A 59 4.62 -3.59 1.48
C LEU A 59 5.22 -4.47 2.56
N ILE A 60 5.33 -3.90 3.75
CA ILE A 60 5.89 -4.61 4.89
C ILE A 60 5.06 -4.32 6.13
N PHE A 61 4.29 -5.32 6.55
CA PHE A 61 3.45 -5.19 7.72
C PHE A 61 3.99 -6.01 8.89
N THR A 62 3.99 -5.39 10.06
CA THR A 62 4.48 -6.05 11.25
C THR A 62 5.89 -6.59 11.02
N GLY A 63 6.56 -6.02 10.03
CA GLY A 63 7.91 -6.45 9.70
C GLY A 63 7.89 -7.62 8.71
N LYS A 64 6.68 -8.07 8.41
CA LYS A 64 6.50 -9.18 7.49
C LYS A 64 6.10 -8.64 6.12
N ILE A 65 6.95 -8.90 5.14
CA ILE A 65 6.70 -8.44 3.78
C ILE A 65 5.44 -9.13 3.25
N LEU A 66 4.58 -8.35 2.63
CA LEU A 66 3.35 -8.87 2.06
C LEU A 66 3.56 -9.17 0.58
N ARG A 67 2.45 -9.39 -0.11
CA ARG A 67 2.50 -9.70 -1.53
C ARG A 67 1.33 -9.04 -2.25
N ASP A 68 1.61 -8.54 -3.44
CA ASP A 68 0.59 -7.89 -4.24
C ASP A 68 -0.61 -8.82 -4.39
N GLN A 69 -0.31 -10.11 -4.50
CA GLN A 69 -1.36 -11.11 -4.64
C GLN A 69 -1.95 -11.46 -3.28
N ASP A 70 -1.49 -10.74 -2.26
CA ASP A 70 -1.96 -10.96 -0.91
C ASP A 70 -2.72 -9.71 -0.44
N ILE A 71 -3.87 -9.96 0.18
CA ILE A 71 -4.69 -8.88 0.69
C ILE A 71 -4.13 -8.40 2.02
N LEU A 72 -4.58 -7.22 2.43
CA LEU A 72 -4.14 -6.64 3.69
C LEU A 72 -4.73 -7.44 4.85
N SER A 73 -6.05 -7.30 5.00
CA SER A 73 -6.75 -8.01 6.07
C SER A 73 -6.33 -9.48 6.08
N GLN A 74 -6.55 -10.14 4.96
CA GLN A 74 -6.20 -11.54 4.84
C GLN A 74 -4.83 -11.81 5.46
N ARG A 75 -3.94 -10.84 5.29
CA ARG A 75 -2.60 -10.97 5.83
C ARG A 75 -2.60 -10.67 7.33
N GLY A 76 -3.40 -9.67 7.71
CA GLY A 76 -3.49 -9.28 9.10
C GLY A 76 -3.81 -7.79 9.23
N ILE A 77 -3.29 -7.02 8.28
CA ILE A 77 -3.50 -5.58 8.27
C ILE A 77 -4.97 -5.29 8.60
N LEU A 78 -5.18 -4.76 9.79
CA LEU A 78 -6.52 -4.43 10.23
C LEU A 78 -6.66 -2.91 10.34
N ASP A 79 -7.74 -2.49 10.99
CA ASP A 79 -8.01 -1.07 11.16
C ASP A 79 -7.11 -0.52 12.27
N GLY A 80 -6.40 0.55 11.95
CA GLY A 80 -5.51 1.17 12.91
C GLY A 80 -4.23 0.35 13.07
N SER A 81 -3.67 -0.05 11.94
CA SER A 81 -2.45 -0.84 11.95
C SER A 81 -1.28 0.00 11.44
N THR A 82 -0.08 -0.54 11.60
CA THR A 82 1.12 0.14 11.17
C THR A 82 1.83 -0.66 10.08
N VAL A 83 2.20 0.05 9.01
CA VAL A 83 2.89 -0.59 7.91
C VAL A 83 4.07 0.28 7.48
N HIS A 84 5.19 -0.38 7.21
CA HIS A 84 6.39 0.30 6.79
C HIS A 84 6.42 0.42 5.27
N VAL A 85 6.69 1.63 4.81
CA VAL A 85 6.74 1.90 3.38
C VAL A 85 8.20 1.96 2.93
N VAL A 86 8.42 1.62 1.67
CA VAL A 86 9.76 1.63 1.11
C VAL A 86 9.70 2.11 -0.34
N VAL A 87 10.80 2.71 -0.78
CA VAL A 87 10.88 3.22 -2.14
C VAL A 87 12.25 2.84 -2.73
N ARG A 88 12.42 1.55 -2.95
CA ARG A 88 13.67 1.05 -3.52
C ARG A 88 14.18 2.01 -4.59
N SER A 89 15.47 2.33 -4.48
CA SER A 89 16.09 3.24 -5.43
C SER A 89 17.59 3.37 -5.12
N HIS A 90 18.28 4.06 -6.01
CA HIS A 90 19.71 4.26 -5.84
C HIS A 90 20.08 5.68 -6.29
N SER A 91 20.66 6.42 -5.35
CA SER A 91 21.08 7.79 -5.63
C SER A 91 22.39 8.09 -4.90
N GLY A 92 23.17 8.97 -5.52
CA GLY A 92 24.45 9.36 -4.95
C GLY A 92 25.09 10.48 -5.76
N PRO A 93 25.75 10.07 -6.88
CA PRO A 93 26.41 11.04 -7.75
C PRO A 93 25.39 11.81 -8.59
N SER A 94 25.91 12.73 -9.40
CA SER A 94 25.06 13.53 -10.25
C SER A 94 25.87 14.09 -11.42
N SER A 95 26.92 14.83 -11.08
CA SER A 95 27.78 15.41 -12.09
C SER A 95 29.21 14.92 -11.92
N GLY A 96 29.68 14.18 -12.93
CA GLY A 96 31.02 13.63 -12.89
C GLY A 96 31.79 13.99 -14.17
N GLY A 1 -1.08 -8.00 -21.54
CA GLY A 1 -1.55 -7.01 -20.58
C GLY A 1 -2.72 -6.21 -21.16
N SER A 2 -2.57 -4.89 -21.07
CA SER A 2 -3.60 -3.99 -21.59
C SER A 2 -4.93 -4.23 -20.84
N SER A 3 -5.27 -3.28 -20.00
CA SER A 3 -6.50 -3.37 -19.23
C SER A 3 -6.85 -2.01 -18.63
N GLY A 4 -8.13 -1.81 -18.39
CA GLY A 4 -8.61 -0.57 -17.82
C GLY A 4 -8.05 -0.36 -16.40
N SER A 5 -7.82 0.90 -16.07
CA SER A 5 -7.29 1.24 -14.76
C SER A 5 -8.31 2.08 -13.99
N SER A 6 -8.67 3.21 -14.58
CA SER A 6 -9.63 4.11 -13.97
C SER A 6 -9.08 4.65 -12.65
N GLY A 7 -9.65 5.76 -12.21
CA GLY A 7 -9.22 6.38 -10.96
C GLY A 7 -10.41 6.96 -10.20
N VAL A 8 -10.54 6.52 -8.96
CA VAL A 8 -11.63 6.98 -8.11
C VAL A 8 -12.91 7.06 -8.93
N SER A 9 -13.26 5.93 -9.54
CA SER A 9 -14.46 5.86 -10.35
C SER A 9 -15.51 4.99 -9.66
N GLY A 10 -16.75 5.14 -10.11
CA GLY A 10 -17.85 4.38 -9.56
C GLY A 10 -18.42 5.08 -8.32
N ARG A 11 -19.71 4.84 -8.09
CA ARG A 11 -20.38 5.44 -6.96
C ARG A 11 -20.04 4.67 -5.67
N GLU A 12 -20.10 5.38 -4.56
CA GLU A 12 -19.81 4.78 -3.26
C GLU A 12 -18.39 4.21 -3.26
N PRO A 13 -17.82 4.09 -2.03
CA PRO A 13 -16.49 3.56 -1.87
C PRO A 13 -16.47 2.04 -2.06
N SER A 14 -15.30 1.53 -2.45
CA SER A 14 -15.14 0.12 -2.67
C SER A 14 -14.71 -0.58 -1.37
N SER A 15 -15.58 -1.45 -0.89
CA SER A 15 -15.31 -2.18 0.34
C SER A 15 -15.11 -1.20 1.50
N ARG A 16 -14.93 -1.76 2.68
CA ARG A 16 -14.74 -0.95 3.88
C ARG A 16 -13.29 -0.48 3.97
N ILE A 17 -13.14 0.83 4.16
CA ILE A 17 -11.82 1.41 4.28
C ILE A 17 -11.33 1.31 5.72
N ILE A 18 -10.03 1.36 5.89
CA ILE A 18 -9.43 1.27 7.20
C ILE A 18 -8.25 2.25 7.30
N ARG A 19 -7.97 2.67 8.53
CA ARG A 19 -6.88 3.60 8.76
C ARG A 19 -5.58 2.85 9.03
N VAL A 20 -4.74 2.82 8.01
CA VAL A 20 -3.45 2.14 8.11
C VAL A 20 -2.34 3.17 8.25
N SER A 21 -1.62 3.07 9.36
CA SER A 21 -0.52 3.98 9.63
C SER A 21 0.69 3.61 8.77
N VAL A 22 0.99 4.46 7.80
CA VAL A 22 2.11 4.24 6.91
C VAL A 22 3.36 4.89 7.51
N LYS A 23 4.36 4.05 7.75
CA LYS A 23 5.60 4.52 8.32
C LYS A 23 6.63 4.68 7.20
N THR A 24 7.08 5.93 7.03
CA THR A 24 8.05 6.23 5.99
C THR A 24 9.41 6.56 6.63
N PRO A 25 10.48 6.43 5.80
CA PRO A 25 11.83 6.71 6.27
C PRO A 25 12.06 8.22 6.40
N GLN A 26 11.31 8.83 7.30
CA GLN A 26 11.42 10.26 7.53
C GLN A 26 10.31 10.74 8.46
N ASP A 27 9.08 10.60 7.97
CA ASP A 27 7.92 11.01 8.74
C ASP A 27 6.92 9.86 8.81
N CYS A 28 5.72 10.17 9.27
CA CYS A 28 4.67 9.18 9.40
C CYS A 28 3.42 9.71 8.69
N HIS A 29 2.73 8.81 8.00
CA HIS A 29 1.53 9.17 7.29
C HIS A 29 0.44 8.13 7.55
N GLU A 30 -0.80 8.53 7.28
CA GLU A 30 -1.92 7.64 7.48
C GLU A 30 -2.75 7.53 6.20
N PHE A 31 -2.88 6.31 5.71
CA PHE A 31 -3.64 6.07 4.49
C PHE A 31 -4.96 5.37 4.81
N PHE A 32 -5.93 5.57 3.94
CA PHE A 32 -7.24 4.96 4.11
C PHE A 32 -7.70 4.29 2.82
N LEU A 33 -7.57 2.97 2.78
CA LEU A 33 -7.97 2.20 1.62
C LEU A 33 -8.74 0.95 2.08
N ALA A 34 -9.41 0.33 1.12
CA ALA A 34 -10.18 -0.87 1.42
C ALA A 34 -9.37 -1.78 2.33
N GLU A 35 -10.05 -2.33 3.34
CA GLU A 35 -9.41 -3.22 4.28
C GLU A 35 -9.17 -4.59 3.64
N ASN A 36 -9.86 -4.82 2.53
CA ASN A 36 -9.73 -6.07 1.82
C ASN A 36 -9.09 -5.82 0.45
N SER A 37 -8.28 -4.76 0.40
CA SER A 37 -7.61 -4.41 -0.84
C SER A 37 -6.29 -5.17 -0.95
N ASN A 38 -5.84 -5.32 -2.18
CA ASN A 38 -4.59 -6.02 -2.45
C ASN A 38 -3.41 -5.08 -2.15
N VAL A 39 -2.29 -5.70 -1.80
CA VAL A 39 -1.09 -4.94 -1.50
C VAL A 39 -0.81 -3.95 -2.63
N ARG A 40 -0.91 -4.44 -3.85
CA ARG A 40 -0.68 -3.61 -5.02
C ARG A 40 -1.40 -2.28 -4.88
N ARG A 41 -2.73 -2.36 -4.89
CA ARG A 41 -3.56 -1.18 -4.76
C ARG A 41 -3.04 -0.28 -3.64
N PHE A 42 -2.88 -0.87 -2.47
CA PHE A 42 -2.39 -0.15 -1.31
C PHE A 42 -1.11 0.62 -1.64
N LYS A 43 -0.30 0.00 -2.49
CA LYS A 43 0.95 0.61 -2.90
C LYS A 43 0.66 1.79 -3.82
N LYS A 44 -0.26 1.57 -4.75
CA LYS A 44 -0.63 2.61 -5.69
C LYS A 44 -0.88 3.92 -4.94
N GLN A 45 -1.64 3.81 -3.87
CA GLN A 45 -1.96 4.98 -3.06
C GLN A 45 -0.67 5.68 -2.62
N ILE A 46 0.30 4.87 -2.23
CA ILE A 46 1.58 5.41 -1.78
C ILE A 46 2.29 6.06 -2.96
N SER A 47 2.42 5.29 -4.04
CA SER A 47 3.07 5.79 -5.23
C SER A 47 2.47 7.13 -5.65
N LYS A 48 1.21 7.30 -5.29
CA LYS A 48 0.51 8.53 -5.63
C LYS A 48 1.10 9.69 -4.81
N TYR A 49 1.02 9.55 -3.50
CA TYR A 49 1.54 10.57 -2.60
C TYR A 49 3.07 10.59 -2.63
N LEU A 50 3.66 9.48 -2.21
CA LEU A 50 5.10 9.36 -2.18
C LEU A 50 5.67 9.78 -3.54
N HIS A 51 4.82 9.67 -4.56
CA HIS A 51 5.22 10.04 -5.91
C HIS A 51 6.41 9.18 -6.34
N CYS A 52 6.25 7.88 -6.17
CA CYS A 52 7.30 6.93 -6.54
C CYS A 52 6.69 5.85 -7.41
N ASN A 53 7.50 4.85 -7.72
CA ASN A 53 7.05 3.75 -8.55
C ASN A 53 6.65 2.58 -7.66
N ALA A 54 5.48 2.01 -7.97
CA ALA A 54 4.97 0.88 -7.20
C ALA A 54 5.86 -0.35 -7.45
N ASP A 55 6.71 -0.22 -8.45
CA ASP A 55 7.61 -1.31 -8.81
C ASP A 55 8.76 -1.36 -7.80
N ARG A 56 8.94 -0.25 -7.10
CA ARG A 56 10.00 -0.14 -6.12
C ARG A 56 9.40 -0.07 -4.70
N LEU A 57 8.08 -0.15 -4.65
CA LEU A 57 7.38 -0.10 -3.38
C LEU A 57 7.16 -1.52 -2.86
N VAL A 58 7.40 -1.68 -1.55
CA VAL A 58 7.25 -2.97 -0.92
C VAL A 58 6.38 -2.81 0.33
N LEU A 59 5.46 -3.75 0.51
CA LEU A 59 4.57 -3.72 1.66
C LEU A 59 5.19 -4.55 2.78
N ILE A 60 5.23 -3.95 3.97
CA ILE A 60 5.79 -4.62 5.13
C ILE A 60 4.90 -4.35 6.34
N PHE A 61 4.18 -5.39 6.74
CA PHE A 61 3.29 -5.27 7.89
C PHE A 61 3.80 -6.11 9.06
N THR A 62 4.25 -5.41 10.09
CA THR A 62 4.77 -6.06 11.28
C THR A 62 6.25 -6.41 11.10
N GLY A 63 6.67 -6.44 9.84
CA GLY A 63 8.05 -6.74 9.52
C GLY A 63 8.14 -7.77 8.40
N LYS A 64 7.00 -8.39 8.10
CA LYS A 64 6.93 -9.39 7.06
C LYS A 64 6.49 -8.72 5.75
N ILE A 65 7.33 -8.88 4.74
CA ILE A 65 7.03 -8.30 3.43
C ILE A 65 5.80 -8.99 2.84
N LEU A 66 4.99 -8.19 2.16
CA LEU A 66 3.78 -8.70 1.54
C LEU A 66 3.91 -8.64 0.03
N ARG A 67 2.95 -9.24 -0.65
CA ARG A 67 2.95 -9.26 -2.11
C ARG A 67 1.65 -8.67 -2.65
N ASP A 68 1.74 -8.05 -3.81
CA ASP A 68 0.59 -7.45 -4.44
C ASP A 68 -0.60 -8.41 -4.32
N GLN A 69 -0.39 -9.63 -4.79
CA GLN A 69 -1.43 -10.65 -4.74
C GLN A 69 -1.96 -10.80 -3.32
N ASP A 70 -1.05 -10.62 -2.37
CA ASP A 70 -1.40 -10.75 -0.96
C ASP A 70 -2.27 -9.55 -0.55
N ILE A 71 -3.33 -9.86 0.16
CA ILE A 71 -4.25 -8.83 0.63
C ILE A 71 -3.81 -8.33 2.00
N LEU A 72 -4.34 -7.18 2.38
CA LEU A 72 -4.01 -6.59 3.67
C LEU A 72 -4.69 -7.39 4.78
N SER A 73 -6.01 -7.25 4.85
CA SER A 73 -6.78 -7.95 5.86
C SER A 73 -6.28 -9.39 6.00
N GLN A 74 -6.25 -10.08 4.88
CA GLN A 74 -5.79 -11.46 4.86
C GLN A 74 -4.53 -11.61 5.71
N ARG A 75 -3.50 -10.85 5.35
CA ARG A 75 -2.24 -10.89 6.07
C ARG A 75 -2.47 -10.56 7.55
N GLY A 76 -3.43 -9.68 7.78
CA GLY A 76 -3.75 -9.28 9.14
C GLY A 76 -4.04 -7.77 9.21
N ILE A 77 -3.39 -7.04 8.33
CA ILE A 77 -3.56 -5.60 8.27
C ILE A 77 -5.04 -5.26 8.50
N LEU A 78 -5.32 -4.76 9.69
CA LEU A 78 -6.68 -4.39 10.05
C LEU A 78 -6.75 -2.88 10.27
N ASP A 79 -7.82 -2.46 10.93
CA ASP A 79 -8.02 -1.05 11.23
C ASP A 79 -7.06 -0.63 12.34
N GLY A 80 -6.39 0.49 12.11
CA GLY A 80 -5.46 1.02 13.08
C GLY A 80 -4.17 0.18 13.11
N SER A 81 -3.72 -0.19 11.92
CA SER A 81 -2.51 -0.99 11.79
C SER A 81 -1.38 -0.12 11.25
N THR A 82 -0.15 -0.58 11.52
CA THR A 82 1.03 0.14 11.07
C THR A 82 1.77 -0.67 10.01
N VAL A 83 1.96 -0.04 8.86
CA VAL A 83 2.65 -0.68 7.75
C VAL A 83 3.85 0.17 7.32
N HIS A 84 5.00 -0.47 7.23
CA HIS A 84 6.22 0.22 6.84
C HIS A 84 6.30 0.28 5.31
N VAL A 85 6.54 1.48 4.80
CA VAL A 85 6.65 1.68 3.37
C VAL A 85 8.12 1.78 2.98
N VAL A 86 8.40 1.37 1.75
CA VAL A 86 9.76 1.40 1.24
C VAL A 86 9.74 1.79 -0.23
N VAL A 87 10.84 2.40 -0.66
CA VAL A 87 10.95 2.84 -2.05
C VAL A 87 12.31 2.38 -2.60
N ARG A 88 12.41 1.08 -2.82
CA ARG A 88 13.63 0.51 -3.35
C ARG A 88 14.22 1.41 -4.44
N SER A 89 15.53 1.28 -4.63
CA SER A 89 16.22 2.08 -5.62
C SER A 89 17.45 1.33 -6.14
N HIS A 90 18.30 0.92 -5.21
CA HIS A 90 19.50 0.20 -5.55
C HIS A 90 20.04 -0.54 -4.32
N SER A 91 19.25 -1.51 -3.86
CA SER A 91 19.62 -2.29 -2.70
C SER A 91 20.84 -3.16 -3.02
N GLY A 92 21.91 -2.92 -2.29
CA GLY A 92 23.14 -3.67 -2.49
C GLY A 92 24.30 -3.05 -1.69
N PRO A 93 24.96 -2.04 -2.34
CA PRO A 93 26.08 -1.37 -1.70
C PRO A 93 25.59 -0.40 -0.62
N SER A 94 24.85 -0.95 0.33
CA SER A 94 24.32 -0.16 1.42
C SER A 94 24.19 -1.01 2.68
N SER A 95 25.09 -0.76 3.62
CA SER A 95 25.10 -1.50 4.87
C SER A 95 25.55 -2.94 4.62
N GLY A 96 24.80 -3.63 3.78
CA GLY A 96 25.11 -5.01 3.45
C GLY A 96 24.07 -5.60 2.50
N GLY A 1 5.86 18.09 -23.73
CA GLY A 1 5.30 16.83 -24.18
C GLY A 1 4.54 16.14 -23.06
N SER A 2 3.34 15.67 -23.40
CA SER A 2 2.50 14.98 -22.44
C SER A 2 1.41 14.20 -23.17
N SER A 3 1.36 12.91 -22.88
CA SER A 3 0.37 12.04 -23.50
C SER A 3 -0.31 11.18 -22.43
N GLY A 4 -1.64 11.23 -22.43
CA GLY A 4 -2.42 10.46 -21.47
C GLY A 4 -3.82 11.05 -21.32
N SER A 5 -4.28 11.10 -20.07
CA SER A 5 -5.59 11.63 -19.78
C SER A 5 -5.87 11.57 -18.27
N SER A 6 -6.57 12.58 -17.79
CA SER A 6 -6.89 12.65 -16.37
C SER A 6 -8.39 12.94 -16.20
N GLY A 7 -9.09 11.95 -15.66
CA GLY A 7 -10.51 12.09 -15.43
C GLY A 7 -11.16 10.73 -15.17
N VAL A 8 -11.73 10.16 -16.24
CA VAL A 8 -12.38 8.87 -16.14
C VAL A 8 -13.63 9.00 -15.28
N SER A 9 -13.42 9.17 -13.99
CA SER A 9 -14.52 9.31 -13.05
C SER A 9 -15.46 8.11 -13.17
N GLY A 10 -15.12 7.06 -12.44
CA GLY A 10 -15.92 5.84 -12.45
C GLY A 10 -16.54 5.58 -11.09
N ARG A 11 -17.86 5.38 -11.10
CA ARG A 11 -18.58 5.13 -9.87
C ARG A 11 -18.30 3.70 -9.37
N GLU A 12 -18.43 3.54 -8.06
CA GLU A 12 -18.20 2.25 -7.45
C GLU A 12 -18.59 2.28 -5.97
N PRO A 13 -18.99 1.09 -5.45
CA PRO A 13 -19.40 0.97 -4.06
C PRO A 13 -18.18 1.01 -3.13
N SER A 14 -17.10 0.42 -3.62
CA SER A 14 -15.86 0.37 -2.85
C SER A 14 -16.07 -0.44 -1.57
N SER A 15 -15.01 -1.10 -1.13
CA SER A 15 -15.07 -1.89 0.08
C SER A 15 -14.88 -1.01 1.31
N ARG A 16 -15.01 -1.63 2.47
CA ARG A 16 -14.85 -0.91 3.72
C ARG A 16 -13.41 -0.45 3.89
N ILE A 17 -13.25 0.87 4.02
CA ILE A 17 -11.94 1.45 4.18
C ILE A 17 -11.53 1.37 5.65
N ILE A 18 -10.22 1.42 5.88
CA ILE A 18 -9.69 1.35 7.23
C ILE A 18 -8.60 2.41 7.40
N ARG A 19 -8.01 2.43 8.59
CA ARG A 19 -6.96 3.38 8.89
C ARG A 19 -5.63 2.66 9.11
N VAL A 20 -4.79 2.72 8.10
CA VAL A 20 -3.48 2.07 8.17
C VAL A 20 -2.39 3.14 8.24
N SER A 21 -1.59 3.07 9.29
CA SER A 21 -0.51 4.01 9.50
C SER A 21 0.73 3.56 8.72
N VAL A 22 1.04 4.31 7.68
CA VAL A 22 2.20 4.00 6.86
C VAL A 22 3.43 4.70 7.43
N LYS A 23 4.43 3.90 7.78
CA LYS A 23 5.66 4.44 8.34
C LYS A 23 6.70 4.56 7.22
N THR A 24 7.12 5.79 6.98
CA THR A 24 8.11 6.05 5.95
C THR A 24 9.44 6.47 6.58
N PRO A 25 10.53 6.31 5.80
CA PRO A 25 11.86 6.65 6.26
C PRO A 25 12.05 8.17 6.27
N GLN A 26 11.23 8.84 7.07
CA GLN A 26 11.30 10.29 7.17
C GLN A 26 10.18 10.81 8.07
N ASP A 27 8.96 10.40 7.75
CA ASP A 27 7.81 10.82 8.52
C ASP A 27 6.75 9.71 8.48
N CYS A 28 5.57 10.04 9.00
CA CYS A 28 4.48 9.09 9.02
C CYS A 28 3.29 9.69 8.27
N HIS A 29 2.59 8.84 7.55
CA HIS A 29 1.44 9.28 6.77
C HIS A 29 0.36 8.19 6.80
N GLU A 30 -0.68 8.46 7.56
CA GLU A 30 -1.79 7.52 7.68
C GLU A 30 -2.64 7.54 6.41
N PHE A 31 -2.91 6.35 5.90
CA PHE A 31 -3.72 6.22 4.69
C PHE A 31 -5.04 5.52 4.99
N PHE A 32 -5.95 5.63 4.03
CA PHE A 32 -7.26 5.01 4.18
C PHE A 32 -7.71 4.36 2.87
N LEU A 33 -7.57 3.04 2.82
CA LEU A 33 -7.96 2.29 1.63
C LEU A 33 -8.73 1.04 2.06
N ALA A 34 -9.40 0.44 1.08
CA ALA A 34 -10.17 -0.76 1.34
C ALA A 34 -9.39 -1.67 2.29
N GLU A 35 -10.12 -2.23 3.25
CA GLU A 35 -9.52 -3.12 4.22
C GLU A 35 -9.27 -4.50 3.61
N ASN A 36 -10.00 -4.77 2.53
CA ASN A 36 -9.87 -6.05 1.84
C ASN A 36 -9.24 -5.82 0.48
N SER A 37 -8.44 -4.76 0.40
CA SER A 37 -7.78 -4.41 -0.85
C SER A 37 -6.43 -5.15 -0.94
N ASN A 38 -5.99 -5.36 -2.17
CA ASN A 38 -4.74 -6.05 -2.41
C ASN A 38 -3.57 -5.09 -2.11
N VAL A 39 -2.45 -5.68 -1.73
CA VAL A 39 -1.26 -4.89 -1.43
C VAL A 39 -0.98 -3.93 -2.58
N ARG A 40 -0.97 -4.49 -3.79
CA ARG A 40 -0.71 -3.70 -4.98
C ARG A 40 -1.43 -2.35 -4.88
N ARG A 41 -2.75 -2.42 -4.79
CA ARG A 41 -3.55 -1.22 -4.70
C ARG A 41 -3.00 -0.30 -3.60
N PHE A 42 -2.84 -0.87 -2.42
CA PHE A 42 -2.32 -0.12 -1.30
C PHE A 42 -1.04 0.63 -1.67
N LYS A 43 -0.24 -0.01 -2.53
CA LYS A 43 1.00 0.58 -2.97
C LYS A 43 0.71 1.76 -3.89
N LYS A 44 -0.22 1.55 -4.79
CA LYS A 44 -0.61 2.58 -5.73
C LYS A 44 -0.85 3.89 -4.97
N GLN A 45 -1.64 3.80 -3.92
CA GLN A 45 -1.96 4.95 -3.11
C GLN A 45 -0.67 5.66 -2.67
N ILE A 46 0.30 4.86 -2.25
CA ILE A 46 1.58 5.40 -1.82
C ILE A 46 2.27 6.07 -3.00
N SER A 47 2.41 5.31 -4.08
CA SER A 47 3.06 5.82 -5.27
C SER A 47 2.51 7.21 -5.61
N LYS A 48 1.23 7.38 -5.37
CA LYS A 48 0.57 8.65 -5.64
C LYS A 48 1.30 9.76 -4.89
N TYR A 49 1.15 9.74 -3.58
CA TYR A 49 1.79 10.74 -2.73
C TYR A 49 3.31 10.66 -2.85
N LEU A 50 3.84 9.50 -2.49
CA LEU A 50 5.28 9.29 -2.55
C LEU A 50 5.79 9.68 -3.94
N HIS A 51 4.88 9.68 -4.89
CA HIS A 51 5.22 10.03 -6.26
C HIS A 51 6.39 9.17 -6.73
N CYS A 52 6.25 7.87 -6.54
CA CYS A 52 7.29 6.94 -6.94
C CYS A 52 6.64 5.80 -7.74
N ASN A 53 7.47 4.82 -8.08
CA ASN A 53 6.99 3.69 -8.84
C ASN A 53 6.60 2.55 -7.87
N ALA A 54 5.48 1.92 -8.17
CA ALA A 54 4.98 0.84 -7.33
C ALA A 54 5.90 -0.38 -7.51
N ASP A 55 6.71 -0.33 -8.56
CA ASP A 55 7.63 -1.41 -8.84
C ASP A 55 8.81 -1.35 -7.86
N ARG A 56 8.85 -0.27 -7.10
CA ARG A 56 9.90 -0.08 -6.13
C ARG A 56 9.32 -0.05 -4.71
N LEU A 57 8.00 0.02 -4.65
CA LEU A 57 7.32 0.06 -3.37
C LEU A 57 7.14 -1.36 -2.84
N VAL A 58 7.37 -1.52 -1.55
CA VAL A 58 7.25 -2.81 -0.91
C VAL A 58 6.38 -2.69 0.34
N LEU A 59 5.51 -3.67 0.52
CA LEU A 59 4.62 -3.67 1.66
C LEU A 59 5.22 -4.52 2.78
N ILE A 60 5.30 -3.92 3.96
CA ILE A 60 5.86 -4.61 5.11
C ILE A 60 5.02 -4.32 6.34
N PHE A 61 4.25 -5.32 6.75
CA PHE A 61 3.39 -5.18 7.91
C PHE A 61 3.93 -5.98 9.10
N THR A 62 3.93 -5.33 10.26
CA THR A 62 4.42 -5.96 11.47
C THR A 62 5.81 -6.55 11.24
N GLY A 63 6.51 -5.97 10.27
CA GLY A 63 7.85 -6.44 9.94
C GLY A 63 7.80 -7.68 9.04
N LYS A 64 6.64 -7.87 8.42
CA LYS A 64 6.45 -9.01 7.54
C LYS A 64 6.19 -8.51 6.12
N ILE A 65 7.11 -8.86 5.22
CA ILE A 65 6.99 -8.46 3.83
C ILE A 65 5.73 -9.09 3.22
N LEU A 66 5.01 -8.28 2.48
CA LEU A 66 3.80 -8.74 1.84
C LEU A 66 3.96 -8.66 0.32
N ARG A 67 2.98 -9.22 -0.38
CA ARG A 67 3.00 -9.21 -1.83
C ARG A 67 1.71 -8.62 -2.38
N ASP A 68 1.83 -8.03 -3.57
CA ASP A 68 0.67 -7.41 -4.21
C ASP A 68 -0.52 -8.35 -4.11
N GLN A 69 -0.31 -9.57 -4.60
CA GLN A 69 -1.37 -10.57 -4.57
C GLN A 69 -1.93 -10.72 -3.16
N ASP A 70 -1.04 -10.61 -2.19
CA ASP A 70 -1.43 -10.73 -0.80
C ASP A 70 -2.27 -9.51 -0.40
N ILE A 71 -3.42 -9.78 0.19
CA ILE A 71 -4.31 -8.73 0.63
C ILE A 71 -3.87 -8.22 2.00
N LEU A 72 -4.39 -7.05 2.36
CA LEU A 72 -4.05 -6.45 3.63
C LEU A 72 -4.66 -7.27 4.76
N SER A 73 -5.98 -7.23 4.85
CA SER A 73 -6.69 -7.97 5.87
C SER A 73 -6.12 -9.39 5.98
N GLN A 74 -6.24 -10.12 4.88
CA GLN A 74 -5.74 -11.48 4.83
C GLN A 74 -4.37 -11.57 5.52
N ARG A 75 -3.50 -10.66 5.14
CA ARG A 75 -2.16 -10.63 5.71
C ARG A 75 -2.24 -10.39 7.23
N GLY A 76 -3.09 -9.46 7.61
CA GLY A 76 -3.26 -9.13 9.01
C GLY A 76 -3.60 -7.64 9.19
N ILE A 77 -3.15 -6.85 8.23
CA ILE A 77 -3.40 -5.42 8.27
C ILE A 77 -4.88 -5.17 8.53
N LEU A 78 -5.16 -4.70 9.74
CA LEU A 78 -6.53 -4.42 10.13
C LEU A 78 -6.69 -2.91 10.36
N ASP A 79 -7.80 -2.56 11.00
CA ASP A 79 -8.08 -1.17 11.29
C ASP A 79 -7.19 -0.70 12.44
N GLY A 80 -6.52 0.42 12.22
CA GLY A 80 -5.63 0.98 13.22
C GLY A 80 -4.34 0.17 13.35
N SER A 81 -3.77 -0.14 12.19
CA SER A 81 -2.53 -0.91 12.14
C SER A 81 -1.40 -0.05 11.61
N THR A 82 -0.19 -0.61 11.64
CA THR A 82 0.97 0.09 11.16
C THR A 82 1.73 -0.76 10.14
N VAL A 83 2.07 -0.14 9.02
CA VAL A 83 2.79 -0.82 7.97
C VAL A 83 3.95 0.04 7.50
N HIS A 84 5.12 -0.58 7.40
CA HIS A 84 6.31 0.13 6.97
C HIS A 84 6.33 0.21 5.44
N VAL A 85 6.65 1.40 4.94
CA VAL A 85 6.71 1.61 3.50
C VAL A 85 8.18 1.69 3.07
N VAL A 86 8.39 1.30 1.82
CA VAL A 86 9.73 1.32 1.26
C VAL A 86 9.68 1.79 -0.19
N VAL A 87 10.79 2.37 -0.64
CA VAL A 87 10.87 2.87 -2.00
C VAL A 87 12.23 2.48 -2.60
N ARG A 88 12.40 1.18 -2.80
CA ARG A 88 13.64 0.67 -3.36
C ARG A 88 14.16 1.62 -4.45
N SER A 89 15.47 1.62 -4.61
CA SER A 89 16.11 2.46 -5.60
C SER A 89 17.58 2.07 -5.75
N HIS A 90 18.19 2.62 -6.79
CA HIS A 90 19.60 2.34 -7.07
C HIS A 90 20.36 3.64 -7.26
N SER A 91 19.99 4.34 -8.34
CA SER A 91 20.62 5.61 -8.65
C SER A 91 19.74 6.41 -9.60
N GLY A 92 19.77 7.73 -9.41
CA GLY A 92 18.97 8.62 -10.24
C GLY A 92 18.74 9.96 -9.54
N PRO A 93 18.50 11.01 -10.37
CA PRO A 93 18.26 12.35 -9.84
C PRO A 93 16.87 12.45 -9.23
N SER A 94 15.87 12.22 -10.06
CA SER A 94 14.49 12.28 -9.62
C SER A 94 13.83 10.91 -9.76
N SER A 95 13.90 10.38 -10.98
CA SER A 95 13.30 9.07 -11.26
C SER A 95 11.80 9.12 -11.01
N GLY A 96 11.07 9.59 -12.02
CA GLY A 96 9.63 9.69 -11.92
C GLY A 96 9.03 10.22 -13.22
N GLY A 1 -35.84 -10.88 -2.91
CA GLY A 1 -34.77 -9.93 -3.12
C GLY A 1 -34.51 -9.11 -1.85
N SER A 2 -33.29 -8.59 -1.76
CA SER A 2 -32.91 -7.79 -0.61
C SER A 2 -32.11 -6.57 -1.06
N SER A 3 -31.00 -6.86 -1.74
CA SER A 3 -30.14 -5.79 -2.25
C SER A 3 -29.60 -6.16 -3.63
N GLY A 4 -30.15 -5.50 -4.63
CA GLY A 4 -29.75 -5.74 -6.00
C GLY A 4 -29.39 -4.43 -6.71
N SER A 5 -28.72 -4.57 -7.84
CA SER A 5 -28.30 -3.42 -8.62
C SER A 5 -27.41 -2.51 -7.78
N SER A 6 -26.79 -1.54 -8.46
CA SER A 6 -25.91 -0.61 -7.78
C SER A 6 -26.25 0.82 -8.21
N GLY A 7 -26.04 1.74 -7.28
CA GLY A 7 -26.32 3.15 -7.54
C GLY A 7 -25.13 4.02 -7.15
N VAL A 8 -24.37 4.43 -8.15
CA VAL A 8 -23.21 5.26 -7.92
C VAL A 8 -23.66 6.71 -7.70
N SER A 9 -22.72 7.53 -7.25
CA SER A 9 -23.01 8.94 -6.99
C SER A 9 -21.73 9.66 -6.61
N GLY A 10 -21.32 10.57 -7.48
CA GLY A 10 -20.11 11.35 -7.24
C GLY A 10 -18.90 10.43 -7.04
N ARG A 11 -18.17 10.71 -5.97
CA ARG A 11 -16.98 9.92 -5.66
C ARG A 11 -17.17 9.20 -4.31
N GLU A 12 -17.06 7.88 -4.38
CA GLU A 12 -17.21 7.06 -3.19
C GLU A 12 -15.99 6.16 -3.00
N PRO A 13 -15.78 5.74 -1.72
CA PRO A 13 -14.66 4.87 -1.41
C PRO A 13 -14.91 3.43 -1.88
N SER A 14 -13.84 2.68 -1.99
CA SER A 14 -13.92 1.30 -2.43
C SER A 14 -14.01 0.36 -1.22
N SER A 15 -15.07 -0.43 -1.19
CA SER A 15 -15.27 -1.37 -0.10
C SER A 15 -15.05 -0.67 1.23
N ARG A 16 -14.89 -1.48 2.27
CA ARG A 16 -14.66 -0.96 3.61
C ARG A 16 -13.22 -0.42 3.73
N ILE A 17 -13.15 0.88 3.98
CA ILE A 17 -11.85 1.53 4.11
C ILE A 17 -11.35 1.36 5.55
N ILE A 18 -10.03 1.43 5.69
CA ILE A 18 -9.41 1.28 7.00
C ILE A 18 -8.25 2.27 7.13
N ARG A 19 -7.90 2.57 8.37
CA ARG A 19 -6.82 3.49 8.63
C ARG A 19 -5.51 2.73 8.84
N VAL A 20 -4.68 2.75 7.79
CA VAL A 20 -3.40 2.07 7.85
C VAL A 20 -2.28 3.10 8.00
N SER A 21 -1.62 3.05 9.14
CA SER A 21 -0.53 3.97 9.43
C SER A 21 0.73 3.54 8.67
N VAL A 22 1.07 4.34 7.67
CA VAL A 22 2.25 4.06 6.86
C VAL A 22 3.48 4.72 7.49
N LYS A 23 4.46 3.90 7.81
CA LYS A 23 5.68 4.38 8.41
C LYS A 23 6.74 4.58 7.33
N THR A 24 7.16 5.83 7.18
CA THR A 24 8.16 6.18 6.18
C THR A 24 9.46 6.59 6.86
N PRO A 25 10.57 6.51 6.08
CA PRO A 25 11.89 6.87 6.59
C PRO A 25 12.03 8.38 6.71
N GLN A 26 11.20 8.96 7.55
CA GLN A 26 11.23 10.40 7.76
C GLN A 26 10.12 10.82 8.73
N ASP A 27 8.94 10.27 8.51
CA ASP A 27 7.80 10.56 9.36
C ASP A 27 6.74 9.49 9.19
N CYS A 28 5.54 9.79 9.65
CA CYS A 28 4.43 8.86 9.56
C CYS A 28 3.34 9.49 8.68
N HIS A 29 2.61 8.64 7.99
CA HIS A 29 1.54 9.10 7.12
C HIS A 29 0.38 8.09 7.14
N GLU A 30 -0.74 8.54 7.67
CA GLU A 30 -1.92 7.69 7.76
C GLU A 30 -2.70 7.74 6.45
N PHE A 31 -3.08 6.55 5.98
CA PHE A 31 -3.84 6.45 4.75
C PHE A 31 -5.17 5.75 4.98
N PHE A 32 -6.04 5.85 3.98
CA PHE A 32 -7.36 5.23 4.07
C PHE A 32 -7.75 4.59 2.73
N LEU A 33 -7.61 3.28 2.69
CA LEU A 33 -7.94 2.52 1.50
C LEU A 33 -8.75 1.28 1.88
N ALA A 34 -9.36 0.68 0.87
CA ALA A 34 -10.17 -0.51 1.08
C ALA A 34 -9.36 -1.53 1.91
N GLU A 35 -10.01 -2.05 2.94
CA GLU A 35 -9.37 -3.03 3.80
C GLU A 35 -9.14 -4.34 3.05
N ASN A 36 -9.81 -4.46 1.91
CA ASN A 36 -9.70 -5.66 1.09
C ASN A 36 -9.01 -5.30 -0.23
N SER A 37 -8.02 -4.42 -0.12
CA SER A 37 -7.26 -4.00 -1.29
C SER A 37 -5.90 -4.68 -1.32
N ASN A 38 -5.73 -5.53 -2.32
CA ASN A 38 -4.47 -6.26 -2.48
C ASN A 38 -3.30 -5.33 -2.14
N VAL A 39 -2.22 -5.92 -1.68
CA VAL A 39 -1.04 -5.16 -1.32
C VAL A 39 -0.77 -4.12 -2.40
N ARG A 40 -0.85 -4.58 -3.65
CA ARG A 40 -0.61 -3.70 -4.78
C ARG A 40 -1.43 -2.41 -4.64
N ARG A 41 -2.75 -2.58 -4.69
CA ARG A 41 -3.65 -1.45 -4.57
C ARG A 41 -3.16 -0.48 -3.50
N PHE A 42 -2.97 -1.02 -2.31
CA PHE A 42 -2.49 -0.22 -1.19
C PHE A 42 -1.26 0.60 -1.59
N LYS A 43 -0.36 -0.05 -2.30
CA LYS A 43 0.85 0.60 -2.76
C LYS A 43 0.49 1.76 -3.69
N LYS A 44 -0.40 1.47 -4.62
CA LYS A 44 -0.84 2.48 -5.58
C LYS A 44 -1.06 3.80 -4.85
N GLN A 45 -1.87 3.74 -3.80
CA GLN A 45 -2.17 4.93 -3.01
C GLN A 45 -0.87 5.64 -2.61
N ILE A 46 0.08 4.83 -2.16
CA ILE A 46 1.37 5.36 -1.74
C ILE A 46 2.08 6.00 -2.93
N SER A 47 2.20 5.20 -3.99
CA SER A 47 2.85 5.66 -5.21
C SER A 47 2.36 7.07 -5.56
N LYS A 48 1.08 7.29 -5.31
CA LYS A 48 0.47 8.58 -5.60
C LYS A 48 1.06 9.63 -4.66
N TYR A 49 0.70 9.53 -3.39
CA TYR A 49 1.18 10.46 -2.39
C TYR A 49 2.70 10.57 -2.42
N LEU A 50 3.34 9.46 -2.09
CA LEU A 50 4.80 9.40 -2.08
C LEU A 50 5.33 9.93 -3.41
N HIS A 51 4.49 9.86 -4.43
CA HIS A 51 4.85 10.32 -5.75
C HIS A 51 6.03 9.49 -6.27
N CYS A 52 5.87 8.19 -6.20
CA CYS A 52 6.92 7.28 -6.66
C CYS A 52 6.25 6.15 -7.44
N ASN A 53 7.04 5.12 -7.72
CA ASN A 53 6.55 3.97 -8.46
C ASN A 53 6.27 2.82 -7.49
N ALA A 54 5.08 2.26 -7.62
CA ALA A 54 4.67 1.16 -6.76
C ALA A 54 5.56 -0.06 -7.05
N ASP A 55 6.22 -0.01 -8.19
CA ASP A 55 7.10 -1.10 -8.60
C ASP A 55 8.31 -1.14 -7.67
N ARG A 56 8.64 0.02 -7.12
CA ARG A 56 9.77 0.14 -6.22
C ARG A 56 9.29 0.15 -4.77
N LEU A 57 7.97 0.12 -4.61
CA LEU A 57 7.38 0.13 -3.29
C LEU A 57 7.24 -1.31 -2.78
N VAL A 58 7.48 -1.46 -1.48
CA VAL A 58 7.39 -2.77 -0.85
C VAL A 58 6.53 -2.68 0.40
N LEU A 59 5.57 -3.59 0.49
CA LEU A 59 4.67 -3.63 1.63
C LEU A 59 5.28 -4.49 2.73
N ILE A 60 5.35 -3.91 3.91
CA ILE A 60 5.91 -4.61 5.06
C ILE A 60 5.06 -4.32 6.30
N PHE A 61 4.32 -5.32 6.73
CA PHE A 61 3.47 -5.19 7.89
C PHE A 61 4.06 -5.93 9.09
N THR A 62 4.11 -5.23 10.21
CA THR A 62 4.65 -5.80 11.44
C THR A 62 6.02 -6.41 11.18
N GLY A 63 6.65 -5.96 10.10
CA GLY A 63 7.96 -6.46 9.73
C GLY A 63 7.86 -7.52 8.64
N LYS A 64 6.70 -8.17 8.59
CA LYS A 64 6.48 -9.20 7.60
C LYS A 64 6.15 -8.55 6.26
N ILE A 65 6.92 -8.94 5.24
CA ILE A 65 6.72 -8.41 3.91
C ILE A 65 5.52 -9.08 3.27
N LEU A 66 4.82 -8.31 2.43
CA LEU A 66 3.64 -8.82 1.76
C LEU A 66 3.93 -8.92 0.26
N ARG A 67 2.87 -9.16 -0.50
CA ARG A 67 2.99 -9.27 -1.95
C ARG A 67 1.73 -8.74 -2.63
N ASP A 68 1.95 -8.04 -3.73
CA ASP A 68 0.85 -7.46 -4.47
C ASP A 68 -0.28 -8.49 -4.58
N GLN A 69 0.11 -9.75 -4.68
CA GLN A 69 -0.85 -10.84 -4.78
C GLN A 69 -1.26 -11.31 -3.39
N ASP A 70 -1.44 -10.34 -2.49
CA ASP A 70 -1.83 -10.65 -1.13
C ASP A 70 -2.68 -9.49 -0.58
N ILE A 71 -3.76 -9.87 0.10
CA ILE A 71 -4.67 -8.88 0.66
C ILE A 71 -4.11 -8.41 2.01
N LEU A 72 -4.57 -7.24 2.43
CA LEU A 72 -4.12 -6.65 3.68
C LEU A 72 -4.72 -7.45 4.84
N SER A 73 -6.05 -7.40 4.93
CA SER A 73 -6.75 -8.10 5.99
C SER A 73 -6.24 -9.54 6.09
N GLN A 74 -6.35 -10.25 4.97
CA GLN A 74 -5.91 -11.63 4.92
C GLN A 74 -4.54 -11.79 5.59
N ARG A 75 -3.66 -10.85 5.25
CA ARG A 75 -2.32 -10.86 5.81
C ARG A 75 -2.36 -10.53 7.31
N GLY A 76 -3.35 -9.73 7.67
CA GLY A 76 -3.51 -9.33 9.06
C GLY A 76 -3.81 -7.84 9.17
N ILE A 77 -3.25 -7.08 8.24
CA ILE A 77 -3.45 -5.65 8.23
C ILE A 77 -4.92 -5.33 8.51
N LEU A 78 -5.15 -4.77 9.68
CA LEU A 78 -6.51 -4.42 10.08
C LEU A 78 -6.63 -2.90 10.20
N ASP A 79 -7.73 -2.46 10.80
CA ASP A 79 -7.97 -1.04 10.98
C ASP A 79 -7.05 -0.51 12.08
N GLY A 80 -6.36 0.58 11.76
CA GLY A 80 -5.45 1.19 12.71
C GLY A 80 -4.19 0.35 12.88
N SER A 81 -3.62 -0.05 11.74
CA SER A 81 -2.41 -0.86 11.75
C SER A 81 -1.24 -0.03 11.23
N THR A 82 -0.04 -0.51 11.54
CA THR A 82 1.17 0.16 11.12
C THR A 82 1.89 -0.65 10.05
N VAL A 83 2.12 -0.02 8.90
CA VAL A 83 2.80 -0.67 7.80
C VAL A 83 4.00 0.17 7.37
N HIS A 84 5.13 -0.50 7.22
CA HIS A 84 6.34 0.19 6.81
C HIS A 84 6.36 0.33 5.28
N VAL A 85 6.70 1.53 4.83
CA VAL A 85 6.77 1.81 3.41
C VAL A 85 8.22 1.81 2.95
N VAL A 86 8.42 1.42 1.71
CA VAL A 86 9.76 1.38 1.14
C VAL A 86 9.73 1.94 -0.28
N VAL A 87 10.88 2.43 -0.72
CA VAL A 87 11.00 3.00 -2.05
C VAL A 87 12.31 2.54 -2.68
N ARG A 88 12.41 1.24 -2.88
CA ARG A 88 13.60 0.66 -3.47
C ARG A 88 14.12 1.55 -4.60
N SER A 89 15.41 1.41 -4.88
CA SER A 89 16.04 2.19 -5.93
C SER A 89 17.48 1.73 -6.13
N HIS A 90 17.99 1.97 -7.33
CA HIS A 90 19.35 1.58 -7.68
C HIS A 90 20.18 2.83 -7.96
N SER A 91 20.96 3.22 -6.96
CA SER A 91 21.81 4.40 -7.10
C SER A 91 20.94 5.66 -7.15
N GLY A 92 20.12 5.75 -8.18
CA GLY A 92 19.24 6.89 -8.34
C GLY A 92 18.09 6.57 -9.30
N PRO A 93 16.97 7.31 -9.12
CA PRO A 93 15.79 7.12 -9.95
C PRO A 93 16.01 7.70 -11.35
N SER A 94 15.93 6.83 -12.34
CA SER A 94 16.12 7.25 -13.72
C SER A 94 14.75 7.45 -14.39
N SER A 95 14.59 8.63 -14.98
CA SER A 95 13.35 8.96 -15.66
C SER A 95 13.21 8.13 -16.93
N GLY A 96 11.99 8.10 -17.45
CA GLY A 96 11.72 7.35 -18.67
C GLY A 96 12.14 5.89 -18.52
N GLY A 1 -11.70 -22.45 -16.34
CA GLY A 1 -12.32 -22.40 -15.03
C GLY A 1 -11.54 -23.25 -14.02
N SER A 2 -10.38 -22.74 -13.63
CA SER A 2 -9.54 -23.44 -12.68
C SER A 2 -8.99 -22.46 -11.65
N SER A 3 -9.74 -22.29 -10.57
CA SER A 3 -9.34 -21.38 -9.50
C SER A 3 -9.14 -19.98 -10.06
N GLY A 4 -10.20 -19.18 -9.99
CA GLY A 4 -10.15 -17.82 -10.48
C GLY A 4 -9.02 -17.03 -9.81
N SER A 5 -9.06 -15.72 -10.00
CA SER A 5 -8.05 -14.86 -9.42
C SER A 5 -8.55 -13.40 -9.43
N SER A 6 -8.89 -12.93 -10.62
CA SER A 6 -9.37 -11.57 -10.78
C SER A 6 -10.56 -11.33 -9.85
N GLY A 7 -11.61 -12.13 -10.06
CA GLY A 7 -12.81 -12.02 -9.24
C GLY A 7 -13.66 -10.84 -9.70
N VAL A 8 -13.54 -9.74 -8.97
CA VAL A 8 -14.29 -8.54 -9.28
C VAL A 8 -13.31 -7.39 -9.56
N SER A 9 -13.72 -6.50 -10.45
CA SER A 9 -12.89 -5.36 -10.81
C SER A 9 -13.67 -4.07 -10.54
N GLY A 10 -13.16 -3.30 -9.58
CA GLY A 10 -13.79 -2.04 -9.22
C GLY A 10 -12.77 -0.89 -9.29
N ARG A 11 -13.21 0.27 -8.82
CA ARG A 11 -12.36 1.45 -8.84
C ARG A 11 -12.57 2.26 -7.55
N GLU A 12 -13.80 2.71 -7.36
CA GLU A 12 -14.14 3.50 -6.19
C GLU A 12 -13.98 2.65 -4.93
N PRO A 13 -13.89 3.36 -3.76
CA PRO A 13 -13.74 2.69 -2.48
C PRO A 13 -15.05 2.05 -2.03
N SER A 14 -15.31 0.86 -2.56
CA SER A 14 -16.52 0.14 -2.23
C SER A 14 -16.35 -0.58 -0.88
N SER A 15 -15.31 -1.39 -0.81
CA SER A 15 -15.02 -2.14 0.40
C SER A 15 -14.81 -1.17 1.57
N ARG A 16 -14.94 -1.71 2.78
CA ARG A 16 -14.75 -0.92 3.97
C ARG A 16 -13.32 -0.43 4.07
N ILE A 17 -13.17 0.89 4.26
CA ILE A 17 -11.86 1.48 4.37
C ILE A 17 -11.34 1.31 5.80
N ILE A 18 -10.03 1.41 5.93
CA ILE A 18 -9.40 1.27 7.23
C ILE A 18 -8.24 2.27 7.35
N ARG A 19 -7.88 2.55 8.60
CA ARG A 19 -6.80 3.49 8.86
C ARG A 19 -5.47 2.74 9.04
N VAL A 20 -4.66 2.78 8.00
CA VAL A 20 -3.37 2.11 8.03
C VAL A 20 -2.26 3.15 8.21
N SER A 21 -1.56 3.04 9.34
CA SER A 21 -0.49 3.96 9.64
C SER A 21 0.74 3.62 8.79
N VAL A 22 1.04 4.53 7.87
CA VAL A 22 2.18 4.34 6.98
C VAL A 22 3.42 4.99 7.61
N LYS A 23 4.44 4.18 7.80
CA LYS A 23 5.68 4.65 8.39
C LYS A 23 6.71 4.87 7.28
N THR A 24 7.14 6.12 7.15
CA THR A 24 8.11 6.48 6.14
C THR A 24 9.45 6.81 6.80
N PRO A 25 10.54 6.71 5.97
CA PRO A 25 11.88 7.00 6.45
C PRO A 25 12.09 8.50 6.62
N GLN A 26 11.30 9.09 7.50
CA GLN A 26 11.39 10.52 7.76
C GLN A 26 10.25 10.97 8.68
N ASP A 27 9.04 10.81 8.19
CA ASP A 27 7.85 11.19 8.96
C ASP A 27 6.89 10.00 9.02
N CYS A 28 5.69 10.29 9.49
CA CYS A 28 4.67 9.27 9.60
C CYS A 28 3.40 9.77 8.92
N HIS A 29 2.83 8.90 8.09
CA HIS A 29 1.61 9.25 7.37
C HIS A 29 0.56 8.16 7.59
N GLU A 30 -0.68 8.52 7.32
CA GLU A 30 -1.79 7.60 7.49
C GLU A 30 -2.66 7.58 6.23
N PHE A 31 -2.86 6.39 5.70
CA PHE A 31 -3.67 6.22 4.51
C PHE A 31 -4.96 5.46 4.82
N PHE A 32 -5.99 5.78 4.05
CA PHE A 32 -7.29 5.14 4.24
C PHE A 32 -7.78 4.51 2.92
N LEU A 33 -7.62 3.21 2.83
CA LEU A 33 -8.04 2.48 1.65
C LEU A 33 -8.77 1.20 2.08
N ALA A 34 -9.48 0.61 1.11
CA ALA A 34 -10.21 -0.62 1.37
C ALA A 34 -9.37 -1.53 2.27
N GLU A 35 -10.06 -2.20 3.19
CA GLU A 35 -9.40 -3.10 4.10
C GLU A 35 -9.13 -4.45 3.43
N ASN A 36 -9.67 -4.59 2.23
CA ASN A 36 -9.51 -5.81 1.47
C ASN A 36 -8.76 -5.50 0.17
N SER A 37 -8.35 -4.25 0.05
CA SER A 37 -7.62 -3.82 -1.13
C SER A 37 -6.25 -4.50 -1.19
N ASN A 38 -6.09 -5.35 -2.20
CA ASN A 38 -4.86 -6.08 -2.39
C ASN A 38 -3.68 -5.16 -2.04
N VAL A 39 -2.58 -5.79 -1.64
CA VAL A 39 -1.39 -5.05 -1.27
C VAL A 39 -0.99 -4.13 -2.43
N ARG A 40 -1.06 -4.68 -3.63
CA ARG A 40 -0.71 -3.93 -4.82
C ARG A 40 -1.36 -2.54 -4.79
N ARG A 41 -2.69 -2.55 -4.78
CA ARG A 41 -3.44 -1.31 -4.75
C ARG A 41 -2.88 -0.38 -3.66
N PHE A 42 -2.80 -0.91 -2.46
CA PHE A 42 -2.29 -0.15 -1.34
C PHE A 42 -0.95 0.52 -1.69
N LYS A 43 -0.14 -0.22 -2.43
CA LYS A 43 1.16 0.27 -2.84
C LYS A 43 0.97 1.46 -3.80
N LYS A 44 0.04 1.28 -4.72
CA LYS A 44 -0.24 2.32 -5.70
C LYS A 44 -0.64 3.61 -4.97
N GLN A 45 -1.55 3.46 -4.02
CA GLN A 45 -2.02 4.59 -3.24
C GLN A 45 -0.83 5.44 -2.78
N ILE A 46 0.21 4.76 -2.33
CA ILE A 46 1.40 5.43 -1.85
C ILE A 46 2.07 6.16 -3.02
N SER A 47 2.30 5.41 -4.09
CA SER A 47 2.93 5.97 -5.27
C SER A 47 2.25 7.30 -5.64
N LYS A 48 0.95 7.36 -5.39
CA LYS A 48 0.18 8.55 -5.70
C LYS A 48 0.75 9.73 -4.91
N TYR A 49 0.56 9.69 -3.60
CA TYR A 49 1.04 10.75 -2.73
C TYR A 49 2.57 10.80 -2.74
N LEU A 50 3.17 9.78 -2.14
CA LEU A 50 4.62 9.71 -2.08
C LEU A 50 5.21 10.16 -3.42
N HIS A 51 4.45 9.93 -4.48
CA HIS A 51 4.88 10.29 -5.81
C HIS A 51 6.12 9.49 -6.20
N CYS A 52 6.01 8.17 -6.01
CA CYS A 52 7.11 7.29 -6.34
C CYS A 52 6.57 6.18 -7.25
N ASN A 53 7.43 5.20 -7.51
CA ASN A 53 7.05 4.08 -8.36
C ASN A 53 6.66 2.89 -7.50
N ALA A 54 5.45 2.41 -7.71
CA ALA A 54 4.94 1.27 -6.97
C ALA A 54 5.80 0.04 -7.27
N ASP A 55 6.46 0.08 -8.42
CA ASP A 55 7.31 -1.01 -8.84
C ASP A 55 8.50 -1.12 -7.87
N ARG A 56 8.74 -0.05 -7.15
CA ARG A 56 9.82 -0.01 -6.19
C ARG A 56 9.28 0.05 -4.76
N LEU A 57 7.96 -0.01 -4.67
CA LEU A 57 7.31 0.04 -3.38
C LEU A 57 7.13 -1.38 -2.84
N VAL A 58 7.38 -1.53 -1.55
CA VAL A 58 7.25 -2.83 -0.90
C VAL A 58 6.41 -2.69 0.36
N LEU A 59 5.42 -3.56 0.47
CA LEU A 59 4.52 -3.54 1.62
C LEU A 59 5.15 -4.36 2.76
N ILE A 60 5.18 -3.76 3.93
CA ILE A 60 5.75 -4.41 5.09
C ILE A 60 4.84 -4.16 6.30
N PHE A 61 4.14 -5.21 6.70
CA PHE A 61 3.23 -5.12 7.84
C PHE A 61 3.78 -5.90 9.04
N THR A 62 3.78 -5.24 10.18
CA THR A 62 4.28 -5.85 11.40
C THR A 62 5.67 -6.43 11.18
N GLY A 63 6.33 -5.91 10.16
CA GLY A 63 7.68 -6.37 9.82
C GLY A 63 7.64 -7.44 8.74
N LYS A 64 6.45 -7.94 8.49
CA LYS A 64 6.26 -8.98 7.48
C LYS A 64 6.06 -8.31 6.11
N ILE A 65 6.98 -8.60 5.21
CA ILE A 65 6.93 -8.04 3.87
C ILE A 65 5.84 -8.75 3.08
N LEU A 66 5.00 -7.96 2.42
CA LEU A 66 3.92 -8.51 1.63
C LEU A 66 4.35 -8.56 0.16
N ARG A 67 3.42 -8.98 -0.69
CA ARG A 67 3.69 -9.07 -2.12
C ARG A 67 2.86 -8.02 -2.88
N ASP A 68 1.65 -8.42 -3.23
CA ASP A 68 0.77 -7.53 -3.96
C ASP A 68 -0.57 -8.23 -4.20
N GLN A 69 -0.48 -9.53 -4.46
CA GLN A 69 -1.67 -10.33 -4.72
C GLN A 69 -2.31 -10.76 -3.40
N ASP A 70 -1.70 -10.30 -2.31
CA ASP A 70 -2.20 -10.63 -0.98
C ASP A 70 -3.10 -9.50 -0.48
N ILE A 71 -4.19 -9.88 0.16
CA ILE A 71 -5.13 -8.91 0.69
C ILE A 71 -4.70 -8.51 2.10
N LEU A 72 -4.79 -7.21 2.36
CA LEU A 72 -4.42 -6.68 3.65
C LEU A 72 -4.93 -7.61 4.76
N SER A 73 -6.24 -7.61 4.93
CA SER A 73 -6.87 -8.45 5.94
C SER A 73 -6.32 -9.87 5.84
N GLN A 74 -6.38 -10.42 4.63
CA GLN A 74 -5.90 -11.78 4.40
C GLN A 74 -4.56 -11.98 5.09
N ARG A 75 -3.76 -10.92 5.11
CA ARG A 75 -2.45 -10.98 5.74
C ARG A 75 -2.57 -10.74 7.25
N GLY A 76 -3.35 -9.73 7.60
CA GLY A 76 -3.55 -9.40 8.99
C GLY A 76 -3.85 -7.91 9.17
N ILE A 77 -3.34 -7.13 8.24
CA ILE A 77 -3.53 -5.69 8.27
C ILE A 77 -5.00 -5.38 8.60
N LEU A 78 -5.20 -4.86 9.80
CA LEU A 78 -6.54 -4.53 10.25
C LEU A 78 -6.64 -3.02 10.45
N ASP A 79 -7.72 -2.60 11.09
CA ASP A 79 -7.95 -1.19 11.36
C ASP A 79 -7.00 -0.72 12.45
N GLY A 80 -6.34 0.40 12.19
CA GLY A 80 -5.40 0.97 13.15
C GLY A 80 -4.11 0.15 13.17
N SER A 81 -3.64 -0.20 11.99
CA SER A 81 -2.41 -0.97 11.86
C SER A 81 -1.30 -0.09 11.30
N THR A 82 -0.06 -0.53 11.54
CA THR A 82 1.10 0.20 11.07
C THR A 82 1.84 -0.59 9.99
N VAL A 83 2.05 0.05 8.87
CA VAL A 83 2.74 -0.57 7.76
C VAL A 83 3.93 0.30 7.32
N HIS A 84 5.08 -0.34 7.20
CA HIS A 84 6.29 0.36 6.80
C HIS A 84 6.35 0.46 5.28
N VAL A 85 6.58 1.67 4.80
CA VAL A 85 6.66 1.92 3.37
C VAL A 85 8.13 1.95 2.94
N VAL A 86 8.37 1.55 1.71
CA VAL A 86 9.72 1.54 1.16
C VAL A 86 9.67 1.94 -0.31
N VAL A 87 10.79 2.49 -0.77
CA VAL A 87 10.90 2.92 -2.15
C VAL A 87 12.26 2.52 -2.70
N ARG A 88 12.39 1.22 -2.96
CA ARG A 88 13.64 0.68 -3.49
C ARG A 88 14.22 1.65 -4.52
N SER A 89 15.55 1.62 -4.63
CA SER A 89 16.25 2.48 -5.57
C SER A 89 16.33 3.89 -5.03
N HIS A 90 15.15 4.47 -4.78
CA HIS A 90 15.07 5.81 -4.25
C HIS A 90 15.67 6.80 -5.27
N SER A 91 14.85 7.77 -5.66
CA SER A 91 15.28 8.77 -6.62
C SER A 91 16.09 8.11 -7.74
N GLY A 92 15.38 7.67 -8.77
CA GLY A 92 16.02 7.03 -9.90
C GLY A 92 16.90 8.02 -10.67
N PRO A 93 17.89 7.45 -11.41
CA PRO A 93 18.81 8.27 -12.19
C PRO A 93 18.11 8.81 -13.44
N SER A 94 17.41 9.91 -13.27
CA SER A 94 16.69 10.53 -14.37
C SER A 94 15.90 11.73 -13.87
N SER A 95 14.96 11.45 -12.99
CA SER A 95 14.12 12.50 -12.42
C SER A 95 14.90 13.27 -11.35
N GLY A 96 14.92 14.59 -11.52
CA GLY A 96 15.63 15.45 -10.57
C GLY A 96 16.77 16.20 -11.26
N GLY A 1 -9.34 -20.02 -16.90
CA GLY A 1 -8.03 -19.86 -16.30
C GLY A 1 -7.95 -18.57 -15.49
N SER A 2 -6.97 -18.52 -14.60
CA SER A 2 -6.78 -17.35 -13.75
C SER A 2 -6.26 -16.18 -14.60
N SER A 3 -6.90 -15.03 -14.41
CA SER A 3 -6.52 -13.83 -15.13
C SER A 3 -7.23 -12.61 -14.55
N GLY A 4 -6.71 -11.45 -14.88
CA GLY A 4 -7.28 -10.20 -14.39
C GLY A 4 -6.58 -8.99 -15.01
N SER A 5 -7.09 -8.56 -16.16
CA SER A 5 -6.52 -7.42 -16.85
C SER A 5 -7.43 -7.01 -18.01
N SER A 6 -8.52 -6.33 -17.65
CA SER A 6 -9.47 -5.86 -18.65
C SER A 6 -9.50 -4.33 -18.66
N GLY A 7 -9.82 -3.77 -17.51
CA GLY A 7 -9.89 -2.32 -17.39
C GLY A 7 -10.86 -1.91 -16.27
N VAL A 8 -10.27 -1.50 -15.15
CA VAL A 8 -11.07 -1.08 -14.00
C VAL A 8 -12.04 0.02 -14.44
N SER A 9 -11.50 1.00 -15.16
CA SER A 9 -12.31 2.10 -15.63
C SER A 9 -13.12 2.69 -14.49
N GLY A 10 -12.58 3.75 -13.90
CA GLY A 10 -13.25 4.42 -12.78
C GLY A 10 -12.28 4.63 -11.62
N ARG A 11 -11.88 3.52 -11.02
CA ARG A 11 -10.95 3.57 -9.90
C ARG A 11 -11.54 4.42 -8.77
N GLU A 12 -12.14 3.74 -7.81
CA GLU A 12 -12.75 4.42 -6.68
C GLU A 12 -12.95 3.45 -5.51
N PRO A 13 -12.96 4.01 -4.28
CA PRO A 13 -13.15 3.20 -3.09
C PRO A 13 -14.61 2.78 -2.93
N SER A 14 -14.78 1.57 -2.41
CA SER A 14 -16.12 1.03 -2.21
C SER A 14 -16.15 0.18 -0.94
N SER A 15 -15.25 -0.79 -0.89
CA SER A 15 -15.18 -1.67 0.27
C SER A 15 -14.93 -0.86 1.54
N ARG A 16 -15.03 -1.54 2.67
CA ARG A 16 -14.83 -0.89 3.95
C ARG A 16 -13.37 -0.43 4.09
N ILE A 17 -13.20 0.89 4.17
CA ILE A 17 -11.88 1.47 4.30
C ILE A 17 -11.39 1.30 5.74
N ILE A 18 -10.08 1.33 5.90
CA ILE A 18 -9.48 1.18 7.21
C ILE A 18 -8.36 2.21 7.38
N ARG A 19 -7.95 2.40 8.61
CA ARG A 19 -6.91 3.36 8.93
C ARG A 19 -5.57 2.64 9.10
N VAL A 20 -4.74 2.73 8.07
CA VAL A 20 -3.43 2.10 8.10
C VAL A 20 -2.35 3.17 8.24
N SER A 21 -1.58 3.04 9.31
CA SER A 21 -0.51 3.99 9.57
C SER A 21 0.70 3.66 8.71
N VAL A 22 0.94 4.53 7.73
CA VAL A 22 2.06 4.34 6.82
C VAL A 22 3.31 4.99 7.42
N LYS A 23 4.34 4.18 7.62
CA LYS A 23 5.59 4.66 8.19
C LYS A 23 6.64 4.72 7.09
N THR A 24 7.11 5.94 6.83
CA THR A 24 8.13 6.14 5.79
C THR A 24 9.45 6.54 6.44
N PRO A 25 10.54 6.41 5.64
CA PRO A 25 11.86 6.77 6.11
C PRO A 25 12.05 8.29 6.18
N GLN A 26 10.98 8.99 5.84
CA GLN A 26 11.00 10.44 5.85
C GLN A 26 10.11 10.98 6.97
N ASP A 27 8.86 10.55 6.95
CA ASP A 27 7.91 10.97 7.95
C ASP A 27 6.87 9.86 8.17
N CYS A 28 5.87 10.18 8.99
CA CYS A 28 4.82 9.23 9.29
C CYS A 28 3.50 9.78 8.72
N HIS A 29 2.84 8.94 7.94
CA HIS A 29 1.58 9.32 7.34
C HIS A 29 0.59 8.15 7.43
N GLU A 30 -0.68 8.50 7.51
CA GLU A 30 -1.73 7.50 7.60
C GLU A 30 -2.56 7.48 6.31
N PHE A 31 -2.78 6.27 5.81
CA PHE A 31 -3.55 6.09 4.59
C PHE A 31 -4.84 5.33 4.86
N PHE A 32 -5.86 5.66 4.09
CA PHE A 32 -7.15 5.01 4.24
C PHE A 32 -7.63 4.43 2.91
N LEU A 33 -7.51 3.11 2.78
CA LEU A 33 -7.92 2.43 1.58
C LEU A 33 -8.68 1.16 1.95
N ALA A 34 -9.36 0.60 0.96
CA ALA A 34 -10.13 -0.61 1.17
C ALA A 34 -9.28 -1.63 1.93
N GLU A 35 -9.88 -2.20 2.97
CA GLU A 35 -9.19 -3.18 3.79
C GLU A 35 -9.05 -4.50 3.02
N ASN A 36 -9.78 -4.60 1.93
CA ASN A 36 -9.76 -5.80 1.11
C ASN A 36 -9.10 -5.47 -0.24
N SER A 37 -8.17 -4.53 -0.19
CA SER A 37 -7.46 -4.12 -1.39
C SER A 37 -6.07 -4.77 -1.43
N ASN A 38 -5.85 -5.60 -2.44
CA ASN A 38 -4.58 -6.28 -2.59
C ASN A 38 -3.45 -5.30 -2.23
N VAL A 39 -2.31 -5.89 -1.86
CA VAL A 39 -1.15 -5.09 -1.50
C VAL A 39 -0.87 -4.07 -2.61
N ARG A 40 -0.83 -4.58 -3.83
CA ARG A 40 -0.57 -3.73 -4.98
C ARG A 40 -1.35 -2.42 -4.87
N ARG A 41 -2.65 -2.56 -4.77
CA ARG A 41 -3.52 -1.39 -4.65
C ARG A 41 -3.00 -0.45 -3.55
N PHE A 42 -2.79 -1.02 -2.38
CA PHE A 42 -2.30 -0.25 -1.25
C PHE A 42 -1.05 0.53 -1.63
N LYS A 43 -0.20 -0.11 -2.43
CA LYS A 43 1.04 0.51 -2.88
C LYS A 43 0.71 1.72 -3.76
N LYS A 44 -0.16 1.47 -4.74
CA LYS A 44 -0.56 2.52 -5.65
C LYS A 44 -0.92 3.78 -4.86
N GLN A 45 -1.77 3.59 -3.87
CA GLN A 45 -2.20 4.70 -3.03
C GLN A 45 -0.99 5.47 -2.50
N ILE A 46 0.05 4.70 -2.15
CA ILE A 46 1.27 5.30 -1.64
C ILE A 46 1.97 6.07 -2.75
N SER A 47 2.12 5.40 -3.89
CA SER A 47 2.77 6.01 -5.04
C SER A 47 2.12 7.36 -5.36
N LYS A 48 0.80 7.38 -5.24
CA LYS A 48 0.04 8.60 -5.52
C LYS A 48 0.70 9.77 -4.78
N TYR A 49 0.88 9.59 -3.48
CA TYR A 49 1.49 10.62 -2.65
C TYR A 49 3.02 10.54 -2.72
N LEU A 50 3.55 9.45 -2.22
CA LEU A 50 4.99 9.24 -2.23
C LEU A 50 5.56 9.66 -3.59
N HIS A 51 4.71 9.57 -4.60
CA HIS A 51 5.12 9.93 -5.94
C HIS A 51 6.36 9.13 -6.35
N CYS A 52 6.43 7.92 -5.81
CA CYS A 52 7.57 7.05 -6.10
C CYS A 52 7.03 5.78 -6.77
N ASN A 53 7.70 5.40 -7.85
CA ASN A 53 7.31 4.21 -8.59
C ASN A 53 6.91 3.11 -7.60
N ALA A 54 5.74 2.54 -7.85
CA ALA A 54 5.24 1.47 -6.99
C ALA A 54 6.07 0.22 -7.22
N ASP A 55 6.70 0.14 -8.39
CA ASP A 55 7.52 -1.00 -8.72
C ASP A 55 8.69 -1.09 -7.74
N ARG A 56 8.97 0.03 -7.10
CA ARG A 56 10.05 0.08 -6.13
C ARG A 56 9.49 0.15 -4.72
N LEU A 57 8.18 0.07 -4.62
CA LEU A 57 7.50 0.12 -3.33
C LEU A 57 7.37 -1.29 -2.78
N VAL A 58 7.52 -1.40 -1.47
CA VAL A 58 7.43 -2.69 -0.80
C VAL A 58 6.47 -2.56 0.39
N LEU A 59 5.70 -3.62 0.60
CA LEU A 59 4.74 -3.65 1.69
C LEU A 59 5.29 -4.54 2.81
N ILE A 60 5.36 -3.96 4.00
CA ILE A 60 5.86 -4.68 5.16
C ILE A 60 4.98 -4.35 6.37
N PHE A 61 4.35 -5.39 6.91
CA PHE A 61 3.49 -5.22 8.07
C PHE A 61 4.00 -6.03 9.26
N THR A 62 4.39 -5.31 10.30
CA THR A 62 4.89 -5.96 11.50
C THR A 62 6.39 -6.26 11.35
N GLY A 63 6.74 -6.71 10.15
CA GLY A 63 8.13 -7.05 9.87
C GLY A 63 8.24 -7.91 8.61
N LYS A 64 7.17 -8.64 8.33
CA LYS A 64 7.13 -9.51 7.17
C LYS A 64 6.64 -8.70 5.97
N ILE A 65 7.17 -9.06 4.80
CA ILE A 65 6.79 -8.39 3.57
C ILE A 65 5.58 -9.10 2.95
N LEU A 66 4.80 -8.33 2.20
CA LEU A 66 3.62 -8.88 1.56
C LEU A 66 3.88 -8.99 0.05
N ARG A 67 2.82 -9.31 -0.68
CA ARG A 67 2.92 -9.46 -2.11
C ARG A 67 1.68 -8.85 -2.80
N ASP A 68 1.93 -8.21 -3.93
CA ASP A 68 0.85 -7.59 -4.68
C ASP A 68 -0.33 -8.57 -4.78
N GLN A 69 0.01 -9.84 -4.77
CA GLN A 69 -1.00 -10.88 -4.87
C GLN A 69 -1.44 -11.32 -3.48
N ASP A 70 -1.58 -10.34 -2.60
CA ASP A 70 -2.00 -10.61 -1.24
C ASP A 70 -2.87 -9.46 -0.73
N ILE A 71 -3.87 -9.81 0.06
CA ILE A 71 -4.79 -8.82 0.61
C ILE A 71 -4.25 -8.33 1.94
N LEU A 72 -4.75 -7.18 2.37
CA LEU A 72 -4.33 -6.60 3.63
C LEU A 72 -4.90 -7.43 4.78
N SER A 73 -6.21 -7.34 4.94
CA SER A 73 -6.88 -8.09 6.00
C SER A 73 -6.39 -9.53 6.02
N GLN A 74 -6.55 -10.19 4.88
CA GLN A 74 -6.12 -11.57 4.75
C GLN A 74 -4.74 -11.77 5.36
N ARG A 75 -3.86 -10.83 5.04
CA ARG A 75 -2.49 -10.88 5.55
C ARG A 75 -2.48 -10.65 7.06
N GLY A 76 -3.23 -9.65 7.48
CA GLY A 76 -3.31 -9.31 8.90
C GLY A 76 -3.65 -7.83 9.10
N ILE A 77 -3.23 -7.03 8.12
CA ILE A 77 -3.47 -5.60 8.18
C ILE A 77 -4.95 -5.35 8.49
N LEU A 78 -5.19 -4.85 9.68
CA LEU A 78 -6.55 -4.55 10.12
C LEU A 78 -6.72 -3.04 10.29
N ASP A 79 -7.82 -2.67 10.92
CA ASP A 79 -8.11 -1.27 11.15
C ASP A 79 -7.22 -0.74 12.28
N GLY A 80 -6.50 0.32 11.98
CA GLY A 80 -5.60 0.91 12.96
C GLY A 80 -4.30 0.13 13.08
N SER A 81 -3.73 -0.18 11.91
CA SER A 81 -2.48 -0.92 11.87
C SER A 81 -1.36 -0.03 11.34
N THR A 82 -0.14 -0.53 11.47
CA THR A 82 1.03 0.21 11.01
C THR A 82 1.79 -0.60 9.96
N VAL A 83 1.96 0.03 8.80
CA VAL A 83 2.66 -0.62 7.69
C VAL A 83 3.85 0.26 7.28
N HIS A 84 5.00 -0.38 7.21
CA HIS A 84 6.22 0.31 6.82
C HIS A 84 6.31 0.39 5.30
N VAL A 85 6.57 1.60 4.81
CA VAL A 85 6.68 1.82 3.38
C VAL A 85 8.15 1.87 2.99
N VAL A 86 8.41 1.54 1.74
CA VAL A 86 9.77 1.55 1.23
C VAL A 86 9.77 2.03 -0.23
N VAL A 87 10.90 2.60 -0.64
CA VAL A 87 11.03 3.10 -1.99
C VAL A 87 12.36 2.63 -2.57
N ARG A 88 12.45 1.33 -2.78
CA ARG A 88 13.66 0.74 -3.34
C ARG A 88 14.25 1.66 -4.41
N SER A 89 15.55 1.51 -4.62
CA SER A 89 16.24 2.31 -5.63
C SER A 89 17.56 1.64 -6.01
N HIS A 90 18.00 1.92 -7.23
CA HIS A 90 19.24 1.35 -7.72
C HIS A 90 19.70 2.13 -8.96
N SER A 91 20.75 2.92 -8.76
CA SER A 91 21.29 3.71 -9.85
C SER A 91 20.16 4.37 -10.64
N GLY A 92 19.67 5.48 -10.10
CA GLY A 92 18.60 6.20 -10.74
C GLY A 92 18.72 7.71 -10.48
N PRO A 93 19.32 8.41 -11.49
CA PRO A 93 19.52 9.85 -11.39
C PRO A 93 18.20 10.59 -11.60
N SER A 94 17.50 10.21 -12.66
CA SER A 94 16.23 10.83 -12.99
C SER A 94 15.12 9.78 -13.01
N SER A 95 15.29 8.79 -13.89
CA SER A 95 14.33 7.72 -14.02
C SER A 95 14.82 6.69 -15.04
N GLY A 96 15.30 5.58 -14.52
CA GLY A 96 15.80 4.51 -15.37
C GLY A 96 14.71 3.97 -16.29
N GLY A 1 -23.76 -7.51 -6.20
CA GLY A 1 -23.95 -8.93 -5.97
C GLY A 1 -22.63 -9.62 -5.63
N SER A 2 -22.53 -10.88 -6.03
CA SER A 2 -21.33 -11.65 -5.79
C SER A 2 -20.22 -11.21 -6.74
N SER A 3 -19.20 -10.59 -6.15
CA SER A 3 -18.07 -10.12 -6.94
C SER A 3 -18.54 -9.10 -7.97
N GLY A 4 -18.03 -7.88 -7.85
CA GLY A 4 -18.39 -6.82 -8.77
C GLY A 4 -17.28 -6.58 -9.79
N SER A 5 -17.64 -6.71 -11.06
CA SER A 5 -16.70 -6.51 -12.14
C SER A 5 -16.57 -5.02 -12.47
N SER A 6 -17.72 -4.42 -12.78
CA SER A 6 -17.74 -3.01 -13.12
C SER A 6 -18.75 -2.28 -12.22
N GLY A 7 -18.43 -1.03 -11.91
CA GLY A 7 -19.28 -0.22 -11.07
C GLY A 7 -18.83 1.24 -11.07
N VAL A 8 -19.23 1.95 -12.12
CA VAL A 8 -18.87 3.35 -12.25
C VAL A 8 -20.07 4.22 -11.85
N SER A 9 -19.78 5.26 -11.10
CA SER A 9 -20.81 6.17 -10.65
C SER A 9 -21.76 5.45 -9.69
N GLY A 10 -22.50 6.24 -8.93
CA GLY A 10 -23.44 5.69 -7.98
C GLY A 10 -22.75 5.34 -6.66
N ARG A 11 -23.52 4.70 -5.78
CA ARG A 11 -22.99 4.30 -4.48
C ARG A 11 -22.26 2.96 -4.59
N GLU A 12 -22.98 1.97 -5.08
CA GLU A 12 -22.42 0.64 -5.25
C GLU A 12 -21.83 0.15 -3.92
N PRO A 13 -21.69 -1.20 -3.82
CA PRO A 13 -21.15 -1.80 -2.61
C PRO A 13 -19.63 -1.60 -2.53
N SER A 14 -19.25 -0.49 -1.92
CA SER A 14 -17.85 -0.17 -1.76
C SER A 14 -17.29 -0.83 -0.49
N SER A 15 -16.12 -1.43 -0.65
CA SER A 15 -15.47 -2.10 0.46
C SER A 15 -15.34 -1.15 1.65
N ARG A 16 -14.91 -1.71 2.77
CA ARG A 16 -14.74 -0.91 3.98
C ARG A 16 -13.30 -0.39 4.07
N ILE A 17 -13.20 0.93 4.10
CA ILE A 17 -11.90 1.57 4.20
C ILE A 17 -11.39 1.50 5.64
N ILE A 18 -10.08 1.37 5.76
CA ILE A 18 -9.45 1.29 7.08
C ILE A 18 -8.29 2.28 7.15
N ARG A 19 -7.96 2.67 8.37
CA ARG A 19 -6.87 3.60 8.60
C ARG A 19 -5.56 2.84 8.87
N VAL A 20 -4.72 2.80 7.85
CA VAL A 20 -3.45 2.11 7.97
C VAL A 20 -2.33 3.14 8.12
N SER A 21 -1.64 3.07 9.25
CA SER A 21 -0.55 3.98 9.54
C SER A 21 0.68 3.61 8.70
N VAL A 22 1.02 4.49 7.77
CA VAL A 22 2.16 4.26 6.92
C VAL A 22 3.41 4.89 7.55
N LYS A 23 4.41 4.06 7.76
CA LYS A 23 5.65 4.51 8.36
C LYS A 23 6.69 4.73 7.26
N THR A 24 7.13 5.98 7.15
CA THR A 24 8.11 6.34 6.15
C THR A 24 9.43 6.72 6.81
N PRO A 25 10.54 6.60 6.02
CA PRO A 25 11.85 6.94 6.53
C PRO A 25 12.04 8.46 6.61
N GLN A 26 11.30 9.06 7.52
CA GLN A 26 11.37 10.50 7.71
C GLN A 26 10.25 10.97 8.63
N ASP A 27 9.05 10.52 8.32
CA ASP A 27 7.88 10.88 9.10
C ASP A 27 6.86 9.73 9.07
N CYS A 28 5.68 10.01 9.61
CA CYS A 28 4.63 9.02 9.65
C CYS A 28 3.37 9.63 9.05
N HIS A 29 2.63 8.80 8.32
CA HIS A 29 1.40 9.24 7.69
C HIS A 29 0.35 8.15 7.78
N GLU A 30 -0.90 8.56 7.66
CA GLU A 30 -2.01 7.62 7.72
C GLU A 30 -2.76 7.59 6.39
N PHE A 31 -3.01 6.38 5.91
CA PHE A 31 -3.72 6.20 4.66
C PHE A 31 -5.03 5.46 4.87
N PHE A 32 -6.03 5.84 4.08
CA PHE A 32 -7.34 5.23 4.17
C PHE A 32 -7.74 4.58 2.85
N LEU A 33 -7.60 3.27 2.80
CA LEU A 33 -7.94 2.52 1.60
C LEU A 33 -8.74 1.27 1.99
N ALA A 34 -9.37 0.68 0.99
CA ALA A 34 -10.16 -0.52 1.21
C ALA A 34 -9.36 -1.52 2.03
N GLU A 35 -10.01 -2.07 3.05
CA GLU A 35 -9.36 -3.04 3.92
C GLU A 35 -9.08 -4.33 3.16
N ASN A 36 -9.86 -4.54 2.10
CA ASN A 36 -9.70 -5.73 1.28
C ASN A 36 -9.03 -5.35 -0.05
N SER A 37 -8.07 -4.45 0.06
CA SER A 37 -7.34 -3.99 -1.12
C SER A 37 -5.96 -4.67 -1.18
N ASN A 38 -5.81 -5.53 -2.16
CA ASN A 38 -4.56 -6.25 -2.34
C ASN A 38 -3.39 -5.30 -2.08
N VAL A 39 -2.31 -5.87 -1.56
CA VAL A 39 -1.14 -5.09 -1.25
C VAL A 39 -0.85 -4.13 -2.40
N ARG A 40 -0.89 -4.66 -3.62
CA ARG A 40 -0.65 -3.86 -4.80
C ARG A 40 -1.43 -2.55 -4.72
N ARG A 41 -2.74 -2.67 -4.83
CA ARG A 41 -3.61 -1.51 -4.79
C ARG A 41 -3.09 -0.50 -3.75
N PHE A 42 -2.95 -0.98 -2.53
CA PHE A 42 -2.46 -0.14 -1.44
C PHE A 42 -1.22 0.63 -1.87
N LYS A 43 -0.29 -0.09 -2.48
CA LYS A 43 0.95 0.51 -2.94
C LYS A 43 0.64 1.69 -3.86
N LYS A 44 -0.27 1.44 -4.80
CA LYS A 44 -0.67 2.47 -5.74
C LYS A 44 -0.91 3.79 -4.98
N GLN A 45 -1.72 3.68 -3.93
CA GLN A 45 -2.03 4.85 -3.13
C GLN A 45 -0.75 5.58 -2.71
N ILE A 46 0.25 4.78 -2.34
CA ILE A 46 1.53 5.32 -1.92
C ILE A 46 2.21 5.99 -3.12
N SER A 47 2.29 5.23 -4.21
CA SER A 47 2.92 5.72 -5.42
C SER A 47 2.38 7.11 -5.76
N LYS A 48 1.10 7.31 -5.48
CA LYS A 48 0.46 8.58 -5.74
C LYS A 48 0.98 9.62 -4.75
N TYR A 49 0.68 9.40 -3.48
CA TYR A 49 1.11 10.30 -2.44
C TYR A 49 2.63 10.50 -2.47
N LEU A 50 3.34 9.40 -2.22
CA LEU A 50 4.79 9.44 -2.22
C LEU A 50 5.29 9.98 -3.57
N HIS A 51 4.44 9.82 -4.57
CA HIS A 51 4.78 10.28 -5.91
C HIS A 51 6.00 9.53 -6.43
N CYS A 52 5.90 8.21 -6.38
CA CYS A 52 7.00 7.36 -6.83
C CYS A 52 6.39 6.21 -7.64
N ASN A 53 7.25 5.24 -7.94
CA ASN A 53 6.82 4.07 -8.72
C ASN A 53 6.50 2.93 -7.75
N ALA A 54 5.34 2.33 -7.97
CA ALA A 54 4.91 1.22 -7.14
C ALA A 54 5.78 0.00 -7.43
N ASP A 55 6.51 0.08 -8.52
CA ASP A 55 7.39 -1.01 -8.92
C ASP A 55 8.58 -1.08 -7.97
N ARG A 56 8.78 0.01 -7.25
CA ARG A 56 9.88 0.11 -6.30
C ARG A 56 9.34 0.16 -4.87
N LEU A 57 8.03 0.04 -4.76
CA LEU A 57 7.38 0.08 -3.45
C LEU A 57 7.25 -1.35 -2.91
N VAL A 58 7.49 -1.47 -1.61
CA VAL A 58 7.41 -2.77 -0.96
C VAL A 58 6.53 -2.64 0.30
N LEU A 59 5.61 -3.58 0.42
CA LEU A 59 4.71 -3.58 1.57
C LEU A 59 5.32 -4.45 2.68
N ILE A 60 5.40 -3.86 3.86
CA ILE A 60 5.95 -4.56 5.01
C ILE A 60 5.09 -4.26 6.24
N PHE A 61 4.32 -5.28 6.65
CA PHE A 61 3.46 -5.14 7.80
C PHE A 61 3.98 -5.97 8.98
N THR A 62 3.86 -5.39 10.16
CA THR A 62 4.31 -6.06 11.38
C THR A 62 5.77 -6.52 11.22
N GLY A 63 6.47 -5.86 10.31
CA GLY A 63 7.86 -6.19 10.05
C GLY A 63 7.98 -7.36 9.08
N LYS A 64 6.82 -7.87 8.69
CA LYS A 64 6.78 -8.99 7.76
C LYS A 64 6.34 -8.50 6.39
N ILE A 65 7.18 -8.79 5.39
CA ILE A 65 6.89 -8.36 4.03
C ILE A 65 5.66 -9.11 3.52
N LEU A 66 4.86 -8.40 2.74
CA LEU A 66 3.65 -8.98 2.18
C LEU A 66 3.86 -9.26 0.70
N ARG A 67 2.75 -9.30 -0.03
CA ARG A 67 2.80 -9.56 -1.46
C ARG A 67 1.60 -8.90 -2.16
N ASP A 68 1.89 -8.30 -3.31
CA ASP A 68 0.85 -7.64 -4.07
C ASP A 68 -0.39 -8.54 -4.13
N GLN A 69 -0.15 -9.80 -4.44
CA GLN A 69 -1.24 -10.77 -4.52
C GLN A 69 -1.89 -10.96 -3.15
N ASP A 70 -1.07 -10.83 -2.12
CA ASP A 70 -1.54 -10.99 -0.76
C ASP A 70 -2.35 -9.75 -0.36
N ILE A 71 -3.47 -10.01 0.31
CA ILE A 71 -4.33 -8.93 0.76
C ILE A 71 -3.86 -8.43 2.12
N LEU A 72 -4.35 -7.25 2.49
CA LEU A 72 -3.98 -6.65 3.76
C LEU A 72 -4.59 -7.46 4.89
N SER A 73 -5.91 -7.38 5.00
CA SER A 73 -6.63 -8.09 6.05
C SER A 73 -6.17 -9.56 6.07
N GLN A 74 -6.34 -10.21 4.93
CA GLN A 74 -5.97 -11.61 4.81
C GLN A 74 -4.61 -11.85 5.46
N ARG A 75 -3.75 -10.85 5.35
CA ARG A 75 -2.41 -10.93 5.94
C ARG A 75 -2.47 -10.63 7.43
N GLY A 76 -3.30 -9.67 7.78
CA GLY A 76 -3.45 -9.27 9.17
C GLY A 76 -3.75 -7.78 9.28
N ILE A 77 -3.29 -7.04 8.29
CA ILE A 77 -3.50 -5.60 8.26
C ILE A 77 -4.97 -5.30 8.54
N LEU A 78 -5.22 -4.73 9.72
CA LEU A 78 -6.56 -4.39 10.13
C LEU A 78 -6.68 -2.87 10.25
N ASP A 79 -7.76 -2.45 10.90
CA ASP A 79 -8.01 -1.03 11.10
C ASP A 79 -7.07 -0.51 12.19
N GLY A 80 -6.42 0.61 11.88
CA GLY A 80 -5.49 1.22 12.82
C GLY A 80 -4.22 0.37 12.98
N SER A 81 -3.68 -0.03 11.84
CA SER A 81 -2.48 -0.85 11.84
C SER A 81 -1.29 -0.03 11.30
N THR A 82 -0.10 -0.55 11.55
CA THR A 82 1.11 0.12 11.10
C THR A 82 1.81 -0.71 10.02
N VAL A 83 2.09 -0.06 8.91
CA VAL A 83 2.76 -0.73 7.80
C VAL A 83 3.96 0.10 7.36
N HIS A 84 5.09 -0.58 7.22
CA HIS A 84 6.32 0.08 6.80
C HIS A 84 6.33 0.23 5.28
N VAL A 85 6.61 1.44 4.83
CA VAL A 85 6.66 1.72 3.41
C VAL A 85 8.12 1.69 2.93
N VAL A 86 8.28 1.41 1.66
CA VAL A 86 9.62 1.34 1.07
C VAL A 86 9.57 1.91 -0.35
N VAL A 87 10.70 2.45 -0.78
CA VAL A 87 10.81 3.02 -2.10
C VAL A 87 12.18 2.69 -2.69
N ARG A 88 12.36 1.42 -3.00
CA ARG A 88 13.62 0.96 -3.57
C ARG A 88 14.15 1.99 -4.58
N SER A 89 15.45 2.20 -4.52
CA SER A 89 16.10 3.15 -5.42
C SER A 89 17.60 3.19 -5.14
N HIS A 90 18.34 2.39 -5.90
CA HIS A 90 19.78 2.33 -5.74
C HIS A 90 20.13 1.85 -4.34
N SER A 91 21.39 1.52 -4.16
CA SER A 91 21.87 1.05 -2.87
C SER A 91 23.23 1.66 -2.55
N GLY A 92 23.19 2.76 -1.80
CA GLY A 92 24.41 3.45 -1.43
C GLY A 92 24.27 4.96 -1.59
N PRO A 93 25.40 5.61 -1.98
CA PRO A 93 25.41 7.05 -2.17
C PRO A 93 24.70 7.42 -3.48
N SER A 94 24.06 8.59 -3.47
CA SER A 94 23.35 9.07 -4.63
C SER A 94 23.67 10.55 -4.87
N SER A 95 24.81 10.79 -5.48
CA SER A 95 25.24 12.15 -5.76
C SER A 95 25.45 12.92 -4.45
N GLY A 96 26.69 12.89 -3.98
CA GLY A 96 27.03 13.58 -2.75
C GLY A 96 28.52 13.43 -2.43
N GLY A 1 -0.26 -20.41 -14.08
CA GLY A 1 0.24 -19.54 -13.03
C GLY A 1 -0.81 -18.52 -12.61
N SER A 2 -0.37 -17.28 -12.49
CA SER A 2 -1.26 -16.20 -12.09
C SER A 2 -0.88 -14.92 -12.84
N SER A 3 -1.29 -14.87 -14.10
CA SER A 3 -1.00 -13.72 -14.94
C SER A 3 -1.31 -12.43 -14.16
N GLY A 4 -2.57 -12.27 -13.79
CA GLY A 4 -3.01 -11.11 -13.05
C GLY A 4 -3.55 -10.03 -14.00
N SER A 5 -4.83 -10.16 -14.31
CA SER A 5 -5.49 -9.22 -15.20
C SER A 5 -6.99 -9.50 -15.26
N SER A 6 -7.76 -8.44 -15.31
CA SER A 6 -9.21 -8.57 -15.38
C SER A 6 -9.81 -7.32 -16.02
N GLY A 7 -9.50 -6.17 -15.41
CA GLY A 7 -10.01 -4.90 -15.91
C GLY A 7 -10.00 -3.84 -14.81
N VAL A 8 -11.00 -2.98 -14.86
CA VAL A 8 -11.12 -1.91 -13.88
C VAL A 8 -12.54 -1.89 -13.33
N SER A 9 -12.72 -1.12 -12.26
CA SER A 9 -14.02 -1.00 -11.62
C SER A 9 -14.09 0.30 -10.82
N GLY A 10 -14.41 1.38 -11.53
CA GLY A 10 -14.51 2.68 -10.89
C GLY A 10 -15.97 3.01 -10.55
N ARG A 11 -16.45 2.39 -9.49
CA ARG A 11 -17.81 2.61 -9.04
C ARG A 11 -18.04 1.95 -7.68
N GLU A 12 -18.62 2.72 -6.77
CA GLU A 12 -18.91 2.22 -5.44
C GLU A 12 -17.60 1.83 -4.74
N PRO A 13 -17.68 1.77 -3.38
CA PRO A 13 -16.53 1.41 -2.58
C PRO A 13 -16.24 -0.09 -2.66
N SER A 14 -15.12 -0.41 -3.28
CA SER A 14 -14.72 -1.80 -3.44
C SER A 14 -14.95 -2.55 -2.13
N SER A 15 -14.40 -1.99 -1.06
CA SER A 15 -14.54 -2.60 0.26
C SER A 15 -14.34 -1.55 1.35
N ARG A 16 -14.77 -1.91 2.55
CA ARG A 16 -14.66 -1.00 3.68
C ARG A 16 -13.22 -0.46 3.79
N ILE A 17 -13.13 0.82 4.11
CA ILE A 17 -11.84 1.47 4.24
C ILE A 17 -11.37 1.37 5.70
N ILE A 18 -10.06 1.43 5.87
CA ILE A 18 -9.47 1.34 7.20
C ILE A 18 -8.31 2.33 7.30
N ARG A 19 -7.98 2.69 8.53
CA ARG A 19 -6.89 3.62 8.78
C ARG A 19 -5.59 2.86 9.05
N VAL A 20 -4.75 2.82 8.03
CA VAL A 20 -3.47 2.13 8.14
C VAL A 20 -2.35 3.17 8.27
N SER A 21 -1.62 3.06 9.38
CA SER A 21 -0.51 3.97 9.64
C SER A 21 0.69 3.59 8.78
N VAL A 22 1.01 4.47 7.84
CA VAL A 22 2.13 4.24 6.96
C VAL A 22 3.39 4.87 7.56
N LYS A 23 4.39 4.02 7.80
CA LYS A 23 5.63 4.47 8.38
C LYS A 23 6.66 4.66 7.26
N THR A 24 7.11 5.89 7.11
CA THR A 24 8.10 6.21 6.08
C THR A 24 9.46 6.50 6.72
N PRO A 25 10.53 6.33 5.90
CA PRO A 25 11.88 6.57 6.38
C PRO A 25 12.16 8.07 6.49
N GLN A 26 11.32 8.74 7.26
CA GLN A 26 11.47 10.17 7.45
C GLN A 26 10.38 10.70 8.39
N ASP A 27 9.14 10.40 8.03
CA ASP A 27 8.01 10.83 8.82
C ASP A 27 6.97 9.71 8.88
N CYS A 28 5.79 10.05 9.37
CA CYS A 28 4.71 9.09 9.49
C CYS A 28 3.48 9.66 8.77
N HIS A 29 2.75 8.76 8.11
CA HIS A 29 1.56 9.16 7.39
C HIS A 29 0.45 8.13 7.64
N GLU A 30 -0.78 8.55 7.37
CA GLU A 30 -1.92 7.69 7.55
C GLU A 30 -2.73 7.58 6.26
N PHE A 31 -2.83 6.36 5.76
CA PHE A 31 -3.57 6.11 4.53
C PHE A 31 -4.89 5.40 4.82
N PHE A 32 -5.87 5.67 3.96
CA PHE A 32 -7.18 5.06 4.11
C PHE A 32 -7.63 4.41 2.81
N LEU A 33 -7.50 3.09 2.76
CA LEU A 33 -7.88 2.33 1.59
C LEU A 33 -8.66 1.08 2.02
N ALA A 34 -9.33 0.47 1.05
CA ALA A 34 -10.11 -0.72 1.31
C ALA A 34 -9.30 -1.66 2.21
N GLU A 35 -9.98 -2.16 3.24
CA GLU A 35 -9.33 -3.07 4.18
C GLU A 35 -9.00 -4.39 3.49
N ASN A 36 -9.68 -4.65 2.38
CA ASN A 36 -9.46 -5.86 1.63
C ASN A 36 -8.89 -5.51 0.26
N SER A 37 -7.89 -4.64 0.27
CA SER A 37 -7.26 -4.21 -0.96
C SER A 37 -5.88 -4.84 -1.09
N ASN A 38 -5.72 -5.64 -2.15
CA ASN A 38 -4.45 -6.31 -2.40
C ASN A 38 -3.30 -5.35 -2.06
N VAL A 39 -2.18 -5.94 -1.68
CA VAL A 39 -1.00 -5.17 -1.33
C VAL A 39 -0.72 -4.16 -2.44
N ARG A 40 -0.80 -4.64 -3.67
CA ARG A 40 -0.55 -3.79 -4.82
C ARG A 40 -1.32 -2.47 -4.69
N ARG A 41 -2.64 -2.57 -4.80
CA ARG A 41 -3.49 -1.40 -4.69
C ARG A 41 -2.96 -0.46 -3.59
N PHE A 42 -2.84 -1.02 -2.40
CA PHE A 42 -2.35 -0.25 -1.27
C PHE A 42 -1.08 0.51 -1.63
N LYS A 43 -0.22 -0.14 -2.39
CA LYS A 43 1.03 0.47 -2.81
C LYS A 43 0.73 1.66 -3.72
N LYS A 44 -0.07 1.39 -4.74
CA LYS A 44 -0.44 2.43 -5.69
C LYS A 44 -0.79 3.71 -4.93
N GLN A 45 -1.65 3.55 -3.93
CA GLN A 45 -2.07 4.68 -3.12
C GLN A 45 -0.86 5.49 -2.66
N ILE A 46 0.21 4.77 -2.36
CA ILE A 46 1.44 5.40 -1.90
C ILE A 46 2.12 6.08 -3.09
N SER A 47 2.22 5.35 -4.18
CA SER A 47 2.84 5.88 -5.38
C SER A 47 2.19 7.21 -5.77
N LYS A 48 0.94 7.35 -5.39
CA LYS A 48 0.20 8.57 -5.68
C LYS A 48 0.78 9.72 -4.86
N TYR A 49 0.73 9.57 -3.56
CA TYR A 49 1.25 10.59 -2.66
C TYR A 49 2.77 10.67 -2.75
N LEU A 50 3.42 9.60 -2.30
CA LEU A 50 4.88 9.55 -2.32
C LEU A 50 5.38 10.05 -3.67
N HIS A 51 4.54 9.89 -4.68
CA HIS A 51 4.89 10.31 -6.03
C HIS A 51 6.08 9.51 -6.54
N CYS A 52 6.05 8.22 -6.23
CA CYS A 52 7.12 7.32 -6.64
C CYS A 52 6.52 6.26 -7.56
N ASN A 53 7.23 5.15 -7.67
CA ASN A 53 6.79 4.04 -8.51
C ASN A 53 6.42 2.85 -7.61
N ALA A 54 5.29 2.24 -7.94
CA ALA A 54 4.82 1.09 -7.19
C ALA A 54 5.78 -0.09 -7.41
N ASP A 55 6.60 0.06 -8.45
CA ASP A 55 7.56 -0.99 -8.78
C ASP A 55 8.73 -0.93 -7.81
N ARG A 56 8.83 0.20 -7.12
CA ARG A 56 9.89 0.39 -6.15
C ARG A 56 9.33 0.42 -4.73
N LEU A 57 8.01 0.31 -4.65
CA LEU A 57 7.34 0.33 -3.36
C LEU A 57 7.22 -1.10 -2.84
N VAL A 58 7.47 -1.24 -1.54
CA VAL A 58 7.40 -2.54 -0.90
C VAL A 58 6.50 -2.45 0.33
N LEU A 59 5.61 -3.44 0.45
CA LEU A 59 4.69 -3.48 1.57
C LEU A 59 5.27 -4.37 2.67
N ILE A 60 5.30 -3.80 3.87
CA ILE A 60 5.84 -4.53 5.02
C ILE A 60 4.93 -4.28 6.23
N PHE A 61 4.21 -5.33 6.61
CA PHE A 61 3.32 -5.24 7.75
C PHE A 61 3.80 -6.12 8.91
N THR A 62 4.22 -5.45 9.98
CA THR A 62 4.71 -6.16 11.16
C THR A 62 6.17 -6.55 10.96
N GLY A 63 6.70 -6.20 9.79
CA GLY A 63 8.08 -6.52 9.48
C GLY A 63 8.17 -7.59 8.39
N LYS A 64 7.02 -8.18 8.10
CA LYS A 64 6.95 -9.22 7.08
C LYS A 64 6.51 -8.61 5.75
N ILE A 65 7.29 -8.88 4.72
CA ILE A 65 6.99 -8.36 3.40
C ILE A 65 5.80 -9.12 2.81
N LEU A 66 4.89 -8.37 2.22
CA LEU A 66 3.71 -8.96 1.63
C LEU A 66 3.90 -9.04 0.11
N ARG A 67 2.84 -9.46 -0.57
CA ARG A 67 2.87 -9.58 -2.02
C ARG A 67 1.63 -8.93 -2.64
N ASP A 68 1.85 -8.32 -3.79
CA ASP A 68 0.76 -7.65 -4.50
C ASP A 68 -0.40 -8.64 -4.67
N GLN A 69 -0.07 -9.92 -4.58
CA GLN A 69 -1.08 -10.96 -4.72
C GLN A 69 -1.59 -11.39 -3.35
N ASP A 70 -1.62 -10.43 -2.43
CA ASP A 70 -2.09 -10.70 -1.08
C ASP A 70 -2.91 -9.51 -0.59
N ILE A 71 -3.94 -9.83 0.19
CA ILE A 71 -4.81 -8.79 0.73
C ILE A 71 -4.27 -8.34 2.09
N LEU A 72 -4.72 -7.17 2.51
CA LEU A 72 -4.29 -6.61 3.79
C LEU A 72 -4.93 -7.41 4.93
N SER A 73 -6.26 -7.38 4.95
CA SER A 73 -7.00 -8.09 5.98
C SER A 73 -6.53 -9.54 6.06
N GLN A 74 -6.58 -10.22 4.92
CA GLN A 74 -6.17 -11.61 4.85
C GLN A 74 -4.80 -11.78 5.51
N ARG A 75 -3.89 -10.88 5.18
CA ARG A 75 -2.55 -10.93 5.73
C ARG A 75 -2.59 -10.67 7.24
N GLY A 76 -3.48 -9.77 7.63
CA GLY A 76 -3.63 -9.43 9.03
C GLY A 76 -3.90 -7.93 9.21
N ILE A 77 -3.42 -7.16 8.24
CA ILE A 77 -3.62 -5.72 8.27
C ILE A 77 -5.08 -5.41 8.58
N LEU A 78 -5.29 -4.86 9.77
CA LEU A 78 -6.63 -4.51 10.20
C LEU A 78 -6.72 -3.00 10.37
N ASP A 79 -7.80 -2.58 11.03
CA ASP A 79 -8.02 -1.15 11.27
C ASP A 79 -7.05 -0.67 12.35
N GLY A 80 -6.31 0.38 12.02
CA GLY A 80 -5.35 0.95 12.96
C GLY A 80 -4.08 0.10 13.01
N SER A 81 -3.58 -0.26 11.84
CA SER A 81 -2.38 -1.06 11.74
C SER A 81 -1.22 -0.19 11.23
N THR A 82 -0.01 -0.65 11.53
CA THR A 82 1.18 0.07 11.11
C THR A 82 1.91 -0.71 10.00
N VAL A 83 2.07 -0.05 8.88
CA VAL A 83 2.74 -0.66 7.74
C VAL A 83 3.93 0.21 7.32
N HIS A 84 5.07 -0.42 7.15
CA HIS A 84 6.28 0.28 6.75
C HIS A 84 6.31 0.43 5.22
N VAL A 85 6.50 1.66 4.79
CA VAL A 85 6.56 1.95 3.36
C VAL A 85 8.01 2.03 2.91
N VAL A 86 8.24 1.62 1.67
CA VAL A 86 9.57 1.63 1.11
C VAL A 86 9.53 2.26 -0.29
N VAL A 87 10.64 2.89 -0.65
CA VAL A 87 10.73 3.54 -1.95
C VAL A 87 12.18 3.42 -2.46
N ARG A 88 12.55 2.19 -2.78
CA ARG A 88 13.89 1.93 -3.28
C ARG A 88 14.27 2.96 -4.36
N SER A 89 13.24 3.51 -4.97
CA SER A 89 13.44 4.50 -6.03
C SER A 89 14.39 5.60 -5.52
N HIS A 90 15.67 5.41 -5.80
CA HIS A 90 16.67 6.38 -5.38
C HIS A 90 16.76 6.40 -3.86
N SER A 91 17.49 5.43 -3.32
CA SER A 91 17.66 5.33 -1.89
C SER A 91 18.92 4.51 -1.57
N GLY A 92 19.60 4.92 -0.51
CA GLY A 92 20.81 4.24 -0.09
C GLY A 92 20.49 3.03 0.80
N PRO A 93 21.44 2.07 0.84
CA PRO A 93 21.27 0.87 1.64
C PRO A 93 21.45 1.17 3.13
N SER A 94 20.52 1.95 3.67
CA SER A 94 20.57 2.32 5.07
C SER A 94 19.19 2.15 5.70
N SER A 95 18.97 0.97 6.27
CA SER A 95 17.70 0.67 6.90
C SER A 95 17.47 1.63 8.08
N GLY A 96 16.25 1.58 8.61
CA GLY A 96 15.89 2.44 9.73
C GLY A 96 16.29 3.89 9.46
N GLY A 1 8.09 8.83 -19.75
CA GLY A 1 6.66 8.72 -19.50
C GLY A 1 6.36 7.75 -18.36
N SER A 2 5.22 7.96 -17.73
CA SER A 2 4.81 7.12 -16.61
C SER A 2 3.30 7.24 -16.38
N SER A 3 2.56 6.52 -17.21
CA SER A 3 1.11 6.53 -17.12
C SER A 3 0.51 5.49 -18.06
N GLY A 4 -0.76 5.20 -17.84
CA GLY A 4 -1.46 4.22 -18.66
C GLY A 4 -2.95 4.55 -18.75
N SER A 5 -3.76 3.67 -18.17
CA SER A 5 -5.19 3.86 -18.18
C SER A 5 -5.86 2.89 -17.20
N SER A 6 -6.21 3.42 -16.03
CA SER A 6 -6.85 2.62 -15.01
C SER A 6 -7.32 3.51 -13.87
N GLY A 7 -8.65 3.65 -13.78
CA GLY A 7 -9.24 4.47 -12.74
C GLY A 7 -8.93 3.92 -11.35
N VAL A 8 -9.98 3.69 -10.59
CA VAL A 8 -9.83 3.16 -9.24
C VAL A 8 -8.81 4.01 -8.47
N SER A 9 -8.63 3.65 -7.21
CA SER A 9 -7.69 4.38 -6.37
C SER A 9 -8.14 5.83 -6.19
N GLY A 10 -8.67 6.11 -5.01
CA GLY A 10 -9.13 7.45 -4.71
C GLY A 10 -10.20 7.42 -3.61
N ARG A 11 -11.44 7.67 -4.03
CA ARG A 11 -12.55 7.68 -3.08
C ARG A 11 -13.84 7.27 -3.80
N GLU A 12 -14.17 5.99 -3.68
CA GLU A 12 -15.37 5.47 -4.31
C GLU A 12 -15.96 4.34 -3.47
N PRO A 13 -17.27 4.06 -3.71
CA PRO A 13 -17.96 3.00 -2.99
C PRO A 13 -17.53 1.62 -3.49
N SER A 14 -16.41 1.16 -2.97
CA SER A 14 -15.88 -0.13 -3.37
C SER A 14 -16.02 -1.13 -2.21
N SER A 15 -15.32 -0.81 -1.12
CA SER A 15 -15.36 -1.66 0.06
C SER A 15 -15.16 -0.81 1.32
N ARG A 16 -15.09 -1.50 2.45
CA ARG A 16 -14.90 -0.83 3.73
C ARG A 16 -13.44 -0.35 3.87
N ILE A 17 -13.31 0.95 4.09
CA ILE A 17 -11.99 1.55 4.24
C ILE A 17 -11.53 1.40 5.69
N ILE A 18 -10.22 1.38 5.87
CA ILE A 18 -9.64 1.24 7.20
C ILE A 18 -8.46 2.21 7.33
N ARG A 19 -8.14 2.53 8.58
CA ARG A 19 -7.05 3.44 8.87
C ARG A 19 -5.74 2.67 8.98
N VAL A 20 -4.94 2.75 7.92
CA VAL A 20 -3.66 2.07 7.88
C VAL A 20 -2.54 3.10 7.94
N SER A 21 -1.76 3.03 9.02
CA SER A 21 -0.66 3.95 9.21
C SER A 21 0.51 3.55 8.30
N VAL A 22 1.20 4.57 7.80
CA VAL A 22 2.34 4.34 6.92
C VAL A 22 3.60 4.94 7.57
N LYS A 23 4.56 4.07 7.80
CA LYS A 23 5.82 4.49 8.41
C LYS A 23 6.86 4.70 7.31
N THR A 24 7.32 5.95 7.21
CA THR A 24 8.32 6.29 6.22
C THR A 24 9.66 6.60 6.89
N PRO A 25 10.75 6.50 6.08
CA PRO A 25 12.08 6.76 6.57
C PRO A 25 12.31 8.26 6.76
N GLN A 26 11.46 8.87 7.58
CA GLN A 26 11.57 10.29 7.84
C GLN A 26 10.45 10.73 8.80
N ASP A 27 9.23 10.62 8.31
CA ASP A 27 8.08 11.00 9.11
C ASP A 27 7.07 9.84 9.15
N CYS A 28 5.88 10.15 9.63
CA CYS A 28 4.83 9.14 9.71
C CYS A 28 3.57 9.70 9.05
N HIS A 29 2.93 8.85 8.26
CA HIS A 29 1.72 9.24 7.56
C HIS A 29 0.66 8.15 7.72
N GLU A 30 -0.57 8.51 7.38
CA GLU A 30 -1.67 7.59 7.48
C GLU A 30 -2.42 7.49 6.14
N PHE A 31 -2.89 6.28 5.85
CA PHE A 31 -3.61 6.05 4.61
C PHE A 31 -4.91 5.28 4.87
N PHE A 32 -5.95 5.68 4.15
CA PHE A 32 -7.24 5.03 4.29
C PHE A 32 -7.71 4.45 2.96
N LEU A 33 -7.61 3.13 2.86
CA LEU A 33 -8.01 2.44 1.64
C LEU A 33 -8.82 1.19 2.02
N ALA A 34 -9.51 0.64 1.03
CA ALA A 34 -10.31 -0.55 1.24
C ALA A 34 -9.52 -1.54 2.09
N GLU A 35 -10.20 -2.06 3.10
CA GLU A 35 -9.57 -3.03 4.00
C GLU A 35 -9.34 -4.35 3.26
N ASN A 36 -9.98 -4.48 2.11
CA ASN A 36 -9.85 -5.68 1.31
C ASN A 36 -9.21 -5.33 -0.03
N SER A 37 -8.24 -4.43 0.02
CA SER A 37 -7.54 -4.01 -1.17
C SER A 37 -6.15 -4.66 -1.24
N ASN A 38 -5.99 -5.50 -2.25
CA ASN A 38 -4.72 -6.20 -2.44
C ASN A 38 -3.57 -5.25 -2.12
N VAL A 39 -2.46 -5.82 -1.66
CA VAL A 39 -1.29 -5.04 -1.33
C VAL A 39 -0.97 -4.08 -2.48
N ARG A 40 -1.01 -4.62 -3.68
CA ARG A 40 -0.73 -3.83 -4.87
C ARG A 40 -1.46 -2.49 -4.80
N ARG A 41 -2.79 -2.57 -4.86
CA ARG A 41 -3.62 -1.38 -4.80
C ARG A 41 -3.09 -0.43 -3.73
N PHE A 42 -2.96 -0.95 -2.52
CA PHE A 42 -2.48 -0.17 -1.40
C PHE A 42 -1.19 0.58 -1.77
N LYS A 43 -0.32 -0.13 -2.46
CA LYS A 43 0.95 0.44 -2.89
C LYS A 43 0.68 1.68 -3.75
N LYS A 44 -0.17 1.50 -4.74
CA LYS A 44 -0.52 2.58 -5.64
C LYS A 44 -0.78 3.85 -4.82
N GLN A 45 -1.63 3.70 -3.81
CA GLN A 45 -1.96 4.82 -2.95
C GLN A 45 -0.70 5.55 -2.50
N ILE A 46 0.30 4.76 -2.13
CA ILE A 46 1.57 5.33 -1.68
C ILE A 46 2.26 6.01 -2.86
N SER A 47 2.36 5.28 -3.95
CA SER A 47 3.00 5.80 -5.15
C SER A 47 2.36 7.14 -5.53
N LYS A 48 1.07 7.24 -5.29
CA LYS A 48 0.33 8.45 -5.60
C LYS A 48 0.96 9.63 -4.84
N TYR A 49 1.05 9.46 -3.53
CA TYR A 49 1.61 10.49 -2.68
C TYR A 49 3.15 10.48 -2.75
N LEU A 50 3.72 9.42 -2.20
CA LEU A 50 5.18 9.29 -2.20
C LEU A 50 5.73 9.73 -3.55
N HIS A 51 4.93 9.50 -4.58
CA HIS A 51 5.32 9.88 -5.94
C HIS A 51 6.53 9.04 -6.37
N CYS A 52 6.41 7.73 -6.15
CA CYS A 52 7.48 6.82 -6.50
C CYS A 52 6.85 5.56 -7.11
N ASN A 53 7.52 5.03 -8.12
CA ASN A 53 7.04 3.83 -8.78
C ASN A 53 6.68 2.77 -7.74
N ALA A 54 5.63 2.03 -8.04
CA ALA A 54 5.16 0.99 -7.14
C ALA A 54 6.08 -0.23 -7.26
N ASP A 55 6.80 -0.27 -8.37
CA ASP A 55 7.71 -1.38 -8.62
C ASP A 55 8.82 -1.36 -7.56
N ARG A 56 9.00 -0.20 -6.95
CA ARG A 56 10.01 -0.03 -5.93
C ARG A 56 9.37 0.07 -4.54
N LEU A 57 8.05 -0.06 -4.53
CA LEU A 57 7.31 0.00 -3.29
C LEU A 57 7.13 -1.41 -2.73
N VAL A 58 7.58 -1.58 -1.48
CA VAL A 58 7.48 -2.87 -0.82
C VAL A 58 6.59 -2.73 0.43
N LEU A 59 5.60 -3.60 0.50
CA LEU A 59 4.68 -3.59 1.62
C LEU A 59 5.26 -4.43 2.76
N ILE A 60 5.37 -3.81 3.93
CA ILE A 60 5.90 -4.49 5.09
C ILE A 60 5.04 -4.15 6.32
N PHE A 61 4.31 -5.15 6.79
CA PHE A 61 3.45 -4.97 7.94
C PHE A 61 3.86 -5.91 9.07
N THR A 62 4.25 -5.30 10.18
CA THR A 62 4.67 -6.06 11.35
C THR A 62 6.10 -6.58 11.17
N GLY A 63 6.74 -6.11 10.10
CA GLY A 63 8.10 -6.51 9.80
C GLY A 63 8.11 -7.67 8.80
N LYS A 64 6.93 -8.00 8.30
CA LYS A 64 6.81 -9.08 7.34
C LYS A 64 6.41 -8.51 5.98
N ILE A 65 7.19 -8.88 4.97
CA ILE A 65 6.92 -8.40 3.61
C ILE A 65 5.67 -9.09 3.08
N LEU A 66 4.72 -8.27 2.64
CA LEU A 66 3.48 -8.78 2.10
C LEU A 66 3.66 -9.12 0.62
N ARG A 67 2.55 -9.18 -0.09
CA ARG A 67 2.58 -9.49 -1.51
C ARG A 67 1.36 -8.89 -2.21
N ASP A 68 1.60 -8.35 -3.40
CA ASP A 68 0.53 -7.74 -4.17
C ASP A 68 -0.67 -8.68 -4.20
N GLN A 69 -0.38 -9.96 -4.37
CA GLN A 69 -1.42 -10.97 -4.43
C GLN A 69 -2.05 -11.16 -3.05
N ASP A 70 -1.25 -10.87 -2.03
CA ASP A 70 -1.72 -10.99 -0.66
C ASP A 70 -2.59 -9.80 -0.30
N ILE A 71 -3.67 -10.08 0.41
CA ILE A 71 -4.60 -9.03 0.81
C ILE A 71 -4.23 -8.54 2.21
N LEU A 72 -4.49 -7.26 2.45
CA LEU A 72 -4.19 -6.67 3.74
C LEU A 72 -4.73 -7.56 4.85
N SER A 73 -6.05 -7.57 4.97
CA SER A 73 -6.70 -8.37 5.98
C SER A 73 -6.15 -9.80 5.95
N GLN A 74 -6.28 -10.43 4.79
CA GLN A 74 -5.80 -11.79 4.62
C GLN A 74 -4.45 -11.97 5.31
N ARG A 75 -3.66 -10.91 5.30
CA ARG A 75 -2.35 -10.95 5.92
C ARG A 75 -2.47 -10.67 7.42
N GLY A 76 -3.19 -9.59 7.74
CA GLY A 76 -3.38 -9.21 9.13
C GLY A 76 -3.77 -7.73 9.23
N ILE A 77 -3.24 -6.94 8.31
CA ILE A 77 -3.53 -5.52 8.28
C ILE A 77 -5.01 -5.29 8.54
N LEU A 78 -5.31 -4.69 9.68
CA LEU A 78 -6.68 -4.41 10.06
C LEU A 78 -6.84 -2.91 10.28
N ASP A 79 -7.95 -2.56 10.92
CA ASP A 79 -8.25 -1.16 11.19
C ASP A 79 -7.31 -0.65 12.29
N GLY A 80 -6.66 0.46 12.00
CA GLY A 80 -5.74 1.06 12.96
C GLY A 80 -4.45 0.24 13.05
N SER A 81 -3.86 -0.01 11.89
CA SER A 81 -2.63 -0.78 11.83
C SER A 81 -1.52 0.06 11.19
N THR A 82 -0.29 -0.29 11.53
CA THR A 82 0.86 0.42 10.99
C THR A 82 1.61 -0.46 9.98
N VAL A 83 2.04 0.18 8.91
CA VAL A 83 2.76 -0.53 7.86
C VAL A 83 3.96 0.32 7.41
N HIS A 84 5.05 -0.38 7.11
CA HIS A 84 6.26 0.28 6.68
C HIS A 84 6.27 0.39 5.15
N VAL A 85 6.68 1.56 4.67
CA VAL A 85 6.74 1.82 3.25
C VAL A 85 8.20 1.77 2.78
N VAL A 86 8.38 1.37 1.53
CA VAL A 86 9.71 1.28 0.96
C VAL A 86 9.70 1.92 -0.43
N VAL A 87 10.88 2.38 -0.84
CA VAL A 87 11.02 3.01 -2.14
C VAL A 87 12.33 2.57 -2.78
N ARG A 88 12.42 1.28 -3.05
CA ARG A 88 13.61 0.71 -3.65
C ARG A 88 14.17 1.67 -4.71
N SER A 89 15.45 1.48 -5.01
CA SER A 89 16.12 2.32 -5.99
C SER A 89 17.55 1.85 -6.18
N HIS A 90 17.92 1.63 -7.44
CA HIS A 90 19.25 1.18 -7.78
C HIS A 90 19.69 1.81 -9.10
N SER A 91 20.98 2.07 -9.20
CA SER A 91 21.54 2.67 -10.40
C SER A 91 20.83 3.99 -10.70
N GLY A 92 21.42 4.74 -11.63
CA GLY A 92 20.86 6.02 -12.01
C GLY A 92 21.90 7.14 -11.88
N PRO A 93 22.13 7.85 -13.02
CA PRO A 93 23.09 8.93 -13.04
C PRO A 93 22.53 10.18 -12.34
N SER A 94 23.42 10.85 -11.61
CA SER A 94 23.03 12.04 -10.88
C SER A 94 22.55 13.12 -11.85
N SER A 95 21.92 14.15 -11.30
CA SER A 95 21.41 15.24 -12.10
C SER A 95 20.31 14.73 -13.04
N GLY A 96 19.20 15.44 -13.03
CA GLY A 96 18.07 15.06 -13.86
C GLY A 96 16.74 15.24 -13.10
N GLY A 1 -2.91 -6.21 -29.24
CA GLY A 1 -3.51 -5.83 -27.97
C GLY A 1 -4.98 -6.26 -27.90
N SER A 2 -5.84 -5.36 -28.33
CA SER A 2 -7.27 -5.64 -28.32
C SER A 2 -7.75 -5.85 -26.88
N SER A 3 -8.84 -5.16 -26.55
CA SER A 3 -9.41 -5.27 -25.22
C SER A 3 -8.41 -4.77 -24.18
N GLY A 4 -8.93 -4.39 -23.02
CA GLY A 4 -8.09 -3.90 -21.95
C GLY A 4 -8.93 -3.61 -20.69
N SER A 5 -8.86 -4.55 -19.76
CA SER A 5 -9.60 -4.41 -18.51
C SER A 5 -11.09 -4.31 -18.80
N SER A 6 -11.88 -4.58 -17.78
CA SER A 6 -13.33 -4.52 -17.91
C SER A 6 -13.93 -3.70 -16.76
N GLY A 7 -15.09 -3.13 -17.03
CA GLY A 7 -15.78 -2.32 -16.03
C GLY A 7 -14.97 -1.06 -15.70
N VAL A 8 -14.75 -0.26 -16.73
CA VAL A 8 -14.00 0.98 -16.56
C VAL A 8 -14.93 2.17 -16.80
N SER A 9 -14.80 3.17 -15.93
CA SER A 9 -15.62 4.35 -16.03
C SER A 9 -17.09 4.01 -15.81
N GLY A 10 -17.48 3.98 -14.54
CA GLY A 10 -18.85 3.66 -14.19
C GLY A 10 -19.13 3.97 -12.72
N ARG A 11 -18.75 3.02 -11.87
CA ARG A 11 -18.95 3.17 -10.44
C ARG A 11 -17.71 2.70 -9.68
N GLU A 12 -17.63 3.10 -8.43
CA GLU A 12 -16.51 2.73 -7.58
C GLU A 12 -16.85 1.49 -6.75
N PRO A 13 -15.79 0.71 -6.42
CA PRO A 13 -15.96 -0.50 -5.64
C PRO A 13 -16.23 -0.17 -4.17
N SER A 14 -17.50 -0.27 -3.80
CA SER A 14 -17.90 0.01 -2.43
C SER A 14 -17.28 -1.01 -1.48
N SER A 15 -16.26 -0.57 -0.76
CA SER A 15 -15.58 -1.44 0.19
C SER A 15 -15.43 -0.73 1.53
N ARG A 16 -14.89 -1.46 2.50
CA ARG A 16 -14.67 -0.92 3.82
C ARG A 16 -13.25 -0.38 3.96
N ILE A 17 -13.15 0.93 4.03
CA ILE A 17 -11.85 1.58 4.16
C ILE A 17 -11.35 1.43 5.59
N ILE A 18 -10.04 1.39 5.72
CA ILE A 18 -9.42 1.25 7.03
C ILE A 18 -8.28 2.28 7.18
N ARG A 19 -7.91 2.51 8.42
CA ARG A 19 -6.84 3.47 8.71
C ARG A 19 -5.52 2.74 8.96
N VAL A 20 -4.67 2.77 7.95
CA VAL A 20 -3.38 2.12 8.04
C VAL A 20 -2.28 3.17 8.15
N SER A 21 -1.53 3.10 9.24
CA SER A 21 -0.45 4.04 9.47
C SER A 21 0.78 3.64 8.66
N VAL A 22 1.06 4.42 7.63
CA VAL A 22 2.21 4.15 6.77
C VAL A 22 3.44 4.83 7.36
N LYS A 23 4.44 4.01 7.67
CA LYS A 23 5.68 4.51 8.23
C LYS A 23 6.72 4.64 7.12
N THR A 24 7.15 5.88 6.90
CA THR A 24 8.14 6.15 5.88
C THR A 24 9.44 6.63 6.51
N PRO A 25 10.55 6.52 5.73
CA PRO A 25 11.85 6.93 6.21
C PRO A 25 11.98 8.45 6.20
N GLN A 26 10.96 9.10 6.76
CA GLN A 26 10.95 10.55 6.83
C GLN A 26 9.93 11.01 7.87
N ASP A 27 8.76 10.39 7.82
CA ASP A 27 7.69 10.73 8.76
C ASP A 27 6.58 9.69 8.65
N CYS A 28 5.56 9.88 9.48
CA CYS A 28 4.43 8.96 9.49
C CYS A 28 3.30 9.58 8.66
N HIS A 29 2.58 8.72 7.97
CA HIS A 29 1.47 9.16 7.14
C HIS A 29 0.34 8.14 7.19
N GLU A 30 -0.81 8.59 7.67
CA GLU A 30 -1.97 7.72 7.79
C GLU A 30 -2.78 7.76 6.48
N PHE A 31 -3.05 6.58 5.96
CA PHE A 31 -3.82 6.46 4.73
C PHE A 31 -5.16 5.76 4.98
N PHE A 32 -6.03 5.87 3.99
CA PHE A 32 -7.34 5.25 4.09
C PHE A 32 -7.76 4.61 2.76
N LEU A 33 -7.62 3.29 2.70
CA LEU A 33 -7.97 2.55 1.51
C LEU A 33 -8.78 1.31 1.89
N ALA A 34 -9.40 0.72 0.89
CA ALA A 34 -10.20 -0.48 1.11
C ALA A 34 -9.39 -1.50 1.90
N GLU A 35 -10.03 -2.09 2.89
CA GLU A 35 -9.38 -3.08 3.73
C GLU A 35 -9.25 -4.41 2.98
N ASN A 36 -9.84 -4.43 1.78
CA ASN A 36 -9.80 -5.62 0.96
C ASN A 36 -9.02 -5.34 -0.32
N SER A 37 -8.28 -4.24 -0.29
CA SER A 37 -7.49 -3.84 -1.44
C SER A 37 -6.12 -4.53 -1.39
N ASN A 38 -5.93 -5.46 -2.31
CA ASN A 38 -4.68 -6.20 -2.39
C ASN A 38 -3.52 -5.24 -2.12
N VAL A 39 -2.45 -5.80 -1.57
CA VAL A 39 -1.27 -5.01 -1.25
C VAL A 39 -1.01 -4.03 -2.40
N ARG A 40 -0.84 -4.60 -3.59
CA ARG A 40 -0.57 -3.79 -4.76
C ARG A 40 -1.40 -2.50 -4.73
N ARG A 41 -2.70 -2.68 -4.64
CA ARG A 41 -3.61 -1.55 -4.59
C ARG A 41 -3.14 -0.54 -3.53
N PHE A 42 -2.93 -1.03 -2.33
CA PHE A 42 -2.48 -0.19 -1.24
C PHE A 42 -1.26 0.63 -1.65
N LYS A 43 -0.35 -0.03 -2.35
CA LYS A 43 0.87 0.63 -2.81
C LYS A 43 0.50 1.80 -3.72
N LYS A 44 -0.41 1.53 -4.65
CA LYS A 44 -0.85 2.56 -5.58
C LYS A 44 -1.05 3.87 -4.83
N GLN A 45 -1.82 3.79 -3.76
CA GLN A 45 -2.10 4.96 -2.94
C GLN A 45 -0.79 5.66 -2.56
N ILE A 46 0.14 4.86 -2.09
CA ILE A 46 1.44 5.38 -1.67
C ILE A 46 2.15 5.98 -2.90
N SER A 47 2.32 5.16 -3.92
CA SER A 47 2.97 5.59 -5.13
C SER A 47 2.43 6.96 -5.56
N LYS A 48 1.14 7.15 -5.32
CA LYS A 48 0.49 8.40 -5.68
C LYS A 48 1.09 9.53 -4.85
N TYR A 49 0.80 9.50 -3.55
CA TYR A 49 1.30 10.51 -2.64
C TYR A 49 2.83 10.56 -2.67
N LEU A 50 3.43 9.42 -2.34
CA LEU A 50 4.88 9.33 -2.33
C LEU A 50 5.43 9.69 -3.70
N HIS A 51 4.55 9.66 -4.69
CA HIS A 51 4.92 9.98 -6.05
C HIS A 51 6.16 9.18 -6.44
N CYS A 52 6.05 7.87 -6.28
CA CYS A 52 7.15 6.97 -6.61
C CYS A 52 6.59 5.83 -7.46
N ASN A 53 7.47 4.88 -7.77
CA ASN A 53 7.09 3.73 -8.56
C ASN A 53 6.67 2.59 -7.63
N ALA A 54 5.47 2.08 -7.88
CA ALA A 54 4.96 0.98 -7.08
C ALA A 54 5.79 -0.28 -7.33
N ASP A 55 6.55 -0.23 -8.42
CA ASP A 55 7.40 -1.36 -8.78
C ASP A 55 8.57 -1.43 -7.80
N ARG A 56 8.79 -0.33 -7.10
CA ARG A 56 9.88 -0.26 -6.14
C ARG A 56 9.32 -0.16 -4.72
N LEU A 57 8.00 -0.22 -4.63
CA LEU A 57 7.34 -0.13 -3.34
C LEU A 57 7.11 -1.54 -2.79
N VAL A 58 7.34 -1.67 -1.49
CA VAL A 58 7.18 -2.96 -0.83
C VAL A 58 6.31 -2.79 0.41
N LEU A 59 5.46 -3.77 0.65
CA LEU A 59 4.58 -3.73 1.80
C LEU A 59 5.17 -4.59 2.92
N ILE A 60 5.30 -3.99 4.09
CA ILE A 60 5.85 -4.68 5.24
C ILE A 60 4.98 -4.39 6.47
N PHE A 61 4.22 -5.39 6.87
CA PHE A 61 3.35 -5.26 8.02
C PHE A 61 3.81 -6.17 9.16
N THR A 62 4.30 -5.53 10.22
CA THR A 62 4.77 -6.27 11.38
C THR A 62 6.20 -6.77 11.15
N GLY A 63 6.82 -6.21 10.12
CA GLY A 63 8.19 -6.60 9.78
C GLY A 63 8.20 -7.70 8.72
N LYS A 64 7.01 -8.22 8.43
CA LYS A 64 6.88 -9.27 7.45
C LYS A 64 6.48 -8.65 6.10
N ILE A 65 7.25 -8.98 5.08
CA ILE A 65 6.99 -8.46 3.75
C ILE A 65 5.72 -9.12 3.19
N LEU A 66 4.90 -8.30 2.56
CA LEU A 66 3.66 -8.78 1.97
C LEU A 66 3.82 -8.87 0.45
N ARG A 67 2.81 -9.46 -0.18
CA ARG A 67 2.82 -9.61 -1.62
C ARG A 67 1.67 -8.84 -2.25
N ASP A 68 1.96 -8.19 -3.37
CA ASP A 68 0.97 -7.41 -4.07
C ASP A 68 -0.30 -8.25 -4.27
N GLN A 69 -0.10 -9.56 -4.31
CA GLN A 69 -1.20 -10.49 -4.49
C GLN A 69 -1.89 -10.74 -3.15
N ASP A 70 -1.13 -10.64 -2.08
CA ASP A 70 -1.65 -10.85 -0.75
C ASP A 70 -2.58 -9.70 -0.38
N ILE A 71 -3.67 -10.05 0.29
CA ILE A 71 -4.65 -9.05 0.70
C ILE A 71 -4.29 -8.55 2.10
N LEU A 72 -4.42 -7.25 2.28
CA LEU A 72 -4.11 -6.64 3.57
C LEU A 72 -4.68 -7.51 4.69
N SER A 73 -6.00 -7.52 4.79
CA SER A 73 -6.67 -8.31 5.82
C SER A 73 -6.09 -9.72 5.84
N GLN A 74 -6.13 -10.37 4.69
CA GLN A 74 -5.61 -11.72 4.59
C GLN A 74 -4.26 -11.84 5.30
N ARG A 75 -3.48 -10.77 5.19
CA ARG A 75 -2.17 -10.74 5.83
C ARG A 75 -2.31 -10.44 7.32
N GLY A 76 -3.28 -9.59 7.64
CA GLY A 76 -3.53 -9.21 9.02
C GLY A 76 -3.82 -7.72 9.13
N ILE A 77 -3.32 -6.97 8.15
CA ILE A 77 -3.53 -5.53 8.13
C ILE A 77 -4.99 -5.22 8.45
N LEU A 78 -5.21 -4.71 9.64
CA LEU A 78 -6.55 -4.37 10.08
C LEU A 78 -6.68 -2.85 10.17
N ASP A 79 -7.74 -2.41 10.85
CA ASP A 79 -7.99 -0.99 11.01
C ASP A 79 -7.09 -0.45 12.12
N GLY A 80 -6.41 0.65 11.80
CA GLY A 80 -5.51 1.27 12.76
C GLY A 80 -4.24 0.44 12.95
N SER A 81 -3.70 -0.01 11.83
CA SER A 81 -2.49 -0.81 11.84
C SER A 81 -1.31 0.00 11.28
N THR A 82 -0.11 -0.48 11.57
CA THR A 82 1.09 0.19 11.10
C THR A 82 1.77 -0.64 10.01
N VAL A 83 2.26 0.05 9.00
CA VAL A 83 2.93 -0.60 7.90
C VAL A 83 4.12 0.25 7.44
N HIS A 84 5.23 -0.44 7.21
CA HIS A 84 6.45 0.24 6.78
C HIS A 84 6.48 0.30 5.25
N VAL A 85 6.71 1.50 4.74
CA VAL A 85 6.78 1.71 3.30
C VAL A 85 8.23 1.72 2.86
N VAL A 86 8.45 1.28 1.63
CA VAL A 86 9.79 1.24 1.07
C VAL A 86 9.77 1.74 -0.37
N VAL A 87 10.91 2.23 -0.83
CA VAL A 87 11.03 2.73 -2.18
C VAL A 87 12.36 2.28 -2.78
N ARG A 88 12.45 0.97 -3.01
CA ARG A 88 13.67 0.40 -3.58
C ARG A 88 14.23 1.33 -4.66
N SER A 89 15.55 1.27 -4.82
CA SER A 89 16.22 2.08 -5.80
C SER A 89 17.60 1.51 -6.11
N HIS A 90 18.03 1.70 -7.35
CA HIS A 90 19.33 1.21 -7.78
C HIS A 90 20.41 1.75 -6.84
N SER A 91 21.37 0.88 -6.55
CA SER A 91 22.47 1.25 -5.67
C SER A 91 23.29 2.38 -6.29
N GLY A 92 23.66 3.33 -5.45
CA GLY A 92 24.44 4.47 -5.92
C GLY A 92 23.55 5.49 -6.63
N PRO A 93 23.13 6.53 -5.85
CA PRO A 93 22.27 7.57 -6.40
C PRO A 93 23.07 8.53 -7.29
N SER A 94 23.45 8.02 -8.45
CA SER A 94 24.22 8.80 -9.41
C SER A 94 25.32 9.57 -8.68
N SER A 95 26.46 8.91 -8.53
CA SER A 95 27.60 9.52 -7.85
C SER A 95 28.68 9.88 -8.87
N GLY A 96 28.40 10.93 -9.63
CA GLY A 96 29.34 11.39 -10.64
C GLY A 96 30.10 12.63 -10.16
N GLY A 1 -21.63 10.24 25.37
CA GLY A 1 -20.27 9.96 24.94
C GLY A 1 -20.13 10.15 23.43
N SER A 2 -19.09 9.54 22.89
CA SER A 2 -18.82 9.63 21.46
C SER A 2 -19.86 8.83 20.68
N SER A 3 -19.83 8.99 19.36
CA SER A 3 -20.76 8.28 18.50
C SER A 3 -20.02 7.21 17.71
N GLY A 4 -20.79 6.31 17.12
CA GLY A 4 -20.23 5.23 16.32
C GLY A 4 -21.32 4.32 15.79
N SER A 5 -21.06 3.74 14.63
CA SER A 5 -22.01 2.84 14.00
C SER A 5 -21.45 2.35 12.65
N SER A 6 -22.14 1.35 12.10
CA SER A 6 -21.73 0.79 10.82
C SER A 6 -20.32 0.21 10.94
N GLY A 7 -20.25 -1.11 10.75
CA GLY A 7 -18.97 -1.80 10.84
C GLY A 7 -19.09 -3.24 10.33
N VAL A 8 -19.33 -3.35 9.03
CA VAL A 8 -19.47 -4.66 8.40
C VAL A 8 -19.49 -4.49 6.88
N SER A 9 -18.60 -5.23 6.23
CA SER A 9 -18.50 -5.18 4.78
C SER A 9 -18.52 -6.59 4.20
N GLY A 10 -18.84 -6.66 2.92
CA GLY A 10 -18.90 -7.95 2.24
C GLY A 10 -18.85 -7.77 0.72
N ARG A 11 -19.46 -8.71 0.02
CA ARG A 11 -19.49 -8.67 -1.43
C ARG A 11 -20.14 -7.36 -1.91
N GLU A 12 -19.29 -6.40 -2.23
CA GLU A 12 -19.77 -5.10 -2.69
C GLU A 12 -18.60 -4.26 -3.22
N PRO A 13 -18.96 -3.15 -3.92
CA PRO A 13 -17.96 -2.26 -4.47
C PRO A 13 -17.31 -1.41 -3.37
N SER A 14 -16.09 -0.98 -3.65
CA SER A 14 -15.35 -0.16 -2.69
C SER A 14 -15.48 -0.75 -1.29
N SER A 15 -14.73 -1.82 -1.06
CA SER A 15 -14.75 -2.47 0.23
C SER A 15 -14.58 -1.45 1.35
N ARG A 16 -14.67 -1.94 2.57
CA ARG A 16 -14.53 -1.07 3.74
C ARG A 16 -13.12 -0.53 3.83
N ILE A 17 -13.02 0.76 4.12
CA ILE A 17 -11.74 1.42 4.24
C ILE A 17 -11.25 1.32 5.69
N ILE A 18 -9.93 1.32 5.85
CA ILE A 18 -9.33 1.23 7.16
C ILE A 18 -8.17 2.22 7.26
N ARG A 19 -7.89 2.63 8.48
CA ARG A 19 -6.81 3.58 8.73
C ARG A 19 -5.50 2.84 8.97
N VAL A 20 -4.65 2.83 7.95
CA VAL A 20 -3.37 2.14 8.05
C VAL A 20 -2.25 3.19 8.16
N SER A 21 -1.57 3.16 9.29
CA SER A 21 -0.49 4.09 9.54
C SER A 21 0.74 3.69 8.72
N VAL A 22 1.02 4.51 7.71
CA VAL A 22 2.18 4.25 6.85
C VAL A 22 3.41 4.93 7.44
N LYS A 23 4.41 4.12 7.74
CA LYS A 23 5.64 4.64 8.30
C LYS A 23 6.67 4.80 7.18
N THR A 24 7.09 6.04 6.99
CA THR A 24 8.08 6.34 5.95
C THR A 24 9.40 6.78 6.59
N PRO A 25 10.50 6.63 5.81
CA PRO A 25 11.82 7.02 6.28
C PRO A 25 11.99 8.54 6.28
N GLN A 26 11.20 9.18 7.12
CA GLN A 26 11.25 10.63 7.23
C GLN A 26 10.12 11.14 8.12
N ASP A 27 8.91 10.70 7.80
CA ASP A 27 7.73 11.10 8.57
C ASP A 27 6.74 9.94 8.61
N CYS A 28 5.57 10.23 9.16
CA CYS A 28 4.53 9.22 9.27
C CYS A 28 3.26 9.78 8.63
N HIS A 29 2.55 8.91 7.92
CA HIS A 29 1.32 9.30 7.26
C HIS A 29 0.32 8.14 7.33
N GLU A 30 -0.94 8.50 7.55
CA GLU A 30 -2.00 7.52 7.64
C GLU A 30 -2.80 7.49 6.34
N PHE A 31 -2.92 6.27 5.79
CA PHE A 31 -3.65 6.09 4.55
C PHE A 31 -4.96 5.32 4.79
N PHE A 32 -5.98 5.73 4.06
CA PHE A 32 -7.29 5.09 4.19
C PHE A 32 -7.70 4.43 2.88
N LEU A 33 -7.53 3.11 2.84
CA LEU A 33 -7.88 2.34 1.66
C LEU A 33 -8.63 1.08 2.08
N ALA A 34 -9.27 0.45 1.09
CA ALA A 34 -10.02 -0.77 1.35
C ALA A 34 -9.20 -1.69 2.24
N GLU A 35 -9.89 -2.33 3.17
CA GLU A 35 -9.23 -3.25 4.09
C GLU A 35 -8.91 -4.56 3.39
N ASN A 36 -9.61 -4.80 2.29
CA ASN A 36 -9.40 -6.02 1.51
C ASN A 36 -8.76 -5.66 0.18
N SER A 37 -8.13 -4.49 0.15
CA SER A 37 -7.48 -4.02 -1.06
C SER A 37 -6.08 -4.64 -1.17
N ASN A 38 -5.93 -5.49 -2.16
CA ASN A 38 -4.65 -6.17 -2.39
C ASN A 38 -3.51 -5.19 -2.11
N VAL A 39 -2.40 -5.74 -1.66
CA VAL A 39 -1.24 -4.93 -1.34
C VAL A 39 -0.97 -3.96 -2.49
N ARG A 40 -0.98 -4.52 -3.70
CA ARG A 40 -0.73 -3.71 -4.89
C ARG A 40 -1.46 -2.37 -4.78
N ARG A 41 -2.78 -2.46 -4.68
CA ARG A 41 -3.61 -1.27 -4.57
C ARG A 41 -3.03 -0.33 -3.51
N PHE A 42 -2.83 -0.88 -2.32
CA PHE A 42 -2.29 -0.10 -1.23
C PHE A 42 -1.02 0.66 -1.65
N LYS A 43 -0.23 0.00 -2.48
CA LYS A 43 1.00 0.59 -2.98
C LYS A 43 0.67 1.75 -3.91
N LYS A 44 -0.30 1.52 -4.79
CA LYS A 44 -0.72 2.54 -5.73
C LYS A 44 -0.95 3.85 -4.98
N GLN A 45 -1.74 3.76 -3.92
CA GLN A 45 -2.06 4.92 -3.13
C GLN A 45 -0.78 5.66 -2.74
N ILE A 46 0.18 4.90 -2.24
CA ILE A 46 1.45 5.47 -1.83
C ILE A 46 2.10 6.17 -3.02
N SER A 47 2.31 5.40 -4.08
CA SER A 47 2.92 5.94 -5.29
C SER A 47 2.29 7.28 -5.65
N LYS A 48 0.98 7.35 -5.44
CA LYS A 48 0.24 8.57 -5.73
C LYS A 48 0.85 9.73 -4.94
N TYR A 49 0.68 9.66 -3.62
CA TYR A 49 1.20 10.69 -2.74
C TYR A 49 2.73 10.75 -2.80
N LEU A 50 3.35 9.70 -2.31
CA LEU A 50 4.81 9.61 -2.32
C LEU A 50 5.34 10.18 -3.63
N HIS A 51 4.78 9.69 -4.72
CA HIS A 51 5.18 10.14 -6.04
C HIS A 51 6.35 9.28 -6.53
N CYS A 52 6.37 8.04 -6.05
CA CYS A 52 7.43 7.11 -6.44
C CYS A 52 6.81 6.02 -7.32
N ASN A 53 7.61 5.02 -7.61
CA ASN A 53 7.17 3.91 -8.44
C ASN A 53 6.74 2.74 -7.53
N ALA A 54 5.54 2.26 -7.78
CA ALA A 54 5.02 1.14 -7.01
C ALA A 54 5.91 -0.09 -7.20
N ASP A 55 6.41 -0.22 -8.42
CA ASP A 55 7.28 -1.34 -8.75
C ASP A 55 8.51 -1.31 -7.83
N ARG A 56 8.72 -0.17 -7.21
CA ARG A 56 9.84 0.00 -6.31
C ARG A 56 9.36 0.10 -4.86
N LEU A 57 8.06 -0.13 -4.69
CA LEU A 57 7.46 -0.06 -3.37
C LEU A 57 7.29 -1.49 -2.83
N VAL A 58 7.54 -1.63 -1.54
CA VAL A 58 7.41 -2.92 -0.89
C VAL A 58 6.57 -2.78 0.38
N LEU A 59 5.63 -3.70 0.53
CA LEU A 59 4.75 -3.68 1.68
C LEU A 59 5.34 -4.57 2.78
N ILE A 60 5.44 -4.00 3.97
CA ILE A 60 5.98 -4.73 5.11
C ILE A 60 5.15 -4.42 6.36
N PHE A 61 4.35 -5.40 6.76
CA PHE A 61 3.50 -5.25 7.93
C PHE A 61 4.02 -6.09 9.10
N THR A 62 3.97 -5.50 10.28
CA THR A 62 4.43 -6.18 11.47
C THR A 62 5.84 -6.73 11.27
N GLY A 63 6.55 -6.12 10.33
CA GLY A 63 7.90 -6.54 10.03
C GLY A 63 7.92 -7.71 9.06
N LYS A 64 6.73 -8.15 8.68
CA LYS A 64 6.58 -9.26 7.75
C LYS A 64 6.17 -8.72 6.38
N ILE A 65 7.01 -9.00 5.40
CA ILE A 65 6.75 -8.55 4.05
C ILE A 65 5.49 -9.24 3.52
N LEU A 66 4.85 -8.58 2.57
CA LEU A 66 3.63 -9.11 1.97
C LEU A 66 3.85 -9.30 0.47
N ARG A 67 2.73 -9.37 -0.25
CA ARG A 67 2.77 -9.55 -1.68
C ARG A 67 1.65 -8.76 -2.36
N ASP A 68 2.00 -8.11 -3.46
CA ASP A 68 1.03 -7.33 -4.20
C ASP A 68 -0.21 -8.19 -4.48
N GLN A 69 -0.02 -9.49 -4.43
CA GLN A 69 -1.11 -10.42 -4.67
C GLN A 69 -1.84 -10.72 -3.37
N ASP A 70 -1.12 -10.59 -2.27
CA ASP A 70 -1.69 -10.85 -0.96
C ASP A 70 -2.53 -9.63 -0.53
N ILE A 71 -3.61 -9.92 0.19
CA ILE A 71 -4.48 -8.87 0.66
C ILE A 71 -4.03 -8.42 2.05
N LEU A 72 -4.51 -7.25 2.44
CA LEU A 72 -4.17 -6.70 3.74
C LEU A 72 -4.81 -7.53 4.85
N SER A 73 -6.13 -7.43 4.93
CA SER A 73 -6.88 -8.17 5.93
C SER A 73 -6.46 -9.64 5.92
N GLN A 74 -6.58 -10.24 4.74
CA GLN A 74 -6.23 -11.64 4.58
C GLN A 74 -4.89 -11.93 5.27
N ARG A 75 -3.97 -10.99 5.12
CA ARG A 75 -2.66 -11.13 5.73
C ARG A 75 -2.73 -10.89 7.24
N GLY A 76 -3.41 -9.80 7.60
CA GLY A 76 -3.57 -9.46 9.01
C GLY A 76 -3.85 -7.96 9.17
N ILE A 77 -3.27 -7.18 8.26
CA ILE A 77 -3.45 -5.74 8.29
C ILE A 77 -4.92 -5.43 8.59
N LEU A 78 -5.15 -4.92 9.79
CA LEU A 78 -6.50 -4.57 10.21
C LEU A 78 -6.61 -3.05 10.33
N ASP A 79 -7.68 -2.62 10.97
CA ASP A 79 -7.92 -1.20 11.15
C ASP A 79 -7.05 -0.68 12.31
N GLY A 80 -6.36 0.42 12.03
CA GLY A 80 -5.49 1.02 13.03
C GLY A 80 -4.17 0.26 13.13
N SER A 81 -3.68 -0.19 11.99
CA SER A 81 -2.44 -0.93 11.94
C SER A 81 -1.32 -0.03 11.38
N THR A 82 -0.10 -0.48 11.60
CA THR A 82 1.06 0.27 11.13
C THR A 82 1.85 -0.56 10.11
N VAL A 83 2.05 0.03 8.94
CA VAL A 83 2.78 -0.64 7.88
C VAL A 83 3.95 0.25 7.44
N HIS A 84 5.09 -0.40 7.27
CA HIS A 84 6.30 0.31 6.86
C HIS A 84 6.36 0.38 5.34
N VAL A 85 6.66 1.57 4.84
CA VAL A 85 6.74 1.79 3.41
C VAL A 85 8.22 1.86 3.00
N VAL A 86 8.48 1.39 1.79
CA VAL A 86 9.83 1.39 1.27
C VAL A 86 9.80 1.81 -0.21
N VAL A 87 10.87 2.51 -0.61
CA VAL A 87 10.97 2.96 -1.99
C VAL A 87 12.34 2.57 -2.54
N ARG A 88 12.51 1.26 -2.74
CA ARG A 88 13.76 0.75 -3.26
C ARG A 88 14.27 1.65 -4.40
N SER A 89 15.59 1.81 -4.42
CA SER A 89 16.21 2.64 -5.44
C SER A 89 17.74 2.64 -5.25
N HIS A 90 18.14 2.93 -4.03
CA HIS A 90 19.55 2.97 -3.69
C HIS A 90 19.86 1.92 -2.63
N SER A 91 20.83 1.07 -2.94
CA SER A 91 21.23 0.03 -2.01
C SER A 91 22.64 0.29 -1.51
N GLY A 92 22.83 0.05 -0.21
CA GLY A 92 24.12 0.26 0.41
C GLY A 92 23.97 0.70 1.86
N PRO A 93 25.07 0.50 2.65
CA PRO A 93 25.08 0.87 4.05
C PRO A 93 25.18 2.39 4.22
N SER A 94 24.09 3.07 3.91
CA SER A 94 24.05 4.51 4.01
C SER A 94 24.67 4.96 5.35
N SER A 95 24.10 4.46 6.43
CA SER A 95 24.59 4.80 7.76
C SER A 95 23.81 4.01 8.81
N GLY A 96 24.32 2.84 9.14
CA GLY A 96 23.68 2.00 10.14
C GLY A 96 24.09 2.41 11.55
N GLY A 1 -14.62 -5.34 -15.59
CA GLY A 1 -14.37 -5.56 -17.00
C GLY A 1 -15.51 -5.00 -17.85
N SER A 2 -16.14 -5.89 -18.60
CA SER A 2 -17.24 -5.49 -19.46
C SER A 2 -16.76 -4.50 -20.51
N SER A 3 -16.11 -5.04 -21.54
CA SER A 3 -15.59 -4.21 -22.61
C SER A 3 -14.47 -3.33 -22.09
N GLY A 4 -13.24 -3.67 -22.50
CA GLY A 4 -12.07 -2.92 -22.08
C GLY A 4 -12.03 -1.55 -22.77
N SER A 5 -10.85 -0.95 -22.75
CA SER A 5 -10.67 0.36 -23.36
C SER A 5 -11.29 1.44 -22.50
N SER A 6 -12.60 1.30 -22.28
CA SER A 6 -13.33 2.26 -21.47
C SER A 6 -13.37 1.79 -20.01
N GLY A 7 -13.55 2.76 -19.13
CA GLY A 7 -13.60 2.47 -17.70
C GLY A 7 -14.49 3.49 -16.97
N VAL A 8 -15.65 3.01 -16.54
CA VAL A 8 -16.58 3.87 -15.83
C VAL A 8 -15.99 4.24 -14.47
N SER A 9 -16.23 5.48 -14.08
CA SER A 9 -15.73 5.98 -12.81
C SER A 9 -16.72 5.66 -11.69
N GLY A 10 -16.31 4.76 -10.81
CA GLY A 10 -17.16 4.37 -9.70
C GLY A 10 -17.25 5.48 -8.65
N ARG A 11 -18.45 5.65 -8.13
CA ARG A 11 -18.69 6.68 -7.12
C ARG A 11 -18.31 6.16 -5.74
N GLU A 12 -17.70 7.03 -4.95
CA GLU A 12 -17.29 6.68 -3.61
C GLU A 12 -16.32 5.49 -3.65
N PRO A 13 -15.64 5.26 -2.49
CA PRO A 13 -14.69 4.17 -2.38
C PRO A 13 -15.41 2.83 -2.26
N SER A 14 -14.74 1.79 -2.72
CA SER A 14 -15.30 0.45 -2.67
C SER A 14 -14.78 -0.28 -1.42
N SER A 15 -15.68 -1.01 -0.79
CA SER A 15 -15.33 -1.77 0.40
C SER A 15 -15.07 -0.82 1.56
N ARG A 16 -15.13 -1.36 2.77
CA ARG A 16 -14.90 -0.58 3.97
C ARG A 16 -13.43 -0.19 4.07
N ILE A 17 -13.20 1.13 4.13
CA ILE A 17 -11.85 1.64 4.23
C ILE A 17 -11.40 1.59 5.69
N ILE A 18 -10.10 1.40 5.86
CA ILE A 18 -9.52 1.33 7.20
C ILE A 18 -8.37 2.34 7.31
N ARG A 19 -8.00 2.62 8.55
CA ARG A 19 -6.93 3.56 8.80
C ARG A 19 -5.61 2.82 9.02
N VAL A 20 -4.78 2.84 7.98
CA VAL A 20 -3.49 2.17 8.02
C VAL A 20 -2.38 3.23 8.15
N SER A 21 -1.66 3.16 9.25
CA SER A 21 -0.58 4.09 9.50
C SER A 21 0.65 3.70 8.69
N VAL A 22 0.97 4.55 7.72
CA VAL A 22 2.11 4.30 6.85
C VAL A 22 3.35 4.93 7.47
N LYS A 23 4.34 4.09 7.74
CA LYS A 23 5.58 4.55 8.33
C LYS A 23 6.64 4.67 7.25
N THR A 24 7.11 5.91 7.06
CA THR A 24 8.12 6.18 6.05
C THR A 24 9.44 6.57 6.72
N PRO A 25 10.55 6.38 5.95
CA PRO A 25 11.88 6.71 6.45
C PRO A 25 12.10 8.22 6.47
N GLN A 26 11.30 8.90 7.27
CA GLN A 26 11.39 10.34 7.39
C GLN A 26 10.26 10.89 8.26
N ASP A 27 9.05 10.51 7.90
CA ASP A 27 7.87 10.95 8.63
C ASP A 27 6.85 9.80 8.69
N CYS A 28 5.74 10.09 9.35
CA CYS A 28 4.68 9.10 9.47
C CYS A 28 3.41 9.66 8.85
N HIS A 29 2.70 8.80 8.14
CA HIS A 29 1.47 9.20 7.48
C HIS A 29 0.38 8.14 7.75
N GLU A 30 -0.85 8.53 7.47
CA GLU A 30 -1.98 7.65 7.67
C GLU A 30 -2.81 7.53 6.39
N PHE A 31 -2.75 6.36 5.79
CA PHE A 31 -3.48 6.10 4.56
C PHE A 31 -4.81 5.39 4.85
N PHE A 32 -5.77 5.63 3.97
CA PHE A 32 -7.08 5.02 4.12
C PHE A 32 -7.53 4.36 2.81
N LEU A 33 -7.44 3.04 2.80
CA LEU A 33 -7.83 2.28 1.62
C LEU A 33 -8.65 1.07 2.06
N ALA A 34 -9.32 0.47 1.08
CA ALA A 34 -10.14 -0.70 1.35
C ALA A 34 -9.35 -1.70 2.20
N GLU A 35 -10.00 -2.16 3.27
CA GLU A 35 -9.38 -3.10 4.17
C GLU A 35 -9.07 -4.41 3.44
N ASN A 36 -9.81 -4.64 2.37
CA ASN A 36 -9.63 -5.84 1.57
C ASN A 36 -9.10 -5.46 0.19
N SER A 37 -8.01 -4.69 0.20
CA SER A 37 -7.40 -4.25 -1.04
C SER A 37 -5.98 -4.84 -1.16
N ASN A 38 -5.81 -5.66 -2.19
CA ASN A 38 -4.52 -6.29 -2.42
C ASN A 38 -3.40 -5.28 -2.12
N VAL A 39 -2.23 -5.82 -1.83
CA VAL A 39 -1.08 -4.98 -1.52
C VAL A 39 -0.84 -4.00 -2.67
N ARG A 40 -0.88 -4.54 -3.89
CA ARG A 40 -0.67 -3.72 -5.06
C ARG A 40 -1.45 -2.42 -4.96
N ARG A 41 -2.77 -2.56 -4.90
CA ARG A 41 -3.65 -1.41 -4.80
C ARG A 41 -3.14 -0.46 -3.71
N PHE A 42 -2.94 -1.02 -2.53
CA PHE A 42 -2.46 -0.23 -1.40
C PHE A 42 -1.23 0.58 -1.78
N LYS A 43 -0.35 -0.05 -2.56
CA LYS A 43 0.87 0.60 -2.99
C LYS A 43 0.51 1.81 -3.86
N LYS A 44 -0.39 1.58 -4.81
CA LYS A 44 -0.83 2.63 -5.70
C LYS A 44 -1.02 3.92 -4.92
N GLN A 45 -1.77 3.80 -3.83
CA GLN A 45 -2.04 4.95 -2.98
C GLN A 45 -0.73 5.64 -2.59
N ILE A 46 0.23 4.83 -2.15
CA ILE A 46 1.52 5.35 -1.75
C ILE A 46 2.21 5.98 -2.96
N SER A 47 2.40 5.18 -3.99
CA SER A 47 3.04 5.65 -5.21
C SER A 47 2.49 7.02 -5.59
N LYS A 48 1.18 7.17 -5.42
CA LYS A 48 0.52 8.42 -5.75
C LYS A 48 1.12 9.54 -4.90
N TYR A 49 0.83 9.49 -3.61
CA TYR A 49 1.32 10.49 -2.69
C TYR A 49 2.85 10.56 -2.72
N LEU A 50 3.47 9.43 -2.41
CA LEU A 50 4.92 9.34 -2.39
C LEU A 50 5.46 9.73 -3.77
N HIS A 51 4.57 9.70 -4.74
CA HIS A 51 4.94 10.05 -6.11
C HIS A 51 6.17 9.23 -6.53
N CYS A 52 6.05 7.92 -6.39
CA CYS A 52 7.14 7.03 -6.75
C CYS A 52 6.56 5.89 -7.58
N ASN A 53 7.43 4.95 -7.92
CA ASN A 53 7.03 3.81 -8.71
C ASN A 53 6.59 2.67 -7.79
N ALA A 54 5.44 2.10 -8.09
CA ALA A 54 4.90 1.01 -7.29
C ALA A 54 5.80 -0.21 -7.43
N ASP A 55 6.59 -0.21 -8.50
CA ASP A 55 7.50 -1.31 -8.76
C ASP A 55 8.67 -1.23 -7.79
N ARG A 56 8.86 -0.05 -7.22
CA ARG A 56 9.94 0.16 -6.27
C ARG A 56 9.39 0.32 -4.86
N LEU A 57 8.15 -0.14 -4.69
CA LEU A 57 7.49 -0.06 -3.40
C LEU A 57 7.32 -1.47 -2.84
N VAL A 58 7.57 -1.60 -1.54
CA VAL A 58 7.45 -2.88 -0.87
C VAL A 58 6.54 -2.73 0.35
N LEU A 59 5.66 -3.71 0.52
CA LEU A 59 4.73 -3.70 1.63
C LEU A 59 5.28 -4.57 2.76
N ILE A 60 5.34 -3.99 3.95
CA ILE A 60 5.84 -4.69 5.11
C ILE A 60 4.97 -4.37 6.32
N PHE A 61 4.18 -5.35 6.72
CA PHE A 61 3.30 -5.18 7.86
C PHE A 61 3.80 -5.95 9.08
N THR A 62 3.85 -5.26 10.20
CA THR A 62 4.32 -5.87 11.43
C THR A 62 5.68 -6.52 11.22
N GLY A 63 6.36 -6.10 10.17
CA GLY A 63 7.67 -6.63 9.84
C GLY A 63 7.58 -7.67 8.73
N LYS A 64 6.39 -8.28 8.62
CA LYS A 64 6.16 -9.29 7.62
C LYS A 64 5.92 -8.62 6.26
N ILE A 65 6.71 -9.03 5.29
CA ILE A 65 6.58 -8.48 3.95
C ILE A 65 5.36 -9.08 3.26
N LEU A 66 4.78 -8.28 2.37
CA LEU A 66 3.60 -8.71 1.64
C LEU A 66 3.90 -8.74 0.14
N ARG A 67 2.89 -9.09 -0.63
CA ARG A 67 3.04 -9.14 -2.08
C ARG A 67 1.78 -8.62 -2.77
N ASP A 68 1.98 -8.02 -3.93
CA ASP A 68 0.87 -7.48 -4.70
C ASP A 68 -0.28 -8.49 -4.70
N GLN A 69 0.09 -9.76 -4.73
CA GLN A 69 -0.90 -10.83 -4.73
C GLN A 69 -1.25 -11.23 -3.31
N ASP A 70 -1.32 -10.24 -2.44
CA ASP A 70 -1.64 -10.48 -1.04
C ASP A 70 -2.63 -9.42 -0.56
N ILE A 71 -3.62 -9.87 0.20
CA ILE A 71 -4.63 -8.98 0.73
C ILE A 71 -4.23 -8.53 2.14
N LEU A 72 -4.46 -7.27 2.42
CA LEU A 72 -4.14 -6.71 3.72
C LEU A 72 -4.78 -7.57 4.80
N SER A 73 -6.09 -7.47 4.89
CA SER A 73 -6.84 -8.23 5.88
C SER A 73 -6.29 -9.66 5.98
N GLN A 74 -6.26 -10.31 4.82
CA GLN A 74 -5.76 -11.67 4.75
C GLN A 74 -4.48 -11.81 5.58
N ARG A 75 -3.54 -10.91 5.33
CA ARG A 75 -2.28 -10.92 6.04
C ARG A 75 -2.50 -10.62 7.52
N GLY A 76 -3.43 -9.71 7.78
CA GLY A 76 -3.75 -9.32 9.14
C GLY A 76 -4.04 -7.82 9.23
N ILE A 77 -3.42 -7.08 8.33
CA ILE A 77 -3.61 -5.64 8.29
C ILE A 77 -5.07 -5.31 8.57
N LEU A 78 -5.30 -4.76 9.75
CA LEU A 78 -6.65 -4.39 10.16
C LEU A 78 -6.75 -2.87 10.25
N ASP A 79 -7.76 -2.42 10.99
CA ASP A 79 -7.97 -1.00 11.16
C ASP A 79 -7.06 -0.48 12.27
N GLY A 80 -6.37 0.61 11.96
CA GLY A 80 -5.45 1.21 12.90
C GLY A 80 -4.16 0.40 13.03
N SER A 81 -3.66 -0.04 11.87
CA SER A 81 -2.45 -0.82 11.83
C SER A 81 -1.28 0.04 11.31
N THR A 82 -0.08 -0.47 11.52
CA THR A 82 1.11 0.24 11.08
C THR A 82 1.86 -0.58 10.03
N VAL A 83 2.00 0.00 8.85
CA VAL A 83 2.69 -0.67 7.76
C VAL A 83 3.89 0.19 7.33
N HIS A 84 5.04 -0.46 7.24
CA HIS A 84 6.26 0.22 6.84
C HIS A 84 6.32 0.32 5.31
N VAL A 85 6.59 1.53 4.85
CA VAL A 85 6.67 1.77 3.42
C VAL A 85 8.15 1.81 2.99
N VAL A 86 8.39 1.34 1.78
CA VAL A 86 9.74 1.32 1.25
C VAL A 86 9.73 1.80 -0.20
N VAL A 87 10.82 2.45 -0.59
CA VAL A 87 10.93 2.97 -1.95
C VAL A 87 12.32 2.62 -2.50
N ARG A 88 12.59 1.32 -2.54
CA ARG A 88 13.87 0.84 -3.05
C ARG A 88 14.21 1.54 -4.37
N SER A 89 15.43 1.29 -4.82
CA SER A 89 15.89 1.88 -6.06
C SER A 89 17.21 1.24 -6.50
N HIS A 90 18.20 1.33 -5.61
CA HIS A 90 19.50 0.76 -5.89
C HIS A 90 20.01 1.27 -7.24
N SER A 91 20.49 2.49 -7.22
CA SER A 91 21.00 3.12 -8.44
C SER A 91 21.44 4.56 -8.15
N GLY A 92 22.70 4.68 -7.75
CA GLY A 92 23.25 6.00 -7.44
C GLY A 92 22.37 6.73 -6.44
N PRO A 93 22.31 8.08 -6.62
CA PRO A 93 21.51 8.91 -5.73
C PRO A 93 20.02 8.78 -6.05
N SER A 94 19.29 8.24 -5.08
CA SER A 94 17.86 8.05 -5.24
C SER A 94 17.20 9.34 -5.74
N SER A 95 17.85 10.45 -5.42
CA SER A 95 17.35 11.75 -5.82
C SER A 95 18.25 12.35 -6.91
N GLY A 96 17.62 13.12 -7.79
CA GLY A 96 18.35 13.75 -8.87
C GLY A 96 19.27 14.85 -8.35
N GLY A 1 -4.88 -18.91 -18.34
CA GLY A 1 -4.06 -18.15 -19.27
C GLY A 1 -4.90 -17.13 -20.04
N SER A 2 -4.34 -16.67 -21.15
CA SER A 2 -5.03 -15.70 -21.98
C SER A 2 -5.31 -14.42 -21.18
N SER A 3 -5.38 -13.32 -21.90
CA SER A 3 -5.64 -12.03 -21.27
C SER A 3 -7.12 -11.67 -21.41
N GLY A 4 -7.74 -11.39 -20.27
CA GLY A 4 -9.15 -11.03 -20.25
C GLY A 4 -9.38 -9.67 -20.92
N SER A 5 -9.15 -8.63 -20.13
CA SER A 5 -9.33 -7.28 -20.63
C SER A 5 -10.77 -7.09 -21.12
N SER A 6 -11.17 -5.83 -21.22
CA SER A 6 -12.51 -5.50 -21.67
C SER A 6 -13.55 -6.09 -20.71
N GLY A 7 -14.11 -5.21 -19.89
CA GLY A 7 -15.12 -5.64 -18.93
C GLY A 7 -15.68 -4.44 -18.15
N VAL A 8 -16.42 -4.75 -17.09
CA VAL A 8 -17.01 -3.71 -16.27
C VAL A 8 -15.93 -3.10 -15.37
N SER A 9 -15.69 -1.82 -15.58
CA SER A 9 -14.70 -1.10 -14.79
C SER A 9 -15.34 -0.55 -13.51
N GLY A 10 -14.48 -0.09 -12.61
CA GLY A 10 -14.94 0.47 -11.36
C GLY A 10 -14.21 1.78 -11.03
N ARG A 11 -14.99 2.76 -10.62
CA ARG A 11 -14.44 4.07 -10.28
C ARG A 11 -14.61 4.34 -8.78
N GLU A 12 -14.64 3.26 -8.01
CA GLU A 12 -14.81 3.37 -6.57
C GLU A 12 -13.78 2.50 -5.84
N PRO A 13 -13.68 2.72 -4.51
CA PRO A 13 -12.74 1.96 -3.70
C PRO A 13 -13.26 0.55 -3.46
N SER A 14 -14.57 0.44 -3.27
CA SER A 14 -15.20 -0.84 -3.04
C SER A 14 -14.67 -1.45 -1.74
N SER A 15 -15.60 -1.85 -0.88
CA SER A 15 -15.25 -2.44 0.39
C SER A 15 -15.00 -1.34 1.43
N ARG A 16 -15.18 -1.71 2.69
CA ARG A 16 -14.99 -0.78 3.78
C ARG A 16 -13.53 -0.34 3.84
N ILE A 17 -13.33 0.93 4.21
CA ILE A 17 -11.99 1.48 4.32
C ILE A 17 -11.50 1.34 5.76
N ILE A 18 -10.19 1.37 5.90
CA ILE A 18 -9.58 1.24 7.22
C ILE A 18 -8.41 2.23 7.32
N ARG A 19 -8.05 2.52 8.56
CA ARG A 19 -6.95 3.45 8.82
C ARG A 19 -5.64 2.68 8.96
N VAL A 20 -4.83 2.71 7.91
CA VAL A 20 -3.56 2.03 7.91
C VAL A 20 -2.43 3.06 8.06
N SER A 21 -1.68 2.91 9.13
CA SER A 21 -0.58 3.81 9.40
C SER A 21 0.61 3.49 8.48
N VAL A 22 1.10 4.52 7.82
CA VAL A 22 2.23 4.36 6.92
C VAL A 22 3.48 4.99 7.54
N LYS A 23 4.48 4.16 7.74
CA LYS A 23 5.73 4.63 8.32
C LYS A 23 6.79 4.72 7.23
N THR A 24 7.26 5.93 7.00
CA THR A 24 8.28 6.19 5.99
C THR A 24 9.61 6.55 6.65
N PRO A 25 10.71 6.33 5.88
CA PRO A 25 12.05 6.63 6.38
C PRO A 25 12.30 8.14 6.38
N GLN A 26 11.29 8.88 6.82
CA GLN A 26 11.39 10.33 6.88
C GLN A 26 10.35 10.89 7.84
N ASP A 27 9.09 10.59 7.54
CA ASP A 27 7.99 11.06 8.38
C ASP A 27 6.98 9.93 8.57
N CYS A 28 5.89 10.26 9.23
CA CYS A 28 4.84 9.28 9.49
C CYS A 28 3.54 9.80 8.89
N HIS A 29 2.93 8.95 8.07
CA HIS A 29 1.68 9.30 7.43
C HIS A 29 0.67 8.17 7.59
N GLU A 30 -0.60 8.51 7.40
CA GLU A 30 -1.66 7.52 7.52
C GLU A 30 -2.54 7.52 6.28
N PHE A 31 -2.84 6.33 5.79
CA PHE A 31 -3.66 6.19 4.60
C PHE A 31 -4.97 5.47 4.93
N PHE A 32 -5.92 5.61 4.03
CA PHE A 32 -7.22 4.98 4.20
C PHE A 32 -7.73 4.38 2.89
N LEU A 33 -7.61 3.06 2.79
CA LEU A 33 -8.05 2.36 1.60
C LEU A 33 -8.81 1.09 2.01
N ALA A 34 -9.52 0.54 1.04
CA ALA A 34 -10.30 -0.67 1.29
C ALA A 34 -9.49 -1.62 2.17
N GLU A 35 -10.17 -2.17 3.17
CA GLU A 35 -9.53 -3.10 4.09
C GLU A 35 -9.21 -4.42 3.38
N ASN A 36 -9.85 -4.61 2.23
CA ASN A 36 -9.64 -5.80 1.45
C ASN A 36 -9.02 -5.44 0.10
N SER A 37 -8.09 -4.49 0.15
CA SER A 37 -7.42 -4.04 -1.06
C SER A 37 -6.04 -4.71 -1.17
N ASN A 38 -5.91 -5.52 -2.21
CA ASN A 38 -4.66 -6.22 -2.45
C ASN A 38 -3.49 -5.30 -2.11
N VAL A 39 -2.38 -5.92 -1.74
CA VAL A 39 -1.18 -5.18 -1.39
C VAL A 39 -0.85 -4.19 -2.51
N ARG A 40 -0.96 -4.67 -3.73
CA ARG A 40 -0.67 -3.85 -4.89
C ARG A 40 -1.39 -2.50 -4.77
N ARG A 41 -2.71 -2.55 -4.87
CA ARG A 41 -3.51 -1.35 -4.77
C ARG A 41 -2.98 -0.44 -3.66
N PHE A 42 -2.88 -1.02 -2.47
CA PHE A 42 -2.38 -0.28 -1.32
C PHE A 42 -1.08 0.45 -1.64
N LYS A 43 -0.24 -0.24 -2.41
CA LYS A 43 1.04 0.33 -2.80
C LYS A 43 0.80 1.54 -3.71
N LYS A 44 -0.12 1.37 -4.64
CA LYS A 44 -0.46 2.43 -5.57
C LYS A 44 -0.77 3.71 -4.79
N GLN A 45 -1.70 3.59 -3.86
CA GLN A 45 -2.09 4.72 -3.04
C GLN A 45 -0.86 5.44 -2.51
N ILE A 46 0.15 4.66 -2.15
CA ILE A 46 1.38 5.21 -1.62
C ILE A 46 2.10 5.98 -2.73
N SER A 47 2.14 5.37 -3.91
CA SER A 47 2.79 5.99 -5.05
C SER A 47 2.17 7.35 -5.34
N LYS A 48 0.84 7.39 -5.24
CA LYS A 48 0.11 8.62 -5.48
C LYS A 48 0.78 9.76 -4.71
N TYR A 49 1.11 9.48 -3.46
CA TYR A 49 1.76 10.46 -2.61
C TYR A 49 3.29 10.39 -2.72
N LEU A 50 3.82 9.26 -2.28
CA LEU A 50 5.26 9.04 -2.33
C LEU A 50 5.78 9.45 -3.70
N HIS A 51 4.90 9.36 -4.69
CA HIS A 51 5.27 9.72 -6.05
C HIS A 51 6.68 9.21 -6.35
N CYS A 52 6.87 7.92 -6.13
CA CYS A 52 8.16 7.30 -6.37
C CYS A 52 7.92 5.92 -7.00
N ASN A 53 6.86 5.85 -7.79
CA ASN A 53 6.51 4.59 -8.45
C ASN A 53 6.20 3.53 -7.39
N ALA A 54 5.18 2.75 -7.66
CA ALA A 54 4.78 1.69 -6.76
C ALA A 54 5.59 0.43 -7.04
N ASP A 55 6.12 0.38 -8.25
CA ASP A 55 6.93 -0.76 -8.67
C ASP A 55 8.15 -0.88 -7.76
N ARG A 56 8.53 0.25 -7.18
CA ARG A 56 9.67 0.29 -6.29
C ARG A 56 9.21 0.34 -4.83
N LEU A 57 7.92 0.09 -4.64
CA LEU A 57 7.34 0.11 -3.31
C LEU A 57 7.21 -1.33 -2.80
N VAL A 58 7.46 -1.50 -1.51
CA VAL A 58 7.38 -2.80 -0.89
C VAL A 58 6.52 -2.71 0.38
N LEU A 59 5.50 -3.55 0.43
CA LEU A 59 4.61 -3.58 1.58
C LEU A 59 5.22 -4.43 2.69
N ILE A 60 5.30 -3.83 3.86
CA ILE A 60 5.87 -4.51 5.02
C ILE A 60 5.01 -4.21 6.25
N PHE A 61 4.27 -5.23 6.67
CA PHE A 61 3.41 -5.09 7.83
C PHE A 61 3.90 -5.98 8.98
N THR A 62 4.35 -5.32 10.04
CA THR A 62 4.84 -6.03 11.20
C THR A 62 6.29 -6.48 10.98
N GLY A 63 6.79 -6.16 9.80
CA GLY A 63 8.16 -6.52 9.45
C GLY A 63 8.18 -7.61 8.38
N LYS A 64 7.01 -8.16 8.12
CA LYS A 64 6.89 -9.21 7.12
C LYS A 64 6.46 -8.58 5.78
N ILE A 65 7.25 -8.87 4.75
CA ILE A 65 6.96 -8.35 3.43
C ILE A 65 5.73 -9.05 2.86
N LEU A 66 4.82 -8.25 2.31
CA LEU A 66 3.61 -8.78 1.72
C LEU A 66 3.81 -8.98 0.22
N ARG A 67 2.71 -9.29 -0.45
CA ARG A 67 2.75 -9.50 -1.89
C ARG A 67 1.53 -8.87 -2.56
N ASP A 68 1.79 -8.16 -3.64
CA ASP A 68 0.73 -7.50 -4.39
C ASP A 68 -0.46 -8.46 -4.53
N GLN A 69 -0.14 -9.75 -4.55
CA GLN A 69 -1.16 -10.77 -4.68
C GLN A 69 -1.64 -11.23 -3.30
N ASP A 70 -1.73 -10.26 -2.40
CA ASP A 70 -2.17 -10.55 -1.05
C ASP A 70 -3.04 -9.40 -0.53
N ILE A 71 -4.12 -9.76 0.14
CA ILE A 71 -5.03 -8.77 0.68
C ILE A 71 -4.57 -8.37 2.09
N LEU A 72 -4.69 -7.08 2.37
CA LEU A 72 -4.28 -6.56 3.66
C LEU A 72 -4.88 -7.43 4.77
N SER A 73 -6.20 -7.32 4.92
CA SER A 73 -6.90 -8.10 5.93
C SER A 73 -6.41 -9.55 5.92
N GLN A 74 -6.37 -10.12 4.72
CA GLN A 74 -5.93 -11.49 4.56
C GLN A 74 -4.60 -11.70 5.28
N ARG A 75 -3.69 -10.75 5.09
CA ARG A 75 -2.38 -10.83 5.71
C ARG A 75 -2.51 -10.63 7.23
N GLY A 76 -3.31 -9.64 7.60
CA GLY A 76 -3.53 -9.34 9.00
C GLY A 76 -3.85 -7.86 9.20
N ILE A 77 -3.33 -7.05 8.29
CA ILE A 77 -3.56 -5.61 8.35
C ILE A 77 -5.04 -5.35 8.64
N LEU A 78 -5.29 -4.81 9.82
CA LEU A 78 -6.65 -4.50 10.24
C LEU A 78 -6.79 -2.99 10.44
N ASP A 79 -7.90 -2.61 11.06
CA ASP A 79 -8.16 -1.20 11.32
C ASP A 79 -7.23 -0.71 12.43
N GLY A 80 -6.43 0.29 12.08
CA GLY A 80 -5.49 0.87 13.03
C GLY A 80 -4.20 0.04 13.08
N SER A 81 -3.64 -0.20 11.90
CA SER A 81 -2.41 -0.97 11.81
C SER A 81 -1.28 -0.08 11.27
N THR A 82 -0.06 -0.50 11.57
CA THR A 82 1.11 0.25 11.12
C THR A 82 1.87 -0.54 10.05
N VAL A 83 2.00 0.09 8.89
CA VAL A 83 2.71 -0.54 7.77
C VAL A 83 3.90 0.32 7.38
N HIS A 84 5.04 -0.35 7.23
CA HIS A 84 6.26 0.35 6.86
C HIS A 84 6.34 0.46 5.33
N VAL A 85 6.59 1.68 4.88
CA VAL A 85 6.70 1.94 3.45
C VAL A 85 8.17 1.95 3.04
N VAL A 86 8.42 1.56 1.79
CA VAL A 86 9.77 1.52 1.27
C VAL A 86 9.76 1.95 -0.19
N VAL A 87 10.86 2.57 -0.60
CA VAL A 87 10.98 3.03 -1.97
C VAL A 87 12.26 2.47 -2.59
N ARG A 88 12.26 1.15 -2.76
CA ARG A 88 13.41 0.48 -3.34
C ARG A 88 13.99 1.29 -4.50
N SER A 89 15.21 0.96 -4.87
CA SER A 89 15.88 1.64 -5.96
C SER A 89 17.29 1.08 -6.15
N HIS A 90 17.77 1.16 -7.38
CA HIS A 90 19.10 0.66 -7.71
C HIS A 90 20.15 1.55 -7.04
N SER A 91 20.97 0.92 -6.21
CA SER A 91 22.02 1.64 -5.52
C SER A 91 23.38 1.02 -5.83
N GLY A 92 23.50 -0.27 -5.54
CA GLY A 92 24.73 -0.98 -5.79
C GLY A 92 25.57 -1.11 -4.51
N PRO A 93 26.89 -1.29 -4.71
CA PRO A 93 27.82 -1.42 -3.59
C PRO A 93 28.07 -0.07 -2.94
N SER A 94 28.37 -0.12 -1.64
CA SER A 94 28.64 1.10 -0.89
C SER A 94 29.59 2.01 -1.67
N SER A 95 29.34 3.30 -1.57
CA SER A 95 30.16 4.28 -2.26
C SER A 95 30.21 3.96 -3.76
N GLY A 96 29.41 4.69 -4.52
CA GLY A 96 29.36 4.50 -5.96
C GLY A 96 29.12 5.82 -6.69
N GLY A 1 -1.85 4.01 -23.34
CA GLY A 1 -1.47 2.61 -23.35
C GLY A 1 -1.70 2.00 -24.73
N SER A 2 -2.31 0.82 -24.74
CA SER A 2 -2.60 0.13 -25.99
C SER A 2 -3.67 -0.93 -25.74
N SER A 3 -4.88 -0.61 -26.20
CA SER A 3 -6.00 -1.53 -26.04
C SER A 3 -6.27 -1.78 -24.56
N GLY A 4 -7.41 -1.28 -24.11
CA GLY A 4 -7.81 -1.43 -22.72
C GLY A 4 -8.24 -0.10 -22.12
N SER A 5 -9.55 0.07 -21.99
CA SER A 5 -10.10 1.30 -21.43
C SER A 5 -10.67 1.02 -20.04
N SER A 6 -10.70 2.06 -19.23
CA SER A 6 -11.22 1.95 -17.88
C SER A 6 -12.20 3.08 -17.60
N GLY A 7 -12.95 2.93 -16.51
CA GLY A 7 -13.93 3.94 -16.12
C GLY A 7 -13.26 5.08 -15.34
N VAL A 8 -12.92 6.12 -16.07
CA VAL A 8 -12.29 7.28 -15.47
C VAL A 8 -13.22 7.87 -14.40
N SER A 9 -12.64 8.10 -13.23
CA SER A 9 -13.40 8.66 -12.12
C SER A 9 -14.55 7.70 -11.74
N GLY A 10 -14.52 7.28 -10.48
CA GLY A 10 -15.55 6.37 -9.99
C GLY A 10 -14.95 5.32 -9.06
N ARG A 11 -15.30 5.41 -7.80
CA ARG A 11 -14.81 4.47 -6.80
C ARG A 11 -15.95 3.96 -5.93
N GLU A 12 -16.61 4.91 -5.28
CA GLU A 12 -17.73 4.57 -4.40
C GLU A 12 -17.24 3.72 -3.22
N PRO A 13 -18.04 3.74 -2.13
CA PRO A 13 -17.71 2.97 -0.95
C PRO A 13 -17.99 1.48 -1.16
N SER A 14 -17.07 0.84 -1.88
CA SER A 14 -17.22 -0.59 -2.16
C SER A 14 -16.82 -1.40 -0.94
N SER A 15 -15.52 -1.39 -0.65
CA SER A 15 -15.00 -2.13 0.49
C SER A 15 -14.75 -1.17 1.66
N ARG A 16 -14.99 -1.69 2.85
CA ARG A 16 -14.80 -0.90 4.06
C ARG A 16 -13.35 -0.41 4.16
N ILE A 17 -13.20 0.90 4.16
CA ILE A 17 -11.89 1.50 4.25
C ILE A 17 -11.37 1.39 5.68
N ILE A 18 -10.05 1.39 5.80
CA ILE A 18 -9.41 1.28 7.10
C ILE A 18 -8.26 2.27 7.18
N ARG A 19 -7.95 2.67 8.41
CA ARG A 19 -6.87 3.61 8.64
C ARG A 19 -5.56 2.88 8.90
N VAL A 20 -4.72 2.85 7.86
CA VAL A 20 -3.44 2.17 7.96
C VAL A 20 -2.33 3.22 8.11
N SER A 21 -1.56 3.08 9.19
CA SER A 21 -0.47 4.00 9.46
C SER A 21 0.77 3.60 8.65
N VAL A 22 1.06 4.41 7.64
CA VAL A 22 2.21 4.16 6.79
C VAL A 22 3.44 4.82 7.39
N LYS A 23 4.44 4.00 7.70
CA LYS A 23 5.67 4.49 8.27
C LYS A 23 6.71 4.65 7.17
N THR A 24 7.13 5.90 6.97
CA THR A 24 8.12 6.20 5.95
C THR A 24 9.42 6.67 6.61
N PRO A 25 10.53 6.58 5.81
CA PRO A 25 11.83 6.99 6.29
C PRO A 25 11.95 8.51 6.33
N GLN A 26 10.94 9.13 6.91
CA GLN A 26 10.91 10.58 7.03
C GLN A 26 9.88 11.01 8.07
N ASP A 27 8.64 10.58 7.85
CA ASP A 27 7.56 10.91 8.76
C ASP A 27 6.49 9.82 8.69
N CYS A 28 5.42 10.05 9.44
CA CYS A 28 4.32 9.10 9.47
C CYS A 28 3.13 9.72 8.74
N HIS A 29 2.44 8.89 7.97
CA HIS A 29 1.28 9.35 7.22
C HIS A 29 0.23 8.23 7.16
N GLU A 30 -0.86 8.46 7.87
CA GLU A 30 -1.93 7.48 7.91
C GLU A 30 -2.81 7.60 6.65
N PHE A 31 -3.05 6.46 6.03
CA PHE A 31 -3.86 6.42 4.82
C PHE A 31 -5.20 5.72 5.08
N PHE A 32 -6.08 5.82 4.10
CA PHE A 32 -7.39 5.21 4.21
C PHE A 32 -7.81 4.56 2.89
N LEU A 33 -7.65 3.25 2.83
CA LEU A 33 -8.00 2.50 1.63
C LEU A 33 -8.75 1.23 2.02
N ALA A 34 -9.38 0.62 1.03
CA ALA A 34 -10.13 -0.61 1.27
C ALA A 34 -9.30 -1.54 2.14
N GLU A 35 -9.99 -2.18 3.09
CA GLU A 35 -9.33 -3.11 4.00
C GLU A 35 -9.06 -4.43 3.28
N ASN A 36 -9.73 -4.62 2.15
CA ASN A 36 -9.57 -5.83 1.38
C ASN A 36 -8.84 -5.50 0.07
N SER A 37 -8.29 -4.30 0.03
CA SER A 37 -7.57 -3.85 -1.16
C SER A 37 -6.20 -4.52 -1.21
N ASN A 38 -6.04 -5.41 -2.19
CA ASN A 38 -4.78 -6.11 -2.36
C ASN A 38 -3.62 -5.16 -2.05
N VAL A 39 -2.52 -5.76 -1.60
CA VAL A 39 -1.33 -4.97 -1.27
C VAL A 39 -1.02 -4.02 -2.42
N ARG A 40 -0.93 -4.59 -3.62
CA ARG A 40 -0.65 -3.80 -4.80
C ARG A 40 -1.36 -2.45 -4.74
N ARG A 41 -2.69 -2.53 -4.72
CA ARG A 41 -3.51 -1.32 -4.66
C ARG A 41 -2.94 -0.35 -3.62
N PHE A 42 -2.80 -0.87 -2.40
CA PHE A 42 -2.28 -0.06 -1.31
C PHE A 42 -0.99 0.65 -1.72
N LYS A 43 -0.14 -0.10 -2.41
CA LYS A 43 1.14 0.45 -2.86
C LYS A 43 0.87 1.61 -3.81
N LYS A 44 -0.06 1.40 -4.73
CA LYS A 44 -0.42 2.42 -5.70
C LYS A 44 -0.81 3.70 -4.96
N GLN A 45 -1.65 3.53 -3.94
CA GLN A 45 -2.11 4.67 -3.16
C GLN A 45 -0.92 5.52 -2.71
N ILE A 46 0.19 4.83 -2.41
CA ILE A 46 1.39 5.50 -1.98
C ILE A 46 2.03 6.23 -3.17
N SER A 47 2.09 5.51 -4.28
CA SER A 47 2.68 6.07 -5.49
C SER A 47 1.96 7.37 -5.87
N LYS A 48 0.73 7.50 -5.37
CA LYS A 48 -0.07 8.68 -5.65
C LYS A 48 0.51 9.87 -4.89
N TYR A 49 0.60 9.71 -3.58
CA TYR A 49 1.13 10.77 -2.73
C TYR A 49 2.66 10.79 -2.77
N LEU A 50 3.26 9.76 -2.18
CA LEU A 50 4.70 9.65 -2.15
C LEU A 50 5.27 10.01 -3.52
N HIS A 51 4.46 9.79 -4.54
CA HIS A 51 4.86 10.08 -5.90
C HIS A 51 6.08 9.24 -6.27
N CYS A 52 5.96 7.95 -6.02
CA CYS A 52 7.05 7.02 -6.32
C CYS A 52 6.52 5.95 -7.27
N ASN A 53 7.31 4.89 -7.41
CA ASN A 53 6.93 3.79 -8.28
C ASN A 53 6.56 2.58 -7.44
N ALA A 54 5.33 2.13 -7.62
CA ALA A 54 4.84 0.98 -6.88
C ALA A 54 5.79 -0.21 -7.09
N ASP A 55 6.46 -0.19 -8.23
CA ASP A 55 7.40 -1.25 -8.56
C ASP A 55 8.59 -1.18 -7.60
N ARG A 56 8.82 0.00 -7.07
CA ARG A 56 9.92 0.21 -6.14
C ARG A 56 9.40 0.27 -4.70
N LEU A 57 8.10 0.06 -4.58
CA LEU A 57 7.46 0.09 -3.27
C LEU A 57 7.30 -1.35 -2.75
N VAL A 58 7.52 -1.51 -1.46
CA VAL A 58 7.40 -2.81 -0.83
C VAL A 58 6.51 -2.70 0.40
N LEU A 59 5.56 -3.61 0.49
CA LEU A 59 4.63 -3.62 1.61
C LEU A 59 5.20 -4.54 2.71
N ILE A 60 5.27 -3.99 3.91
CA ILE A 60 5.78 -4.73 5.05
C ILE A 60 4.90 -4.46 6.27
N PHE A 61 4.29 -5.52 6.78
CA PHE A 61 3.42 -5.42 7.94
C PHE A 61 3.91 -6.31 9.07
N THR A 62 4.34 -5.67 10.14
CA THR A 62 4.83 -6.40 11.30
C THR A 62 6.28 -6.84 11.08
N GLY A 63 6.80 -6.47 9.92
CA GLY A 63 8.17 -6.82 9.58
C GLY A 63 8.20 -7.93 8.53
N LYS A 64 7.03 -8.48 8.27
CA LYS A 64 6.90 -9.55 7.30
C LYS A 64 6.41 -8.98 5.97
N ILE A 65 7.24 -9.13 4.95
CA ILE A 65 6.91 -8.64 3.63
C ILE A 65 5.64 -9.34 3.13
N LEU A 66 4.85 -8.58 2.36
CA LEU A 66 3.62 -9.12 1.82
C LEU A 66 3.71 -9.16 0.29
N ARG A 67 2.66 -9.69 -0.32
CA ARG A 67 2.61 -9.79 -1.77
C ARG A 67 1.41 -9.01 -2.31
N ASP A 68 1.50 -8.67 -3.59
CA ASP A 68 0.44 -7.93 -4.24
C ASP A 68 -0.82 -8.79 -4.30
N GLN A 69 -0.61 -10.10 -4.43
CA GLN A 69 -1.71 -11.04 -4.50
C GLN A 69 -2.24 -11.34 -3.10
N ASP A 70 -1.68 -10.63 -2.12
CA ASP A 70 -2.08 -10.82 -0.74
C ASP A 70 -2.96 -9.65 -0.31
N ILE A 71 -4.06 -9.99 0.35
CA ILE A 71 -5.00 -8.99 0.83
C ILE A 71 -4.58 -8.53 2.22
N LEU A 72 -4.67 -7.22 2.44
CA LEU A 72 -4.31 -6.64 3.71
C LEU A 72 -4.88 -7.50 4.84
N SER A 73 -6.20 -7.44 4.98
CA SER A 73 -6.87 -8.21 6.01
C SER A 73 -6.35 -9.65 6.03
N GLN A 74 -6.28 -10.24 4.84
CA GLN A 74 -5.79 -11.59 4.70
C GLN A 74 -4.44 -11.75 5.39
N ARG A 75 -3.60 -10.75 5.21
CA ARG A 75 -2.28 -10.76 5.81
C ARG A 75 -2.37 -10.47 7.31
N GLY A 76 -3.36 -9.65 7.66
CA GLY A 76 -3.56 -9.29 9.05
C GLY A 76 -3.89 -7.79 9.19
N ILE A 77 -3.32 -7.03 8.28
CA ILE A 77 -3.52 -5.58 8.28
C ILE A 77 -5.01 -5.28 8.55
N LEU A 78 -5.26 -4.77 9.74
CA LEU A 78 -6.61 -4.44 10.15
C LEU A 78 -6.74 -2.92 10.32
N ASP A 79 -7.83 -2.52 10.93
CA ASP A 79 -8.09 -1.10 11.17
C ASP A 79 -7.18 -0.60 12.30
N GLY A 80 -6.39 0.40 11.98
CA GLY A 80 -5.48 0.98 12.95
C GLY A 80 -4.20 0.15 13.08
N SER A 81 -3.63 -0.17 11.92
CA SER A 81 -2.41 -0.95 11.87
C SER A 81 -1.26 -0.12 11.33
N THR A 82 -0.05 -0.60 11.57
CA THR A 82 1.14 0.11 11.10
C THR A 82 1.85 -0.71 10.03
N VAL A 83 2.22 -0.04 8.95
CA VAL A 83 2.91 -0.70 7.86
C VAL A 83 4.10 0.16 7.42
N HIS A 84 5.22 -0.50 7.20
CA HIS A 84 6.43 0.18 6.79
C HIS A 84 6.47 0.28 5.26
N VAL A 85 6.71 1.49 4.77
CA VAL A 85 6.78 1.73 3.35
C VAL A 85 8.25 1.78 2.91
N VAL A 86 8.48 1.40 1.67
CA VAL A 86 9.82 1.39 1.11
C VAL A 86 9.78 1.95 -0.31
N VAL A 87 10.94 2.43 -0.76
CA VAL A 87 11.05 2.98 -2.09
C VAL A 87 12.46 2.72 -2.64
N ARG A 88 12.83 1.44 -2.65
CA ARG A 88 14.14 1.05 -3.13
C ARG A 88 14.45 1.75 -4.45
N SER A 89 15.52 2.53 -4.44
CA SER A 89 15.93 3.25 -5.62
C SER A 89 14.93 4.38 -5.92
N HIS A 90 15.41 5.60 -5.77
CA HIS A 90 14.57 6.76 -6.02
C HIS A 90 14.01 6.69 -7.45
N SER A 91 13.19 7.69 -7.77
CA SER A 91 12.58 7.75 -9.09
C SER A 91 12.87 9.11 -9.74
N GLY A 92 12.44 10.16 -9.06
CA GLY A 92 12.65 11.50 -9.56
C GLY A 92 11.36 12.32 -9.47
N PRO A 93 11.28 13.35 -10.37
CA PRO A 93 10.10 14.21 -10.39
C PRO A 93 8.92 13.51 -11.04
N SER A 94 9.21 12.85 -12.16
CA SER A 94 8.17 12.13 -12.89
C SER A 94 7.04 13.09 -13.28
N SER A 95 7.29 13.84 -14.35
CA SER A 95 6.31 14.80 -14.83
C SER A 95 5.20 14.07 -15.59
N GLY A 96 4.28 13.52 -14.82
CA GLY A 96 3.16 12.79 -15.41
C GLY A 96 3.36 11.27 -15.29
N GLY A 1 -0.39 -22.95 -8.09
CA GLY A 1 0.39 -21.84 -8.63
C GLY A 1 -0.16 -21.42 -10.00
N SER A 2 0.08 -20.15 -10.32
CA SER A 2 -0.38 -19.60 -11.59
C SER A 2 -1.87 -19.89 -11.78
N SER A 3 -2.69 -18.98 -11.27
CA SER A 3 -4.12 -19.12 -11.37
C SER A 3 -4.76 -17.79 -11.80
N GLY A 4 -5.91 -17.90 -12.44
CA GLY A 4 -6.62 -16.72 -12.90
C GLY A 4 -6.64 -15.63 -11.83
N SER A 5 -6.55 -14.39 -12.29
CA SER A 5 -6.55 -13.26 -11.38
C SER A 5 -7.94 -12.60 -11.37
N SER A 6 -8.42 -12.29 -12.57
CA SER A 6 -9.71 -11.65 -12.71
C SER A 6 -9.72 -10.30 -12.00
N GLY A 7 -10.47 -9.37 -12.57
CA GLY A 7 -10.58 -8.04 -12.00
C GLY A 7 -10.01 -6.99 -12.96
N VAL A 8 -8.73 -6.68 -12.76
CA VAL A 8 -8.06 -5.71 -13.59
C VAL A 8 -8.90 -4.42 -13.64
N SER A 9 -8.37 -3.44 -14.34
CA SER A 9 -9.06 -2.16 -14.47
C SER A 9 -8.99 -1.39 -13.15
N GLY A 10 -9.22 -0.09 -13.26
CA GLY A 10 -9.18 0.77 -12.08
C GLY A 10 -10.60 0.97 -11.50
N ARG A 11 -10.88 0.23 -10.45
CA ARG A 11 -12.18 0.32 -9.81
C ARG A 11 -12.08 1.12 -8.51
N GLU A 12 -13.22 1.59 -8.04
CA GLU A 12 -13.28 2.36 -6.83
C GLU A 12 -13.33 1.45 -5.60
N PRO A 13 -12.79 1.96 -4.47
CA PRO A 13 -12.76 1.19 -3.23
C PRO A 13 -14.15 1.15 -2.60
N SER A 14 -14.86 0.07 -2.89
CA SER A 14 -16.20 -0.11 -2.36
C SER A 14 -16.13 -0.78 -0.98
N SER A 15 -15.24 -1.74 -0.87
CA SER A 15 -15.05 -2.47 0.37
C SER A 15 -14.83 -1.48 1.52
N ARG A 16 -15.08 -1.96 2.73
CA ARG A 16 -14.91 -1.13 3.92
C ARG A 16 -13.46 -0.63 4.01
N ILE A 17 -13.32 0.66 4.28
CA ILE A 17 -12.02 1.27 4.40
C ILE A 17 -11.54 1.16 5.84
N ILE A 18 -10.23 1.31 6.01
CA ILE A 18 -9.63 1.24 7.34
C ILE A 18 -8.57 2.33 7.48
N ARG A 19 -7.94 2.34 8.64
CA ARG A 19 -6.90 3.33 8.91
C ARG A 19 -5.56 2.64 9.16
N VAL A 20 -4.71 2.68 8.14
CA VAL A 20 -3.40 2.07 8.22
C VAL A 20 -2.34 3.16 8.33
N SER A 21 -1.52 3.06 9.37
CA SER A 21 -0.47 4.03 9.60
C SER A 21 0.75 3.68 8.74
N VAL A 22 0.99 4.50 7.75
CA VAL A 22 2.12 4.29 6.85
C VAL A 22 3.36 4.95 7.44
N LYS A 23 4.38 4.13 7.68
CA LYS A 23 5.62 4.63 8.24
C LYS A 23 6.67 4.74 7.13
N THR A 24 7.11 5.97 6.91
CA THR A 24 8.11 6.23 5.88
C THR A 24 9.44 6.62 6.52
N PRO A 25 10.53 6.43 5.73
CA PRO A 25 11.87 6.76 6.20
C PRO A 25 12.10 8.27 6.21
N GLN A 26 11.31 8.94 7.03
CA GLN A 26 11.41 10.39 7.13
C GLN A 26 10.30 10.94 8.03
N ASP A 27 9.07 10.59 7.68
CA ASP A 27 7.92 11.03 8.44
C ASP A 27 6.89 9.90 8.50
N CYS A 28 5.79 10.19 9.19
CA CYS A 28 4.72 9.20 9.32
C CYS A 28 3.45 9.79 8.68
N HIS A 29 2.72 8.91 8.02
CA HIS A 29 1.48 9.32 7.36
C HIS A 29 0.41 8.26 7.58
N GLU A 30 -0.83 8.65 7.28
CA GLU A 30 -1.95 7.74 7.44
C GLU A 30 -2.71 7.61 6.12
N PHE A 31 -3.04 6.36 5.79
CA PHE A 31 -3.77 6.08 4.56
C PHE A 31 -5.06 5.31 4.85
N PHE A 32 -6.09 5.64 4.09
CA PHE A 32 -7.37 4.98 4.26
C PHE A 32 -7.84 4.36 2.95
N LEU A 33 -7.66 3.05 2.85
CA LEU A 33 -8.06 2.32 1.66
C LEU A 33 -8.75 1.03 2.06
N ALA A 34 -9.42 0.42 1.09
CA ALA A 34 -10.14 -0.82 1.34
C ALA A 34 -9.23 -1.78 2.10
N GLU A 35 -9.77 -2.35 3.17
CA GLU A 35 -9.02 -3.28 3.98
C GLU A 35 -8.75 -4.57 3.20
N ASN A 36 -9.57 -4.79 2.19
CA ASN A 36 -9.43 -5.99 1.36
C ASN A 36 -8.78 -5.59 0.03
N SER A 37 -8.03 -4.50 0.06
CA SER A 37 -7.37 -4.01 -1.12
C SER A 37 -5.98 -4.65 -1.24
N ASN A 38 -5.84 -5.49 -2.26
CA ASN A 38 -4.58 -6.18 -2.49
C ASN A 38 -3.43 -5.23 -2.17
N VAL A 39 -2.34 -5.82 -1.70
CA VAL A 39 -1.15 -5.05 -1.34
C VAL A 39 -0.85 -4.06 -2.46
N ARG A 40 -0.92 -4.56 -3.69
CA ARG A 40 -0.65 -3.74 -4.85
C ARG A 40 -1.39 -2.41 -4.74
N ARG A 41 -2.71 -2.50 -4.74
CA ARG A 41 -3.55 -1.31 -4.64
C ARG A 41 -3.00 -0.38 -3.57
N PHE A 42 -2.86 -0.91 -2.37
CA PHE A 42 -2.35 -0.14 -1.26
C PHE A 42 -1.07 0.60 -1.64
N LYS A 43 -0.26 -0.05 -2.46
CA LYS A 43 0.99 0.53 -2.90
C LYS A 43 0.70 1.68 -3.88
N LYS A 44 -0.25 1.42 -4.78
CA LYS A 44 -0.63 2.40 -5.78
C LYS A 44 -0.86 3.75 -5.08
N GLN A 45 -1.47 3.68 -3.91
CA GLN A 45 -1.75 4.88 -3.14
C GLN A 45 -0.44 5.58 -2.75
N ILE A 46 0.50 4.79 -2.26
CA ILE A 46 1.79 5.32 -1.86
C ILE A 46 2.50 5.90 -3.07
N SER A 47 2.64 5.06 -4.09
CA SER A 47 3.30 5.48 -5.32
C SER A 47 2.66 6.76 -5.85
N LYS A 48 1.38 6.90 -5.56
CA LYS A 48 0.64 8.08 -5.99
C LYS A 48 1.15 9.31 -5.25
N TYR A 49 0.92 9.31 -3.95
CA TYR A 49 1.35 10.41 -3.11
C TYR A 49 2.87 10.58 -3.17
N LEU A 50 3.57 9.48 -2.93
CA LEU A 50 5.02 9.49 -2.95
C LEU A 50 5.51 9.79 -4.37
N HIS A 51 4.57 9.71 -5.30
CA HIS A 51 4.89 9.96 -6.70
C HIS A 51 6.26 9.37 -7.04
N CYS A 52 6.41 8.09 -6.74
CA CYS A 52 7.66 7.40 -7.00
C CYS A 52 7.40 6.31 -8.04
N ASN A 53 7.23 5.10 -7.54
CA ASN A 53 6.97 3.97 -8.42
C ASN A 53 6.60 2.75 -7.58
N ALA A 54 5.47 2.15 -7.91
CA ALA A 54 5.01 0.97 -7.20
C ALA A 54 5.98 -0.18 -7.41
N ASP A 55 6.87 0.00 -8.38
CA ASP A 55 7.86 -1.00 -8.70
C ASP A 55 8.97 -0.98 -7.62
N ARG A 56 9.10 0.18 -6.99
CA ARG A 56 10.11 0.33 -5.95
C ARG A 56 9.43 0.47 -4.59
N LEU A 57 8.19 0.01 -4.52
CA LEU A 57 7.43 0.07 -3.29
C LEU A 57 7.26 -1.34 -2.74
N VAL A 58 7.59 -1.49 -1.46
CA VAL A 58 7.48 -2.78 -0.80
C VAL A 58 6.54 -2.65 0.40
N LEU A 59 5.66 -3.63 0.54
CA LEU A 59 4.72 -3.64 1.64
C LEU A 59 5.25 -4.52 2.76
N ILE A 60 5.32 -3.95 3.95
CA ILE A 60 5.81 -4.68 5.11
C ILE A 60 4.93 -4.34 6.32
N PHE A 61 4.14 -5.32 6.71
CA PHE A 61 3.25 -5.14 7.86
C PHE A 61 3.73 -5.95 9.06
N THR A 62 3.64 -5.33 10.23
CA THR A 62 4.08 -5.98 11.46
C THR A 62 5.50 -6.52 11.31
N GLY A 63 6.22 -5.96 10.33
CA GLY A 63 7.58 -6.38 10.08
C GLY A 63 7.63 -7.54 9.08
N LYS A 64 6.45 -8.06 8.78
CA LYS A 64 6.34 -9.17 7.85
C LYS A 64 5.96 -8.64 6.47
N ILE A 65 6.78 -8.97 5.49
CA ILE A 65 6.54 -8.52 4.12
C ILE A 65 5.27 -9.18 3.60
N LEU A 66 4.58 -8.46 2.73
CA LEU A 66 3.34 -8.94 2.14
C LEU A 66 3.57 -9.26 0.67
N ARG A 67 2.48 -9.31 -0.07
CA ARG A 67 2.54 -9.59 -1.49
C ARG A 67 1.36 -8.94 -2.22
N ASP A 68 1.66 -8.41 -3.40
CA ASP A 68 0.64 -7.76 -4.21
C ASP A 68 -0.61 -8.63 -4.24
N GLN A 69 -0.39 -9.91 -4.55
CA GLN A 69 -1.48 -10.86 -4.62
C GLN A 69 -2.13 -11.05 -3.24
N ASP A 70 -1.33 -10.79 -2.22
CA ASP A 70 -1.80 -10.93 -0.85
C ASP A 70 -2.55 -9.66 -0.45
N ILE A 71 -3.70 -9.86 0.18
CA ILE A 71 -4.53 -8.76 0.62
C ILE A 71 -4.07 -8.32 2.02
N LEU A 72 -4.51 -7.12 2.40
CA LEU A 72 -4.16 -6.57 3.69
C LEU A 72 -4.86 -7.39 4.78
N SER A 73 -6.17 -7.23 4.85
CA SER A 73 -6.97 -7.94 5.84
C SER A 73 -6.52 -9.41 5.90
N GLN A 74 -6.56 -10.06 4.75
CA GLN A 74 -6.17 -11.46 4.67
C GLN A 74 -4.85 -11.68 5.40
N ARG A 75 -3.89 -10.79 5.13
CA ARG A 75 -2.59 -10.88 5.75
C ARG A 75 -2.70 -10.65 7.26
N GLY A 76 -3.57 -9.72 7.62
CA GLY A 76 -3.78 -9.39 9.02
C GLY A 76 -4.08 -7.90 9.18
N ILE A 77 -3.50 -7.11 8.30
CA ILE A 77 -3.69 -5.66 8.34
C ILE A 77 -5.16 -5.37 8.66
N LEU A 78 -5.37 -4.77 9.83
CA LEU A 78 -6.72 -4.42 10.25
C LEU A 78 -6.79 -2.91 10.48
N ASP A 79 -7.88 -2.51 11.12
CA ASP A 79 -8.10 -1.10 11.41
C ASP A 79 -7.06 -0.63 12.44
N GLY A 80 -6.27 0.34 12.04
CA GLY A 80 -5.24 0.89 12.91
C GLY A 80 -3.99 0.00 12.90
N SER A 81 -3.47 -0.23 11.71
CA SER A 81 -2.29 -1.05 11.55
C SER A 81 -1.12 -0.20 11.07
N THR A 82 0.07 -0.58 11.52
CA THR A 82 1.28 0.14 11.14
C THR A 82 2.05 -0.63 10.07
N VAL A 83 2.07 -0.06 8.87
CA VAL A 83 2.76 -0.69 7.75
C VAL A 83 3.94 0.19 7.34
N HIS A 84 5.09 -0.45 7.21
CA HIS A 84 6.31 0.26 6.82
C HIS A 84 6.36 0.36 5.29
N VAL A 85 6.60 1.59 4.82
CA VAL A 85 6.70 1.84 3.40
C VAL A 85 8.17 1.93 3.00
N VAL A 86 8.43 1.54 1.76
CA VAL A 86 9.80 1.59 1.24
C VAL A 86 9.77 2.10 -0.21
N VAL A 87 10.82 2.80 -0.57
CA VAL A 87 10.92 3.36 -1.91
C VAL A 87 12.27 2.95 -2.51
N ARG A 88 12.44 1.65 -2.71
CA ARG A 88 13.66 1.12 -3.27
C ARG A 88 14.25 2.10 -4.29
N SER A 89 15.57 2.08 -4.39
CA SER A 89 16.26 2.97 -5.32
C SER A 89 17.73 2.56 -5.42
N HIS A 90 18.37 3.04 -6.49
CA HIS A 90 19.77 2.73 -6.71
C HIS A 90 20.64 3.62 -5.81
N SER A 91 21.83 3.12 -5.54
CA SER A 91 22.77 3.86 -4.69
C SER A 91 23.54 4.88 -5.53
N GLY A 92 23.72 6.05 -4.95
CA GLY A 92 24.43 7.13 -5.62
C GLY A 92 23.85 8.49 -5.26
N PRO A 93 24.51 9.16 -4.27
CA PRO A 93 24.07 10.47 -3.82
C PRO A 93 24.43 11.55 -4.84
N SER A 94 23.54 12.52 -4.97
CA SER A 94 23.76 13.62 -5.90
C SER A 94 24.02 13.06 -7.30
N SER A 95 22.94 12.84 -8.03
CA SER A 95 23.02 12.32 -9.38
C SER A 95 23.82 11.02 -9.38
N GLY A 96 23.13 9.93 -9.06
CA GLY A 96 23.76 8.62 -9.02
C GLY A 96 23.32 7.77 -10.21
N GLY A 1 -17.53 -15.17 -4.96
CA GLY A 1 -17.50 -16.57 -4.55
C GLY A 1 -17.50 -16.70 -3.04
N SER A 2 -18.70 -16.73 -2.46
CA SER A 2 -18.85 -16.85 -1.03
C SER A 2 -17.83 -15.94 -0.33
N SER A 3 -18.17 -14.66 -0.28
CA SER A 3 -17.30 -13.68 0.36
C SER A 3 -15.99 -13.54 -0.43
N GLY A 4 -15.96 -12.55 -1.30
CA GLY A 4 -14.79 -12.29 -2.12
C GLY A 4 -15.19 -11.98 -3.56
N SER A 5 -14.17 -11.75 -4.38
CA SER A 5 -14.40 -11.45 -5.79
C SER A 5 -13.06 -11.36 -6.53
N SER A 6 -13.13 -11.44 -7.84
CA SER A 6 -11.94 -11.38 -8.67
C SER A 6 -12.22 -10.55 -9.92
N GLY A 7 -11.15 -10.10 -10.55
CA GLY A 7 -11.27 -9.30 -11.75
C GLY A 7 -10.50 -7.98 -11.60
N VAL A 8 -10.30 -7.32 -12.73
CA VAL A 8 -9.59 -6.04 -12.75
C VAL A 8 -10.19 -5.13 -13.82
N SER A 9 -10.75 -4.02 -13.36
CA SER A 9 -11.36 -3.07 -14.28
C SER A 9 -11.75 -1.80 -13.51
N GLY A 10 -11.21 -0.68 -13.97
CA GLY A 10 -11.51 0.60 -13.34
C GLY A 10 -11.08 0.60 -11.87
N ARG A 11 -10.99 1.79 -11.32
CA ARG A 11 -10.59 1.94 -9.93
C ARG A 11 -11.50 2.95 -9.23
N GLU A 12 -11.88 2.61 -8.00
CA GLU A 12 -12.74 3.46 -7.21
C GLU A 12 -12.72 3.04 -5.74
N PRO A 13 -13.26 3.94 -4.88
CA PRO A 13 -13.30 3.67 -3.45
C PRO A 13 -14.39 2.64 -3.12
N SER A 14 -13.97 1.39 -3.05
CA SER A 14 -14.90 0.31 -2.74
C SER A 14 -14.45 -0.41 -1.47
N SER A 15 -15.32 -1.32 -1.00
CA SER A 15 -15.03 -2.08 0.20
C SER A 15 -14.82 -1.14 1.38
N ARG A 16 -14.94 -1.70 2.57
CA ARG A 16 -14.77 -0.93 3.79
C ARG A 16 -13.32 -0.44 3.92
N ILE A 17 -13.18 0.86 4.04
CA ILE A 17 -11.85 1.46 4.17
C ILE A 17 -11.38 1.32 5.62
N ILE A 18 -10.07 1.40 5.78
CA ILE A 18 -9.48 1.29 7.10
C ILE A 18 -8.32 2.29 7.23
N ARG A 19 -8.04 2.66 8.46
CA ARG A 19 -6.97 3.61 8.74
C ARG A 19 -5.65 2.86 8.99
N VAL A 20 -4.79 2.86 7.98
CA VAL A 20 -3.50 2.19 8.09
C VAL A 20 -2.41 3.24 8.25
N SER A 21 -1.60 3.06 9.29
CA SER A 21 -0.51 3.99 9.55
C SER A 21 0.71 3.61 8.72
N VAL A 22 1.02 4.46 7.75
CA VAL A 22 2.15 4.23 6.88
C VAL A 22 3.40 4.88 7.48
N LYS A 23 4.40 4.05 7.74
CA LYS A 23 5.65 4.53 8.33
C LYS A 23 6.69 4.66 7.21
N THR A 24 7.14 5.89 7.02
CA THR A 24 8.14 6.16 6.00
C THR A 24 9.47 6.55 6.66
N PRO A 25 10.57 6.35 5.87
CA PRO A 25 11.90 6.68 6.36
C PRO A 25 12.14 8.19 6.37
N GLN A 26 11.31 8.88 7.12
CA GLN A 26 11.40 10.32 7.22
C GLN A 26 10.29 10.88 8.12
N ASP A 27 9.06 10.52 7.75
CA ASP A 27 7.90 10.98 8.51
C ASP A 27 6.89 9.84 8.60
N CYS A 28 5.73 10.15 9.17
CA CYS A 28 4.67 9.17 9.34
C CYS A 28 3.41 9.72 8.68
N HIS A 29 2.70 8.83 7.99
CA HIS A 29 1.47 9.21 7.32
C HIS A 29 0.43 8.11 7.48
N GLU A 30 -0.83 8.50 7.36
CA GLU A 30 -1.92 7.55 7.49
C GLU A 30 -2.79 7.57 6.24
N PHE A 31 -2.97 6.39 5.66
CA PHE A 31 -3.78 6.26 4.46
C PHE A 31 -5.07 5.48 4.74
N PHE A 32 -6.09 5.77 3.95
CA PHE A 32 -7.37 5.10 4.11
C PHE A 32 -7.81 4.46 2.79
N LEU A 33 -7.63 3.15 2.72
CA LEU A 33 -8.00 2.40 1.53
C LEU A 33 -8.72 1.12 1.94
N ALA A 34 -9.39 0.51 0.98
CA ALA A 34 -10.11 -0.72 1.23
C ALA A 34 -9.27 -1.64 2.13
N GLU A 35 -9.95 -2.25 3.08
CA GLU A 35 -9.27 -3.15 4.01
C GLU A 35 -8.91 -4.46 3.32
N ASN A 36 -9.71 -4.81 2.33
CA ASN A 36 -9.50 -6.04 1.58
C ASN A 36 -8.70 -5.71 0.31
N SER A 37 -8.54 -4.42 0.05
CA SER A 37 -7.81 -3.97 -1.11
C SER A 37 -6.43 -4.62 -1.15
N ASN A 38 -6.19 -5.38 -2.22
CA ASN A 38 -4.93 -6.07 -2.38
C ASN A 38 -3.78 -5.11 -2.05
N VAL A 39 -2.66 -5.68 -1.68
CA VAL A 39 -1.49 -4.90 -1.32
C VAL A 39 -1.16 -3.94 -2.47
N ARG A 40 -1.06 -4.51 -3.67
CA ARG A 40 -0.76 -3.72 -4.85
C ARG A 40 -1.47 -2.37 -4.78
N ARG A 41 -2.79 -2.43 -4.70
CA ARG A 41 -3.59 -1.22 -4.64
C ARG A 41 -3.03 -0.27 -3.59
N PHE A 42 -2.86 -0.79 -2.38
CA PHE A 42 -2.33 0.01 -1.29
C PHE A 42 -1.04 0.73 -1.72
N LYS A 43 -0.20 -0.01 -2.42
CA LYS A 43 1.07 0.54 -2.89
C LYS A 43 0.79 1.75 -3.78
N LYS A 44 -0.12 1.55 -4.73
CA LYS A 44 -0.48 2.62 -5.65
C LYS A 44 -0.79 3.89 -4.86
N GLN A 45 -1.65 3.73 -3.86
CA GLN A 45 -2.04 4.86 -3.03
C GLN A 45 -0.80 5.54 -2.46
N ILE A 46 0.22 4.74 -2.19
CA ILE A 46 1.46 5.25 -1.64
C ILE A 46 2.24 5.97 -2.74
N SER A 47 2.24 5.36 -3.91
CA SER A 47 2.94 5.93 -5.05
C SER A 47 2.30 7.26 -5.45
N LYS A 48 1.03 7.40 -5.07
CA LYS A 48 0.29 8.60 -5.39
C LYS A 48 0.77 9.74 -4.49
N TYR A 49 0.50 9.60 -3.21
CA TYR A 49 0.91 10.60 -2.24
C TYR A 49 2.41 10.87 -2.32
N LEU A 50 3.18 9.91 -1.81
CA LEU A 50 4.62 10.04 -1.82
C LEU A 50 5.08 10.55 -3.19
N HIS A 51 4.50 9.96 -4.22
CA HIS A 51 4.83 10.34 -5.59
C HIS A 51 6.02 9.51 -6.07
N CYS A 52 6.14 8.31 -5.50
CA CYS A 52 7.22 7.42 -5.86
C CYS A 52 6.69 6.41 -6.88
N ASN A 53 7.46 5.35 -7.09
CA ASN A 53 7.08 4.32 -8.04
C ASN A 53 6.67 3.06 -7.26
N ALA A 54 5.39 2.73 -7.39
CA ALA A 54 4.85 1.56 -6.71
C ALA A 54 5.75 0.36 -7.01
N ASP A 55 6.17 0.26 -8.25
CA ASP A 55 7.04 -0.84 -8.66
C ASP A 55 8.26 -0.88 -7.75
N ARG A 56 8.60 0.27 -7.20
CA ARG A 56 9.74 0.36 -6.31
C ARG A 56 9.27 0.44 -4.85
N LEU A 57 8.01 0.11 -4.65
CA LEU A 57 7.43 0.14 -3.33
C LEU A 57 7.26 -1.29 -2.81
N VAL A 58 7.46 -1.45 -1.51
CA VAL A 58 7.35 -2.76 -0.90
C VAL A 58 6.45 -2.65 0.34
N LEU A 59 5.63 -3.67 0.53
CA LEU A 59 4.71 -3.70 1.66
C LEU A 59 5.34 -4.55 2.78
N ILE A 60 5.39 -3.95 3.96
CA ILE A 60 5.95 -4.62 5.12
C ILE A 60 5.06 -4.35 6.33
N PHE A 61 4.35 -5.38 6.75
CA PHE A 61 3.47 -5.27 7.91
C PHE A 61 4.02 -6.06 9.10
N THR A 62 4.47 -5.32 10.10
CA THR A 62 5.02 -5.93 11.30
C THR A 62 6.47 -6.35 11.06
N GLY A 63 6.93 -6.11 9.84
CA GLY A 63 8.30 -6.46 9.48
C GLY A 63 8.32 -7.53 8.39
N LYS A 64 7.21 -8.23 8.27
CA LYS A 64 7.09 -9.28 7.27
C LYS A 64 6.56 -8.69 5.96
N ILE A 65 7.33 -8.92 4.90
CA ILE A 65 6.96 -8.42 3.59
C ILE A 65 5.75 -9.19 3.06
N LEU A 66 4.82 -8.46 2.48
CA LEU A 66 3.62 -9.06 1.93
C LEU A 66 3.72 -9.11 0.41
N ARG A 67 2.66 -9.62 -0.20
CA ARG A 67 2.61 -9.72 -1.66
C ARG A 67 1.43 -8.94 -2.21
N ASP A 68 1.51 -8.63 -3.49
CA ASP A 68 0.45 -7.88 -4.15
C ASP A 68 -0.82 -8.72 -4.19
N GLN A 69 -0.63 -9.98 -4.59
CA GLN A 69 -1.76 -10.90 -4.67
C GLN A 69 -2.32 -11.18 -3.27
N ASP A 70 -1.58 -10.73 -2.27
CA ASP A 70 -2.00 -10.92 -0.89
C ASP A 70 -2.79 -9.70 -0.42
N ILE A 71 -3.90 -9.97 0.25
CA ILE A 71 -4.75 -8.91 0.75
C ILE A 71 -4.23 -8.45 2.12
N LEU A 72 -4.72 -7.28 2.53
CA LEU A 72 -4.31 -6.73 3.81
C LEU A 72 -4.85 -7.60 4.94
N SER A 73 -6.16 -7.54 5.11
CA SER A 73 -6.82 -8.32 6.14
C SER A 73 -6.30 -9.75 6.14
N GLN A 74 -6.42 -10.38 4.98
CA GLN A 74 -5.97 -11.76 4.82
C GLN A 74 -4.57 -11.92 5.42
N ARG A 75 -3.77 -10.88 5.28
CA ARG A 75 -2.42 -10.90 5.80
C ARG A 75 -2.42 -10.58 7.29
N GLY A 76 -3.42 -9.82 7.70
CA GLY A 76 -3.55 -9.43 9.10
C GLY A 76 -3.88 -7.95 9.23
N ILE A 77 -3.29 -7.16 8.34
CA ILE A 77 -3.50 -5.72 8.35
C ILE A 77 -4.99 -5.44 8.62
N LEU A 78 -5.24 -4.86 9.78
CA LEU A 78 -6.60 -4.53 10.18
C LEU A 78 -6.71 -3.02 10.39
N ASP A 79 -7.83 -2.63 10.99
CA ASP A 79 -8.08 -1.22 11.25
C ASP A 79 -7.10 -0.73 12.33
N GLY A 80 -6.37 0.32 11.98
CA GLY A 80 -5.42 0.89 12.92
C GLY A 80 -4.14 0.05 12.97
N SER A 81 -3.60 -0.24 11.79
CA SER A 81 -2.38 -1.03 11.69
C SER A 81 -1.23 -0.17 11.18
N THR A 82 -0.02 -0.62 11.46
CA THR A 82 1.16 0.09 11.03
C THR A 82 1.92 -0.71 9.98
N VAL A 83 2.11 -0.09 8.83
CA VAL A 83 2.82 -0.73 7.73
C VAL A 83 4.00 0.13 7.30
N HIS A 84 5.16 -0.50 7.22
CA HIS A 84 6.37 0.20 6.83
C HIS A 84 6.42 0.32 5.30
N VAL A 85 6.68 1.54 4.84
CA VAL A 85 6.76 1.79 3.42
C VAL A 85 8.23 1.89 3.00
N VAL A 86 8.48 1.51 1.76
CA VAL A 86 9.84 1.55 1.23
C VAL A 86 9.80 1.99 -0.23
N VAL A 87 10.90 2.59 -0.68
CA VAL A 87 11.00 3.06 -2.06
C VAL A 87 12.30 2.55 -2.66
N ARG A 88 12.37 1.24 -2.84
CA ARG A 88 13.55 0.62 -3.42
C ARG A 88 14.09 1.47 -4.57
N SER A 89 15.36 1.26 -4.87
CA SER A 89 16.01 2.00 -5.94
C SER A 89 16.30 1.07 -7.12
N HIS A 90 16.70 1.67 -8.22
CA HIS A 90 17.02 0.91 -9.42
C HIS A 90 18.18 1.57 -10.16
N SER A 91 19.37 1.02 -9.92
CA SER A 91 20.57 1.55 -10.55
C SER A 91 20.77 0.90 -11.92
N GLY A 92 20.19 1.53 -12.93
CA GLY A 92 20.30 1.03 -14.29
C GLY A 92 19.80 2.06 -15.30
N PRO A 93 20.77 2.84 -15.85
CA PRO A 93 20.44 3.86 -16.83
C PRO A 93 20.11 3.24 -18.19
N SER A 94 19.51 4.05 -19.05
CA SER A 94 19.13 3.60 -20.38
C SER A 94 18.26 2.35 -20.28
N SER A 95 16.96 2.58 -20.32
CA SER A 95 16.00 1.49 -20.23
C SER A 95 14.92 1.66 -21.30
N GLY A 96 15.16 1.04 -22.44
CA GLY A 96 14.21 1.12 -23.55
C GLY A 96 14.17 2.53 -24.13
N GLY A 1 2.97 -18.39 -12.56
CA GLY A 1 3.17 -17.03 -12.09
C GLY A 1 2.24 -16.05 -12.79
N SER A 2 0.95 -16.21 -12.52
CA SER A 2 -0.06 -15.36 -13.13
C SER A 2 -0.58 -14.35 -12.09
N SER A 3 -0.01 -13.16 -12.12
CA SER A 3 -0.41 -12.12 -11.19
C SER A 3 -0.37 -10.75 -11.90
N GLY A 4 0.81 -10.41 -12.39
CA GLY A 4 0.99 -9.15 -13.08
C GLY A 4 0.19 -9.12 -14.38
N SER A 5 -0.40 -7.96 -14.65
CA SER A 5 -1.19 -7.78 -15.85
C SER A 5 -0.90 -6.42 -16.48
N SER A 6 -1.05 -6.36 -17.79
CA SER A 6 -0.80 -5.12 -18.53
C SER A 6 -2.11 -4.35 -18.69
N GLY A 7 -2.01 -3.04 -18.54
CA GLY A 7 -3.18 -2.19 -18.67
C GLY A 7 -4.16 -2.38 -17.50
N VAL A 8 -3.69 -2.03 -16.32
CA VAL A 8 -4.50 -2.16 -15.12
C VAL A 8 -4.33 -0.92 -14.26
N SER A 9 -5.38 -0.12 -14.22
CA SER A 9 -5.37 1.10 -13.43
C SER A 9 -6.80 1.56 -13.13
N GLY A 10 -6.93 2.38 -12.11
CA GLY A 10 -8.23 2.90 -11.72
C GLY A 10 -8.51 2.59 -10.24
N ARG A 11 -9.33 3.45 -9.64
CA ARG A 11 -9.69 3.28 -8.24
C ARG A 11 -11.19 3.54 -8.06
N GLU A 12 -11.67 3.16 -6.87
CA GLU A 12 -13.08 3.35 -6.55
C GLU A 12 -13.32 3.03 -5.07
N PRO A 13 -14.36 3.71 -4.50
CA PRO A 13 -14.71 3.50 -3.11
C PRO A 13 -15.43 2.17 -2.91
N SER A 14 -14.64 1.11 -2.88
CA SER A 14 -15.18 -0.22 -2.69
C SER A 14 -14.69 -0.81 -1.37
N SER A 15 -15.52 -1.69 -0.82
CA SER A 15 -15.19 -2.33 0.45
C SER A 15 -14.94 -1.27 1.53
N ARG A 16 -15.05 -1.70 2.78
CA ARG A 16 -14.84 -0.81 3.90
C ARG A 16 -13.39 -0.33 3.94
N ILE A 17 -13.22 0.93 4.30
CA ILE A 17 -11.88 1.51 4.38
C ILE A 17 -11.34 1.33 5.81
N ILE A 18 -10.02 1.39 5.91
CA ILE A 18 -9.37 1.23 7.20
C ILE A 18 -8.21 2.23 7.30
N ARG A 19 -7.90 2.59 8.54
CA ARG A 19 -6.81 3.53 8.79
C ARG A 19 -5.50 2.78 9.01
N VAL A 20 -4.66 2.76 7.98
CA VAL A 20 -3.38 2.09 8.06
C VAL A 20 -2.26 3.13 8.20
N SER A 21 -1.55 3.04 9.31
CA SER A 21 -0.46 3.97 9.57
C SER A 21 0.75 3.60 8.73
N VAL A 22 1.04 4.46 7.75
CA VAL A 22 2.17 4.23 6.87
C VAL A 22 3.42 4.89 7.46
N LYS A 23 4.41 4.06 7.71
CA LYS A 23 5.67 4.55 8.28
C LYS A 23 6.70 4.70 7.17
N THR A 24 7.13 5.94 6.98
CA THR A 24 8.12 6.24 5.95
C THR A 24 9.44 6.67 6.58
N PRO A 25 10.54 6.52 5.80
CA PRO A 25 11.86 6.89 6.27
C PRO A 25 12.03 8.41 6.28
N GLN A 26 11.17 9.07 7.05
CA GLN A 26 11.23 10.51 7.16
C GLN A 26 10.13 11.01 8.10
N ASP A 27 8.90 10.66 7.76
CA ASP A 27 7.75 11.06 8.57
C ASP A 27 6.75 9.90 8.63
N CYS A 28 5.62 10.17 9.26
CA CYS A 28 4.58 9.18 9.41
C CYS A 28 3.28 9.73 8.82
N HIS A 29 2.58 8.88 8.09
CA HIS A 29 1.33 9.29 7.47
C HIS A 29 0.27 8.21 7.72
N GLU A 30 -0.98 8.59 7.48
CA GLU A 30 -2.10 7.68 7.68
C GLU A 30 -2.96 7.61 6.41
N PHE A 31 -2.95 6.44 5.80
CA PHE A 31 -3.73 6.24 4.58
C PHE A 31 -5.03 5.49 4.89
N PHE A 32 -6.03 5.76 4.07
CA PHE A 32 -7.34 5.12 4.24
C PHE A 32 -7.81 4.49 2.92
N LEU A 33 -7.64 3.18 2.85
CA LEU A 33 -8.05 2.45 1.66
C LEU A 33 -8.79 1.18 2.08
N ALA A 34 -9.47 0.57 1.11
CA ALA A 34 -10.22 -0.65 1.36
C ALA A 34 -9.37 -1.59 2.23
N GLU A 35 -10.04 -2.24 3.17
CA GLU A 35 -9.37 -3.17 4.05
C GLU A 35 -9.10 -4.49 3.34
N ASN A 36 -9.71 -4.64 2.18
CA ASN A 36 -9.53 -5.84 1.39
C ASN A 36 -8.75 -5.50 0.12
N SER A 37 -8.40 -4.23 0.00
CA SER A 37 -7.65 -3.77 -1.15
C SER A 37 -6.28 -4.46 -1.20
N ASN A 38 -6.12 -5.31 -2.20
CA ASN A 38 -4.88 -6.04 -2.38
C ASN A 38 -3.70 -5.11 -2.04
N VAL A 39 -2.60 -5.74 -1.66
CA VAL A 39 -1.40 -4.98 -1.31
C VAL A 39 -1.04 -4.04 -2.47
N ARG A 40 -0.97 -4.62 -3.66
CA ARG A 40 -0.64 -3.84 -4.85
C ARG A 40 -1.32 -2.48 -4.79
N ARG A 41 -2.64 -2.51 -4.70
CA ARG A 41 -3.42 -1.29 -4.64
C ARG A 41 -2.87 -0.36 -3.56
N PHE A 42 -2.76 -0.90 -2.36
CA PHE A 42 -2.24 -0.13 -1.23
C PHE A 42 -0.92 0.56 -1.60
N LYS A 43 -0.16 -0.12 -2.44
CA LYS A 43 1.13 0.41 -2.87
C LYS A 43 0.89 1.57 -3.85
N LYS A 44 -0.03 1.35 -4.77
CA LYS A 44 -0.36 2.36 -5.75
C LYS A 44 -0.65 3.69 -5.04
N GLN A 45 -1.51 3.61 -4.04
CA GLN A 45 -1.88 4.79 -3.28
C GLN A 45 -0.62 5.55 -2.83
N ILE A 46 0.35 4.79 -2.36
CA ILE A 46 1.60 5.36 -1.89
C ILE A 46 2.32 6.02 -3.08
N SER A 47 2.52 5.23 -4.12
CA SER A 47 3.19 5.72 -5.31
C SER A 47 2.61 7.07 -5.73
N LYS A 48 1.31 7.21 -5.50
CA LYS A 48 0.62 8.44 -5.83
C LYS A 48 1.18 9.59 -5.00
N TYR A 49 0.90 9.52 -3.70
CA TYR A 49 1.37 10.54 -2.77
C TYR A 49 2.90 10.62 -2.78
N LEU A 50 3.52 9.56 -2.29
CA LEU A 50 4.97 9.49 -2.24
C LEU A 50 5.55 10.00 -3.56
N HIS A 51 4.76 9.83 -4.61
CA HIS A 51 5.18 10.27 -5.93
C HIS A 51 6.38 9.43 -6.38
N CYS A 52 6.23 8.12 -6.27
CA CYS A 52 7.28 7.20 -6.66
C CYS A 52 6.67 6.10 -7.53
N ASN A 53 7.48 5.08 -7.80
CA ASN A 53 7.03 3.97 -8.62
C ASN A 53 6.63 2.81 -7.70
N ALA A 54 5.49 2.20 -8.04
CA ALA A 54 4.99 1.08 -7.26
C ALA A 54 5.90 -0.12 -7.45
N ASP A 55 6.72 -0.04 -8.50
CA ASP A 55 7.65 -1.11 -8.80
C ASP A 55 8.81 -1.07 -7.81
N ARG A 56 8.92 0.05 -7.12
CA ARG A 56 9.98 0.22 -6.13
C ARG A 56 9.39 0.29 -4.73
N LEU A 57 8.07 0.10 -4.66
CA LEU A 57 7.37 0.13 -3.39
C LEU A 57 7.21 -1.29 -2.86
N VAL A 58 7.42 -1.43 -1.56
CA VAL A 58 7.30 -2.74 -0.92
C VAL A 58 6.42 -2.61 0.31
N LEU A 59 5.58 -3.63 0.51
CA LEU A 59 4.68 -3.65 1.64
C LEU A 59 5.29 -4.48 2.77
N ILE A 60 5.31 -3.89 3.95
CA ILE A 60 5.86 -4.57 5.11
C ILE A 60 4.96 -4.32 6.32
N PHE A 61 4.24 -5.36 6.71
CA PHE A 61 3.33 -5.26 7.84
C PHE A 61 3.84 -6.11 9.01
N THR A 62 4.29 -5.40 10.05
CA THR A 62 4.80 -6.08 11.24
C THR A 62 6.28 -6.43 11.06
N GLY A 63 6.63 -6.73 9.82
CA GLY A 63 8.01 -7.09 9.49
C GLY A 63 8.05 -8.05 8.31
N LYS A 64 6.92 -8.68 8.05
CA LYS A 64 6.82 -9.63 6.95
C LYS A 64 6.45 -8.87 5.67
N ILE A 65 7.37 -8.94 4.70
CA ILE A 65 7.16 -8.27 3.43
C ILE A 65 6.03 -8.99 2.66
N LEU A 66 5.07 -8.20 2.22
CA LEU A 66 3.94 -8.73 1.47
C LEU A 66 4.35 -8.94 0.02
N ARG A 67 3.37 -8.81 -0.86
CA ARG A 67 3.61 -8.99 -2.28
C ARG A 67 2.83 -7.95 -3.09
N ASP A 68 1.63 -8.34 -3.50
CA ASP A 68 0.78 -7.44 -4.27
C ASP A 68 -0.59 -8.09 -4.45
N GLN A 69 -0.57 -9.38 -4.74
CA GLN A 69 -1.80 -10.13 -4.93
C GLN A 69 -2.35 -10.60 -3.59
N ASP A 70 -1.76 -10.09 -2.52
CA ASP A 70 -2.17 -10.45 -1.18
C ASP A 70 -3.11 -9.37 -0.63
N ILE A 71 -4.12 -9.82 0.09
CA ILE A 71 -5.08 -8.89 0.68
C ILE A 71 -4.60 -8.49 2.07
N LEU A 72 -4.78 -7.20 2.37
CA LEU A 72 -4.37 -6.67 3.66
C LEU A 72 -4.98 -7.53 4.78
N SER A 73 -6.28 -7.42 4.93
CA SER A 73 -6.98 -8.18 5.95
C SER A 73 -6.45 -9.61 5.99
N GLN A 74 -6.34 -10.20 4.82
CA GLN A 74 -5.84 -11.56 4.70
C GLN A 74 -4.54 -11.72 5.50
N ARG A 75 -3.58 -10.88 5.16
CA ARG A 75 -2.28 -10.92 5.82
C ARG A 75 -2.45 -10.65 7.32
N GLY A 76 -3.36 -9.74 7.62
CA GLY A 76 -3.62 -9.38 9.01
C GLY A 76 -3.86 -7.88 9.15
N ILE A 77 -3.35 -7.14 8.18
CA ILE A 77 -3.49 -5.69 8.20
C ILE A 77 -4.95 -5.34 8.47
N LEU A 78 -5.19 -4.87 9.69
CA LEU A 78 -6.53 -4.49 10.10
C LEU A 78 -6.62 -2.97 10.22
N ASP A 79 -7.63 -2.51 10.94
CA ASP A 79 -7.83 -1.09 11.13
C ASP A 79 -6.90 -0.60 12.24
N GLY A 80 -6.30 0.56 12.00
CA GLY A 80 -5.39 1.15 12.96
C GLY A 80 -4.08 0.35 13.04
N SER A 81 -3.70 -0.19 11.90
CA SER A 81 -2.48 -0.98 11.84
C SER A 81 -1.33 -0.14 11.29
N THR A 82 -0.12 -0.62 11.49
CA THR A 82 1.07 0.08 11.03
C THR A 82 1.77 -0.72 9.93
N VAL A 83 2.07 -0.05 8.84
CA VAL A 83 2.74 -0.68 7.73
C VAL A 83 3.93 0.19 7.28
N HIS A 84 5.08 -0.45 7.17
CA HIS A 84 6.28 0.25 6.76
C HIS A 84 6.32 0.35 5.24
N VAL A 85 6.63 1.56 4.77
CA VAL A 85 6.71 1.80 3.33
C VAL A 85 8.17 1.85 2.91
N VAL A 86 8.40 1.53 1.64
CA VAL A 86 9.74 1.52 1.09
C VAL A 86 9.70 2.03 -0.35
N VAL A 87 10.83 2.57 -0.79
CA VAL A 87 10.93 3.08 -2.14
C VAL A 87 12.35 2.84 -2.67
N ARG A 88 12.74 1.57 -2.66
CA ARG A 88 14.05 1.19 -3.14
C ARG A 88 14.34 1.83 -4.50
N SER A 89 15.54 1.60 -4.99
CA SER A 89 15.95 2.16 -6.27
C SER A 89 17.28 1.54 -6.71
N HIS A 90 17.66 1.85 -7.93
CA HIS A 90 18.92 1.33 -8.49
C HIS A 90 19.53 2.37 -9.43
N SER A 91 20.29 3.27 -8.85
CA SER A 91 20.95 4.32 -9.63
C SER A 91 19.89 5.12 -10.40
N GLY A 92 19.46 6.21 -9.79
CA GLY A 92 18.45 7.07 -10.39
C GLY A 92 17.23 7.22 -9.49
N PRO A 93 16.76 8.49 -9.37
CA PRO A 93 15.61 8.78 -8.53
C PRO A 93 14.32 8.34 -9.21
N SER A 94 13.90 7.13 -8.87
CA SER A 94 12.68 6.57 -9.44
C SER A 94 12.77 6.57 -10.97
N SER A 95 12.93 5.36 -11.51
CA SER A 95 13.03 5.21 -12.95
C SER A 95 14.21 6.01 -13.49
N GLY A 96 15.38 5.38 -13.46
CA GLY A 96 16.59 6.02 -13.94
C GLY A 96 17.50 5.03 -14.68
#